data_2HLJ
# 
_entry.id   2HLJ 
# 
_audit_conform.dict_name       mmcif_pdbx.dic 
_audit_conform.dict_version    5.398 
_audit_conform.dict_location   http://mmcif.pdb.org/dictionaries/ascii/mmcif_pdbx.dic 
# 
loop_
_database_2.database_id 
_database_2.database_code 
_database_2.pdbx_database_accession 
_database_2.pdbx_DOI 
PDB   2HLJ         pdb_00002hlj 10.2210/pdb2hlj/pdb 
RCSB  RCSB038484   ?            ?                   
WWPDB D_1000038484 ?            ?                   
# 
loop_
_pdbx_audit_revision_history.ordinal 
_pdbx_audit_revision_history.data_content_type 
_pdbx_audit_revision_history.major_revision 
_pdbx_audit_revision_history.minor_revision 
_pdbx_audit_revision_history.revision_date 
1 'Structure model' 1 0 2006-08-15 
2 'Structure model' 1 1 2008-05-01 
3 'Structure model' 1 2 2011-07-13 
4 'Structure model' 1 3 2017-10-18 
5 'Structure model' 1 4 2023-01-25 
6 'Structure model' 1 5 2024-10-30 
# 
_pdbx_audit_revision_details.ordinal             1 
_pdbx_audit_revision_details.revision_ordinal    1 
_pdbx_audit_revision_details.data_content_type   'Structure model' 
_pdbx_audit_revision_details.provider            repository 
_pdbx_audit_revision_details.type                'Initial release' 
_pdbx_audit_revision_details.description         ? 
_pdbx_audit_revision_details.details             ? 
# 
loop_
_pdbx_audit_revision_group.ordinal 
_pdbx_audit_revision_group.revision_ordinal 
_pdbx_audit_revision_group.data_content_type 
_pdbx_audit_revision_group.group 
1  2 'Structure model' 'Version format compliance' 
2  3 'Structure model' Advisory                    
3  3 'Structure model' 'Derived calculations'      
4  3 'Structure model' 'Source and taxonomy'       
5  3 'Structure model' 'Version format compliance' 
6  4 'Structure model' 'Refinement description'    
7  5 'Structure model' 'Database references'       
8  5 'Structure model' 'Derived calculations'      
9  6 'Structure model' 'Data collection'           
10 6 'Structure model' 'Structure summary'         
# 
loop_
_pdbx_audit_revision_category.ordinal 
_pdbx_audit_revision_category.revision_ordinal 
_pdbx_audit_revision_category.data_content_type 
_pdbx_audit_revision_category.category 
1 4 'Structure model' software                  
2 5 'Structure model' database_2                
3 5 'Structure model' struct_conn               
4 5 'Structure model' struct_ref_seq_dif        
5 5 'Structure model' struct_site               
6 6 'Structure model' chem_comp_atom            
7 6 'Structure model' chem_comp_bond            
8 6 'Structure model' pdbx_entry_details        
9 6 'Structure model' pdbx_modification_feature 
# 
loop_
_pdbx_audit_revision_item.ordinal 
_pdbx_audit_revision_item.revision_ordinal 
_pdbx_audit_revision_item.data_content_type 
_pdbx_audit_revision_item.item 
1 4 'Structure model' '_software.classification'            
2 4 'Structure model' '_software.name'                      
3 5 'Structure model' '_database_2.pdbx_DOI'                
4 5 'Structure model' '_database_2.pdbx_database_accession' 
5 5 'Structure model' '_struct_conn.pdbx_leaving_atom_flag' 
6 5 'Structure model' '_struct_ref_seq_dif.details'         
7 5 'Structure model' '_struct_site.pdbx_auth_asym_id'      
8 5 'Structure model' '_struct_site.pdbx_auth_comp_id'      
9 5 'Structure model' '_struct_site.pdbx_auth_seq_id'       
# 
_pdbx_database_status.SG_entry                        Y 
_pdbx_database_status.entry_id                        2HLJ 
_pdbx_database_status.deposit_site                    RCSB 
_pdbx_database_status.process_site                    RCSB 
_pdbx_database_status.recvd_initial_deposition_date   2006-07-07 
_pdbx_database_status.status_code                     REL 
_pdbx_database_status.status_code_sf                  REL 
_pdbx_database_status.status_code_mr                  ? 
_pdbx_database_status.pdb_format_compatible           Y 
_pdbx_database_status.status_code_cs                  ? 
_pdbx_database_status.methods_development_category    ? 
_pdbx_database_status.status_code_nmr_data            ? 
# 
_pdbx_database_related.db_name        TargetDB 
_pdbx_database_related.db_id          366984 
_pdbx_database_related.details        . 
_pdbx_database_related.content_type   unspecified 
# 
_audit_author.name           'Joint Center for Structural Genomics (JCSG)' 
_audit_author.pdbx_ordinal   1 
# 
_citation.id                        primary 
_citation.title                     
'Crystal structure of hypothetical protein (NP_742468.1) from Pseudomonas putida KT2440 at 2.00 A resolution' 
_citation.journal_abbrev            'To be published' 
_citation.journal_volume            ? 
_citation.page_first                ? 
_citation.page_last                 ? 
_citation.year                      ? 
_citation.journal_id_ASTM           ? 
_citation.country                   ? 
_citation.journal_id_ISSN           ? 
_citation.journal_id_CSD            0353 
_citation.book_publisher            ? 
_citation.pdbx_database_id_PubMed   ? 
_citation.pdbx_database_id_DOI      ? 
# 
_citation_author.citation_id        primary 
_citation_author.name               'Joint Center for Structural Genomics (JCSG)' 
_citation_author.ordinal            1 
_citation_author.identifier_ORCID   ? 
# 
loop_
_entity.id 
_entity.type 
_entity.src_method 
_entity.pdbx_description 
_entity.formula_weight 
_entity.pdbx_number_of_molecules 
_entity.pdbx_ec 
_entity.pdbx_mutation 
_entity.pdbx_fragment 
_entity.details 
1 polymer     man 'Hypothetical protein' 17917.578 1   ? ? ? ? 
2 non-polymer syn GLYCEROL               92.094    1   ? ? ? ? 
3 water       nat water                  18.015    170 ? ? ? ? 
# 
_entity_poly.entity_id                      1 
_entity_poly.type                           'polypeptide(L)' 
_entity_poly.nstd_linkage                   no 
_entity_poly.nstd_monomer                   yes 
_entity_poly.pdbx_seq_one_letter_code       
;G(MSE)PALITYRTTVQEDWVDYNGHLRDAFYLLIFSYATDAL(MSE)DRIGLDADSRGQSGNSLFTLEAHINYLHEVKL
GTEVWVQTQILGFDRKRLHVYHSLHRAGFDEVLAASEQ(MSE)LLHVDLAGPQSAPFGHTTVCRLNHLVEQQEGAQAPQY
(MSE)GRTIKLPA
;
_entity_poly.pdbx_seq_one_letter_code_can   
;GMPALITYRTTVQEDWVDYNGHLRDAFYLLIFSYATDALMDRIGLDADSRGQSGNSLFTLEAHINYLHEVKLGTEVWVQT
QILGFDRKRLHVYHSLHRAGFDEVLAASEQMLLHVDLAGPQSAPFGHTTVCRLNHLVEQQEGAQAPQYMGRTIKLPA
;
_entity_poly.pdbx_strand_id                 A 
_entity_poly.pdbx_target_identifier         366984 
# 
loop_
_pdbx_entity_nonpoly.entity_id 
_pdbx_entity_nonpoly.name 
_pdbx_entity_nonpoly.comp_id 
2 GLYCEROL GOL 
3 water    HOH 
# 
loop_
_entity_poly_seq.entity_id 
_entity_poly_seq.num 
_entity_poly_seq.mon_id 
_entity_poly_seq.hetero 
1 1   GLY n 
1 2   MSE n 
1 3   PRO n 
1 4   ALA n 
1 5   LEU n 
1 6   ILE n 
1 7   THR n 
1 8   TYR n 
1 9   ARG n 
1 10  THR n 
1 11  THR n 
1 12  VAL n 
1 13  GLN n 
1 14  GLU n 
1 15  ASP n 
1 16  TRP n 
1 17  VAL n 
1 18  ASP n 
1 19  TYR n 
1 20  ASN n 
1 21  GLY n 
1 22  HIS n 
1 23  LEU n 
1 24  ARG n 
1 25  ASP n 
1 26  ALA n 
1 27  PHE n 
1 28  TYR n 
1 29  LEU n 
1 30  LEU n 
1 31  ILE n 
1 32  PHE n 
1 33  SER n 
1 34  TYR n 
1 35  ALA n 
1 36  THR n 
1 37  ASP n 
1 38  ALA n 
1 39  LEU n 
1 40  MSE n 
1 41  ASP n 
1 42  ARG n 
1 43  ILE n 
1 44  GLY n 
1 45  LEU n 
1 46  ASP n 
1 47  ALA n 
1 48  ASP n 
1 49  SER n 
1 50  ARG n 
1 51  GLY n 
1 52  GLN n 
1 53  SER n 
1 54  GLY n 
1 55  ASN n 
1 56  SER n 
1 57  LEU n 
1 58  PHE n 
1 59  THR n 
1 60  LEU n 
1 61  GLU n 
1 62  ALA n 
1 63  HIS n 
1 64  ILE n 
1 65  ASN n 
1 66  TYR n 
1 67  LEU n 
1 68  HIS n 
1 69  GLU n 
1 70  VAL n 
1 71  LYS n 
1 72  LEU n 
1 73  GLY n 
1 74  THR n 
1 75  GLU n 
1 76  VAL n 
1 77  TRP n 
1 78  VAL n 
1 79  GLN n 
1 80  THR n 
1 81  GLN n 
1 82  ILE n 
1 83  LEU n 
1 84  GLY n 
1 85  PHE n 
1 86  ASP n 
1 87  ARG n 
1 88  LYS n 
1 89  ARG n 
1 90  LEU n 
1 91  HIS n 
1 92  VAL n 
1 93  TYR n 
1 94  HIS n 
1 95  SER n 
1 96  LEU n 
1 97  HIS n 
1 98  ARG n 
1 99  ALA n 
1 100 GLY n 
1 101 PHE n 
1 102 ASP n 
1 103 GLU n 
1 104 VAL n 
1 105 LEU n 
1 106 ALA n 
1 107 ALA n 
1 108 SER n 
1 109 GLU n 
1 110 GLN n 
1 111 MSE n 
1 112 LEU n 
1 113 LEU n 
1 114 HIS n 
1 115 VAL n 
1 116 ASP n 
1 117 LEU n 
1 118 ALA n 
1 119 GLY n 
1 120 PRO n 
1 121 GLN n 
1 122 SER n 
1 123 ALA n 
1 124 PRO n 
1 125 PHE n 
1 126 GLY n 
1 127 HIS n 
1 128 THR n 
1 129 THR n 
1 130 VAL n 
1 131 CYS n 
1 132 ARG n 
1 133 LEU n 
1 134 ASN n 
1 135 HIS n 
1 136 LEU n 
1 137 VAL n 
1 138 GLU n 
1 139 GLN n 
1 140 GLN n 
1 141 GLU n 
1 142 GLY n 
1 143 ALA n 
1 144 GLN n 
1 145 ALA n 
1 146 PRO n 
1 147 GLN n 
1 148 TYR n 
1 149 MSE n 
1 150 GLY n 
1 151 ARG n 
1 152 THR n 
1 153 ILE n 
1 154 LYS n 
1 155 LEU n 
1 156 PRO n 
1 157 ALA n 
# 
_entity_src_gen.entity_id                          1 
_entity_src_gen.pdbx_src_id                        1 
_entity_src_gen.pdbx_alt_source_flag               sample 
_entity_src_gen.pdbx_seq_type                      ? 
_entity_src_gen.pdbx_beg_seq_num                   ? 
_entity_src_gen.pdbx_end_seq_num                   ? 
_entity_src_gen.gene_src_common_name               ? 
_entity_src_gen.gene_src_genus                     Pseudomonas 
_entity_src_gen.pdbx_gene_src_gene                 NP_742468.1 
_entity_src_gen.gene_src_species                   'Pseudomonas putida' 
_entity_src_gen.gene_src_strain                    KT2440 
_entity_src_gen.gene_src_tissue                    ? 
_entity_src_gen.gene_src_tissue_fraction           ? 
_entity_src_gen.gene_src_details                   ? 
_entity_src_gen.pdbx_gene_src_fragment             ? 
_entity_src_gen.pdbx_gene_src_scientific_name      'Pseudomonas putida' 
_entity_src_gen.pdbx_gene_src_ncbi_taxonomy_id     160488 
_entity_src_gen.pdbx_gene_src_variant              ? 
_entity_src_gen.pdbx_gene_src_cell_line            ? 
_entity_src_gen.pdbx_gene_src_atcc                 ? 
_entity_src_gen.pdbx_gene_src_organ                ? 
_entity_src_gen.pdbx_gene_src_organelle            ? 
_entity_src_gen.pdbx_gene_src_cell                 ? 
_entity_src_gen.pdbx_gene_src_cellular_location    ? 
_entity_src_gen.host_org_common_name               ? 
_entity_src_gen.pdbx_host_org_scientific_name      'Escherichia coli' 
_entity_src_gen.pdbx_host_org_ncbi_taxonomy_id     562 
_entity_src_gen.host_org_genus                     Escherichia 
_entity_src_gen.pdbx_host_org_gene                 ? 
_entity_src_gen.pdbx_host_org_organ                ? 
_entity_src_gen.host_org_species                   ? 
_entity_src_gen.pdbx_host_org_tissue               ? 
_entity_src_gen.pdbx_host_org_tissue_fraction      ? 
_entity_src_gen.pdbx_host_org_strain               ? 
_entity_src_gen.pdbx_host_org_variant              ? 
_entity_src_gen.pdbx_host_org_cell_line            ? 
_entity_src_gen.pdbx_host_org_atcc                 ? 
_entity_src_gen.pdbx_host_org_culture_collection   ? 
_entity_src_gen.pdbx_host_org_cell                 ? 
_entity_src_gen.pdbx_host_org_organelle            ? 
_entity_src_gen.pdbx_host_org_cellular_location    ? 
_entity_src_gen.pdbx_host_org_vector_type          Plasmid 
_entity_src_gen.pdbx_host_org_vector               ? 
_entity_src_gen.host_org_details                   ? 
_entity_src_gen.expression_system_id               ? 
_entity_src_gen.plasmid_name                       ? 
_entity_src_gen.plasmid_details                    ? 
_entity_src_gen.pdbx_description                   ? 
# 
loop_
_chem_comp.id 
_chem_comp.type 
_chem_comp.mon_nstd_flag 
_chem_comp.name 
_chem_comp.pdbx_synonyms 
_chem_comp.formula 
_chem_comp.formula_weight 
ALA 'L-peptide linking' y ALANINE          ?                               'C3 H7 N O2'     89.093  
ARG 'L-peptide linking' y ARGININE         ?                               'C6 H15 N4 O2 1' 175.209 
ASN 'L-peptide linking' y ASPARAGINE       ?                               'C4 H8 N2 O3'    132.118 
ASP 'L-peptide linking' y 'ASPARTIC ACID'  ?                               'C4 H7 N O4'     133.103 
CYS 'L-peptide linking' y CYSTEINE         ?                               'C3 H7 N O2 S'   121.158 
GLN 'L-peptide linking' y GLUTAMINE        ?                               'C5 H10 N2 O3'   146.144 
GLU 'L-peptide linking' y 'GLUTAMIC ACID'  ?                               'C5 H9 N O4'     147.129 
GLY 'peptide linking'   y GLYCINE          ?                               'C2 H5 N O2'     75.067  
GOL non-polymer         . GLYCEROL         'GLYCERIN; PROPANE-1,2,3-TRIOL' 'C3 H8 O3'       92.094  
HIS 'L-peptide linking' y HISTIDINE        ?                               'C6 H10 N3 O2 1' 156.162 
HOH non-polymer         . WATER            ?                               'H2 O'           18.015  
ILE 'L-peptide linking' y ISOLEUCINE       ?                               'C6 H13 N O2'    131.173 
LEU 'L-peptide linking' y LEUCINE          ?                               'C6 H13 N O2'    131.173 
LYS 'L-peptide linking' y LYSINE           ?                               'C6 H15 N2 O2 1' 147.195 
MET 'L-peptide linking' y METHIONINE       ?                               'C5 H11 N O2 S'  149.211 
MSE 'L-peptide linking' n SELENOMETHIONINE ?                               'C5 H11 N O2 Se' 196.106 
PHE 'L-peptide linking' y PHENYLALANINE    ?                               'C9 H11 N O2'    165.189 
PRO 'L-peptide linking' y PROLINE          ?                               'C5 H9 N O2'     115.130 
SER 'L-peptide linking' y SERINE           ?                               'C3 H7 N O3'     105.093 
THR 'L-peptide linking' y THREONINE        ?                               'C4 H9 N O3'     119.119 
TRP 'L-peptide linking' y TRYPTOPHAN       ?                               'C11 H12 N2 O2'  204.225 
TYR 'L-peptide linking' y TYROSINE         ?                               'C9 H11 N O3'    181.189 
VAL 'L-peptide linking' y VALINE           ?                               'C5 H11 N O2'    117.146 
# 
loop_
_pdbx_poly_seq_scheme.asym_id 
_pdbx_poly_seq_scheme.entity_id 
_pdbx_poly_seq_scheme.seq_id 
_pdbx_poly_seq_scheme.mon_id 
_pdbx_poly_seq_scheme.ndb_seq_num 
_pdbx_poly_seq_scheme.pdb_seq_num 
_pdbx_poly_seq_scheme.auth_seq_num 
_pdbx_poly_seq_scheme.pdb_mon_id 
_pdbx_poly_seq_scheme.auth_mon_id 
_pdbx_poly_seq_scheme.pdb_strand_id 
_pdbx_poly_seq_scheme.pdb_ins_code 
_pdbx_poly_seq_scheme.hetero 
A 1 1   GLY 1   0   0   GLY GLY A . n 
A 1 2   MSE 2   1   1   MSE MSE A . n 
A 1 3   PRO 3   2   2   PRO PRO A . n 
A 1 4   ALA 4   3   3   ALA ALA A . n 
A 1 5   LEU 5   4   4   LEU LEU A . n 
A 1 6   ILE 6   5   5   ILE ILE A . n 
A 1 7   THR 7   6   6   THR THR A . n 
A 1 8   TYR 8   7   7   TYR TYR A . n 
A 1 9   ARG 9   8   8   ARG ARG A . n 
A 1 10  THR 10  9   9   THR THR A . n 
A 1 11  THR 11  10  10  THR THR A . n 
A 1 12  VAL 12  11  11  VAL VAL A . n 
A 1 13  GLN 13  12  12  GLN GLN A . n 
A 1 14  GLU 14  13  13  GLU GLU A . n 
A 1 15  ASP 15  14  14  ASP ASP A . n 
A 1 16  TRP 16  15  15  TRP TRP A . n 
A 1 17  VAL 17  16  16  VAL VAL A . n 
A 1 18  ASP 18  17  17  ASP ASP A . n 
A 1 19  TYR 19  18  18  TYR TYR A . n 
A 1 20  ASN 20  19  19  ASN ASN A . n 
A 1 21  GLY 21  20  20  GLY GLY A . n 
A 1 22  HIS 22  21  21  HIS HIS A . n 
A 1 23  LEU 23  22  22  LEU LEU A . n 
A 1 24  ARG 24  23  23  ARG ARG A . n 
A 1 25  ASP 25  24  24  ASP ASP A . n 
A 1 26  ALA 26  25  25  ALA ALA A . n 
A 1 27  PHE 27  26  26  PHE PHE A . n 
A 1 28  TYR 28  27  27  TYR TYR A . n 
A 1 29  LEU 29  28  28  LEU LEU A . n 
A 1 30  LEU 30  29  29  LEU LEU A . n 
A 1 31  ILE 31  30  30  ILE ILE A . n 
A 1 32  PHE 32  31  31  PHE PHE A . n 
A 1 33  SER 33  32  32  SER SER A . n 
A 1 34  TYR 34  33  33  TYR TYR A . n 
A 1 35  ALA 35  34  34  ALA ALA A . n 
A 1 36  THR 36  35  35  THR THR A . n 
A 1 37  ASP 37  36  36  ASP ASP A . n 
A 1 38  ALA 38  37  37  ALA ALA A . n 
A 1 39  LEU 39  38  38  LEU LEU A . n 
A 1 40  MSE 40  39  39  MSE MSE A . n 
A 1 41  ASP 41  40  40  ASP ASP A . n 
A 1 42  ARG 42  41  41  ARG ARG A . n 
A 1 43  ILE 43  42  42  ILE ILE A . n 
A 1 44  GLY 44  43  43  GLY GLY A . n 
A 1 45  LEU 45  44  44  LEU LEU A . n 
A 1 46  ASP 46  45  45  ASP ASP A . n 
A 1 47  ALA 47  46  46  ALA ALA A . n 
A 1 48  ASP 48  47  47  ASP ASP A . n 
A 1 49  SER 49  48  48  SER SER A . n 
A 1 50  ARG 50  49  49  ARG ARG A . n 
A 1 51  GLY 51  50  50  GLY GLY A . n 
A 1 52  GLN 52  51  51  GLN GLN A . n 
A 1 53  SER 53  52  52  SER SER A . n 
A 1 54  GLY 54  53  53  GLY GLY A . n 
A 1 55  ASN 55  54  54  ASN ASN A . n 
A 1 56  SER 56  55  55  SER SER A . n 
A 1 57  LEU 57  56  56  LEU LEU A . n 
A 1 58  PHE 58  57  57  PHE PHE A . n 
A 1 59  THR 59  58  58  THR THR A . n 
A 1 60  LEU 60  59  59  LEU LEU A . n 
A 1 61  GLU 61  60  60  GLU GLU A . n 
A 1 62  ALA 62  61  61  ALA ALA A . n 
A 1 63  HIS 63  62  62  HIS HIS A . n 
A 1 64  ILE 64  63  63  ILE ILE A . n 
A 1 65  ASN 65  64  64  ASN ASN A . n 
A 1 66  TYR 66  65  65  TYR TYR A . n 
A 1 67  LEU 67  66  66  LEU LEU A . n 
A 1 68  HIS 68  67  67  HIS HIS A . n 
A 1 69  GLU 69  68  68  GLU GLU A . n 
A 1 70  VAL 70  69  69  VAL VAL A . n 
A 1 71  LYS 71  70  70  LYS LYS A . n 
A 1 72  LEU 72  71  71  LEU LEU A . n 
A 1 73  GLY 73  72  72  GLY GLY A . n 
A 1 74  THR 74  73  73  THR THR A . n 
A 1 75  GLU 75  74  74  GLU GLU A . n 
A 1 76  VAL 76  75  75  VAL VAL A . n 
A 1 77  TRP 77  76  76  TRP TRP A . n 
A 1 78  VAL 78  77  77  VAL VAL A . n 
A 1 79  GLN 79  78  78  GLN GLN A . n 
A 1 80  THR 80  79  79  THR THR A . n 
A 1 81  GLN 81  80  80  GLN GLN A . n 
A 1 82  ILE 82  81  81  ILE ILE A . n 
A 1 83  LEU 83  82  82  LEU LEU A . n 
A 1 84  GLY 84  83  83  GLY GLY A . n 
A 1 85  PHE 85  84  84  PHE PHE A . n 
A 1 86  ASP 86  85  85  ASP ASP A . n 
A 1 87  ARG 87  86  86  ARG ARG A . n 
A 1 88  LYS 88  87  87  LYS LYS A . n 
A 1 89  ARG 89  88  88  ARG ARG A . n 
A 1 90  LEU 90  89  89  LEU LEU A . n 
A 1 91  HIS 91  90  90  HIS HIS A . n 
A 1 92  VAL 92  91  91  VAL VAL A . n 
A 1 93  TYR 93  92  92  TYR TYR A . n 
A 1 94  HIS 94  93  93  HIS HIS A . n 
A 1 95  SER 95  94  94  SER SER A . n 
A 1 96  LEU 96  95  95  LEU LEU A . n 
A 1 97  HIS 97  96  96  HIS HIS A . n 
A 1 98  ARG 98  97  97  ARG ARG A . n 
A 1 99  ALA 99  98  98  ALA ALA A . n 
A 1 100 GLY 100 99  99  GLY GLY A . n 
A 1 101 PHE 101 100 100 PHE PHE A . n 
A 1 102 ASP 102 101 101 ASP ASP A . n 
A 1 103 GLU 103 102 102 GLU GLU A . n 
A 1 104 VAL 104 103 103 VAL VAL A . n 
A 1 105 LEU 105 104 104 LEU LEU A . n 
A 1 106 ALA 106 105 105 ALA ALA A . n 
A 1 107 ALA 107 106 106 ALA ALA A . n 
A 1 108 SER 108 107 107 SER SER A . n 
A 1 109 GLU 109 108 108 GLU GLU A . n 
A 1 110 GLN 110 109 109 GLN GLN A . n 
A 1 111 MSE 111 110 110 MSE MSE A . n 
A 1 112 LEU 112 111 111 LEU LEU A . n 
A 1 113 LEU 113 112 112 LEU LEU A . n 
A 1 114 HIS 114 113 113 HIS HIS A . n 
A 1 115 VAL 115 114 114 VAL VAL A . n 
A 1 116 ASP 116 115 115 ASP ASP A . n 
A 1 117 LEU 117 116 116 LEU LEU A . n 
A 1 118 ALA 118 117 ?   ?   ?   A . n 
A 1 119 GLY 119 118 ?   ?   ?   A . n 
A 1 120 PRO 120 119 ?   ?   ?   A . n 
A 1 121 GLN 121 120 120 GLN GLN A . n 
A 1 122 SER 122 121 121 SER SER A . n 
A 1 123 ALA 123 122 122 ALA ALA A . n 
A 1 124 PRO 124 123 123 PRO PRO A . n 
A 1 125 PHE 125 124 124 PHE PHE A . n 
A 1 126 GLY 126 125 125 GLY GLY A . n 
A 1 127 HIS 127 126 126 HIS HIS A . n 
A 1 128 THR 128 127 127 THR THR A . n 
A 1 129 THR 129 128 128 THR THR A . n 
A 1 130 VAL 130 129 129 VAL VAL A . n 
A 1 131 CYS 131 130 130 CYS CYS A . n 
A 1 132 ARG 132 131 131 ARG ARG A . n 
A 1 133 LEU 133 132 132 LEU LEU A . n 
A 1 134 ASN 134 133 133 ASN ASN A . n 
A 1 135 HIS 135 134 134 HIS HIS A . n 
A 1 136 LEU 136 135 135 LEU LEU A . n 
A 1 137 VAL 137 136 136 VAL VAL A . n 
A 1 138 GLU 138 137 137 GLU GLU A . n 
A 1 139 GLN 139 138 138 GLN GLN A . n 
A 1 140 GLN 140 139 139 GLN GLN A . n 
A 1 141 GLU 141 140 140 GLU GLU A . n 
A 1 142 GLY 142 141 141 GLY GLY A . n 
A 1 143 ALA 143 142 142 ALA ALA A . n 
A 1 144 GLN 144 143 143 GLN GLN A . n 
A 1 145 ALA 145 144 144 ALA ALA A . n 
A 1 146 PRO 146 145 145 PRO PRO A . n 
A 1 147 GLN 147 146 146 GLN GLN A . n 
A 1 148 TYR 148 147 147 TYR TYR A . n 
A 1 149 MSE 149 148 148 MSE MSE A . n 
A 1 150 GLY 150 149 149 GLY GLY A . n 
A 1 151 ARG 151 150 150 ARG ARG A . n 
A 1 152 THR 152 151 151 THR THR A . n 
A 1 153 ILE 153 152 152 ILE ILE A . n 
A 1 154 LYS 154 153 153 LYS LYS A . n 
A 1 155 LEU 155 154 154 LEU LEU A . n 
A 1 156 PRO 156 155 155 PRO PRO A . n 
A 1 157 ALA 157 156 156 ALA ALA A . n 
# 
loop_
_pdbx_nonpoly_scheme.asym_id 
_pdbx_nonpoly_scheme.entity_id 
_pdbx_nonpoly_scheme.mon_id 
_pdbx_nonpoly_scheme.ndb_seq_num 
_pdbx_nonpoly_scheme.pdb_seq_num 
_pdbx_nonpoly_scheme.auth_seq_num 
_pdbx_nonpoly_scheme.pdb_mon_id 
_pdbx_nonpoly_scheme.auth_mon_id 
_pdbx_nonpoly_scheme.pdb_strand_id 
_pdbx_nonpoly_scheme.pdb_ins_code 
B 2 GOL 1   157 1   GOL GOL A . 
C 3 HOH 1   158 2   HOH HOH A . 
C 3 HOH 2   159 3   HOH HOH A . 
C 3 HOH 3   160 4   HOH HOH A . 
C 3 HOH 4   161 5   HOH HOH A . 
C 3 HOH 5   162 6   HOH HOH A . 
C 3 HOH 6   163 7   HOH HOH A . 
C 3 HOH 7   164 8   HOH HOH A . 
C 3 HOH 8   165 9   HOH HOH A . 
C 3 HOH 9   166 10  HOH HOH A . 
C 3 HOH 10  167 11  HOH HOH A . 
C 3 HOH 11  168 12  HOH HOH A . 
C 3 HOH 12  169 13  HOH HOH A . 
C 3 HOH 13  170 14  HOH HOH A . 
C 3 HOH 14  171 15  HOH HOH A . 
C 3 HOH 15  172 16  HOH HOH A . 
C 3 HOH 16  173 17  HOH HOH A . 
C 3 HOH 17  174 18  HOH HOH A . 
C 3 HOH 18  175 19  HOH HOH A . 
C 3 HOH 19  176 20  HOH HOH A . 
C 3 HOH 20  177 21  HOH HOH A . 
C 3 HOH 21  178 22  HOH HOH A . 
C 3 HOH 22  179 23  HOH HOH A . 
C 3 HOH 23  180 24  HOH HOH A . 
C 3 HOH 24  181 25  HOH HOH A . 
C 3 HOH 25  182 26  HOH HOH A . 
C 3 HOH 26  183 27  HOH HOH A . 
C 3 HOH 27  184 28  HOH HOH A . 
C 3 HOH 28  185 29  HOH HOH A . 
C 3 HOH 29  186 30  HOH HOH A . 
C 3 HOH 30  187 31  HOH HOH A . 
C 3 HOH 31  188 32  HOH HOH A . 
C 3 HOH 32  189 33  HOH HOH A . 
C 3 HOH 33  190 34  HOH HOH A . 
C 3 HOH 34  191 35  HOH HOH A . 
C 3 HOH 35  192 36  HOH HOH A . 
C 3 HOH 36  193 37  HOH HOH A . 
C 3 HOH 37  194 38  HOH HOH A . 
C 3 HOH 38  195 39  HOH HOH A . 
C 3 HOH 39  196 40  HOH HOH A . 
C 3 HOH 40  197 41  HOH HOH A . 
C 3 HOH 41  198 42  HOH HOH A . 
C 3 HOH 42  199 43  HOH HOH A . 
C 3 HOH 43  200 44  HOH HOH A . 
C 3 HOH 44  201 45  HOH HOH A . 
C 3 HOH 45  202 46  HOH HOH A . 
C 3 HOH 46  203 47  HOH HOH A . 
C 3 HOH 47  204 48  HOH HOH A . 
C 3 HOH 48  205 49  HOH HOH A . 
C 3 HOH 49  206 50  HOH HOH A . 
C 3 HOH 50  207 51  HOH HOH A . 
C 3 HOH 51  208 52  HOH HOH A . 
C 3 HOH 52  209 53  HOH HOH A . 
C 3 HOH 53  210 54  HOH HOH A . 
C 3 HOH 54  211 55  HOH HOH A . 
C 3 HOH 55  212 56  HOH HOH A . 
C 3 HOH 56  213 57  HOH HOH A . 
C 3 HOH 57  214 58  HOH HOH A . 
C 3 HOH 58  215 59  HOH HOH A . 
C 3 HOH 59  216 60  HOH HOH A . 
C 3 HOH 60  217 61  HOH HOH A . 
C 3 HOH 61  218 62  HOH HOH A . 
C 3 HOH 62  219 63  HOH HOH A . 
C 3 HOH 63  220 64  HOH HOH A . 
C 3 HOH 64  221 65  HOH HOH A . 
C 3 HOH 65  222 66  HOH HOH A . 
C 3 HOH 66  223 67  HOH HOH A . 
C 3 HOH 67  224 68  HOH HOH A . 
C 3 HOH 68  225 69  HOH HOH A . 
C 3 HOH 69  226 70  HOH HOH A . 
C 3 HOH 70  227 71  HOH HOH A . 
C 3 HOH 71  228 72  HOH HOH A . 
C 3 HOH 72  229 73  HOH HOH A . 
C 3 HOH 73  230 74  HOH HOH A . 
C 3 HOH 74  231 75  HOH HOH A . 
C 3 HOH 75  232 76  HOH HOH A . 
C 3 HOH 76  233 77  HOH HOH A . 
C 3 HOH 77  234 78  HOH HOH A . 
C 3 HOH 78  235 79  HOH HOH A . 
C 3 HOH 79  236 80  HOH HOH A . 
C 3 HOH 80  237 81  HOH HOH A . 
C 3 HOH 81  238 82  HOH HOH A . 
C 3 HOH 82  239 83  HOH HOH A . 
C 3 HOH 83  240 84  HOH HOH A . 
C 3 HOH 84  241 85  HOH HOH A . 
C 3 HOH 85  242 86  HOH HOH A . 
C 3 HOH 86  243 87  HOH HOH A . 
C 3 HOH 87  244 88  HOH HOH A . 
C 3 HOH 88  245 89  HOH HOH A . 
C 3 HOH 89  246 90  HOH HOH A . 
C 3 HOH 90  247 91  HOH HOH A . 
C 3 HOH 91  248 92  HOH HOH A . 
C 3 HOH 92  249 93  HOH HOH A . 
C 3 HOH 93  250 94  HOH HOH A . 
C 3 HOH 94  251 95  HOH HOH A . 
C 3 HOH 95  252 96  HOH HOH A . 
C 3 HOH 96  253 97  HOH HOH A . 
C 3 HOH 97  254 98  HOH HOH A . 
C 3 HOH 98  255 99  HOH HOH A . 
C 3 HOH 99  256 100 HOH HOH A . 
C 3 HOH 100 257 101 HOH HOH A . 
C 3 HOH 101 258 102 HOH HOH A . 
C 3 HOH 102 259 103 HOH HOH A . 
C 3 HOH 103 260 104 HOH HOH A . 
C 3 HOH 104 261 105 HOH HOH A . 
C 3 HOH 105 262 106 HOH HOH A . 
C 3 HOH 106 263 107 HOH HOH A . 
C 3 HOH 107 264 108 HOH HOH A . 
C 3 HOH 108 265 109 HOH HOH A . 
C 3 HOH 109 266 110 HOH HOH A . 
C 3 HOH 110 267 111 HOH HOH A . 
C 3 HOH 111 268 112 HOH HOH A . 
C 3 HOH 112 269 113 HOH HOH A . 
C 3 HOH 113 270 114 HOH HOH A . 
C 3 HOH 114 271 115 HOH HOH A . 
C 3 HOH 115 272 116 HOH HOH A . 
C 3 HOH 116 273 117 HOH HOH A . 
C 3 HOH 117 274 118 HOH HOH A . 
C 3 HOH 118 275 119 HOH HOH A . 
C 3 HOH 119 276 120 HOH HOH A . 
C 3 HOH 120 277 121 HOH HOH A . 
C 3 HOH 121 278 122 HOH HOH A . 
C 3 HOH 122 279 123 HOH HOH A . 
C 3 HOH 123 280 124 HOH HOH A . 
C 3 HOH 124 281 125 HOH HOH A . 
C 3 HOH 125 282 126 HOH HOH A . 
C 3 HOH 126 283 127 HOH HOH A . 
C 3 HOH 127 284 128 HOH HOH A . 
C 3 HOH 128 285 129 HOH HOH A . 
C 3 HOH 129 286 130 HOH HOH A . 
C 3 HOH 130 287 131 HOH HOH A . 
C 3 HOH 131 288 132 HOH HOH A . 
C 3 HOH 132 289 133 HOH HOH A . 
C 3 HOH 133 290 134 HOH HOH A . 
C 3 HOH 134 291 135 HOH HOH A . 
C 3 HOH 135 292 136 HOH HOH A . 
C 3 HOH 136 293 137 HOH HOH A . 
C 3 HOH 137 294 138 HOH HOH A . 
C 3 HOH 138 295 139 HOH HOH A . 
C 3 HOH 139 296 140 HOH HOH A . 
C 3 HOH 140 297 141 HOH HOH A . 
C 3 HOH 141 298 142 HOH HOH A . 
C 3 HOH 142 299 143 HOH HOH A . 
C 3 HOH 143 300 144 HOH HOH A . 
C 3 HOH 144 301 145 HOH HOH A . 
C 3 HOH 145 302 146 HOH HOH A . 
C 3 HOH 146 303 147 HOH HOH A . 
C 3 HOH 147 304 148 HOH HOH A . 
C 3 HOH 148 305 149 HOH HOH A . 
C 3 HOH 149 306 150 HOH HOH A . 
C 3 HOH 150 307 151 HOH HOH A . 
C 3 HOH 151 308 152 HOH HOH A . 
C 3 HOH 152 309 153 HOH HOH A . 
C 3 HOH 153 310 154 HOH HOH A . 
C 3 HOH 154 311 155 HOH HOH A . 
C 3 HOH 155 312 156 HOH HOH A . 
C 3 HOH 156 313 157 HOH HOH A . 
C 3 HOH 157 314 158 HOH HOH A . 
C 3 HOH 158 315 159 HOH HOH A . 
C 3 HOH 159 316 160 HOH HOH A . 
C 3 HOH 160 317 161 HOH HOH A . 
C 3 HOH 161 318 162 HOH HOH A . 
C 3 HOH 162 319 163 HOH HOH A . 
C 3 HOH 163 320 164 HOH HOH A . 
C 3 HOH 164 321 165 HOH HOH A . 
C 3 HOH 165 322 166 HOH HOH A . 
C 3 HOH 166 323 167 HOH HOH A . 
C 3 HOH 167 324 168 HOH HOH A . 
C 3 HOH 168 325 169 HOH HOH A . 
C 3 HOH 169 326 170 HOH HOH A . 
C 3 HOH 170 327 171 HOH HOH A . 
# 
loop_
_pdbx_unobs_or_zero_occ_atoms.id 
_pdbx_unobs_or_zero_occ_atoms.PDB_model_num 
_pdbx_unobs_or_zero_occ_atoms.polymer_flag 
_pdbx_unobs_or_zero_occ_atoms.occupancy_flag 
_pdbx_unobs_or_zero_occ_atoms.auth_asym_id 
_pdbx_unobs_or_zero_occ_atoms.auth_comp_id 
_pdbx_unobs_or_zero_occ_atoms.auth_seq_id 
_pdbx_unobs_or_zero_occ_atoms.PDB_ins_code 
_pdbx_unobs_or_zero_occ_atoms.auth_atom_id 
_pdbx_unobs_or_zero_occ_atoms.label_alt_id 
_pdbx_unobs_or_zero_occ_atoms.label_asym_id 
_pdbx_unobs_or_zero_occ_atoms.label_comp_id 
_pdbx_unobs_or_zero_occ_atoms.label_seq_id 
_pdbx_unobs_or_zero_occ_atoms.label_atom_id 
1  1 Y 1 A ARG 86  ? NE  ? A ARG 87  NE  
2  1 Y 1 A ARG 86  ? CZ  ? A ARG 87  CZ  
3  1 Y 1 A ARG 86  ? NH1 ? A ARG 87  NH1 
4  1 Y 1 A ARG 86  ? NH2 ? A ARG 87  NH2 
5  1 Y 1 A GLN 120 ? CD  ? A GLN 121 CD  
6  1 Y 1 A GLN 120 ? OE1 ? A GLN 121 OE1 
7  1 Y 1 A GLN 120 ? NE2 ? A GLN 121 NE2 
8  1 Y 1 A LYS 153 ? CD  ? A LYS 154 CD  
9  1 Y 1 A LYS 153 ? CE  ? A LYS 154 CE  
10 1 Y 1 A LYS 153 ? NZ  ? A LYS 154 NZ  
# 
loop_
_software.name 
_software.version 
_software.date 
_software.type 
_software.contact_author 
_software.contact_author_email 
_software.classification 
_software.location 
_software.language 
_software.citation_id 
_software.pdbx_ordinal 
MolProbity  3beta29   ?                package 'D.C. & J.S. Richardson lab' molprobity@kinemage.biochem.duke.edu 'model building'  
http://kinemage.biochem.duke.edu/molprobity/ ?          ? 1 
REFMAC      5.2.0005  ?                ?       'Murshudov, G.N.'            ccp4@dl.ac.uk                        refinement        
http://www.ccp4.ac.uk/main.html              Fortran_77 ? 2 
SCALA       .         ?                other   'Phil Evans'                 pre@mrc-lmb.cam.ac.uk                'data scaling'    
http://www.ccp4.ac.uk/dist/html/INDEX.html   Fortran_77 ? 3 
PDB_EXTRACT 2.000     'April. 3, 2006' package PDB                          sw-help@rcsb.rutgers.edu             'data extraction' 
http://pdb.rutgers.edu/software/             C++        ? 4 
MOSFLM      .         ?                ?       ?                            ?                                    'data reduction'  
?                                            ?          ? 5 
CCP4        '(SCALA)' ?                ?       ?                            ?                                    'data scaling'    
?                                            ?          ? 6 
SOLVE       .         ?                ?       ?                            ?                                    phasing           
?                                            ?          ? 7 
# 
_cell.entry_id           2HLJ 
_cell.length_a           53.809 
_cell.length_b           73.613 
_cell.length_c           39.752 
_cell.angle_alpha        90.000 
_cell.angle_beta         90.000 
_cell.angle_gamma        90.000 
_cell.pdbx_unique_axis   ? 
_cell.Z_PDB              4 
_cell.length_a_esd       ? 
_cell.length_b_esd       ? 
_cell.length_c_esd       ? 
_cell.angle_alpha_esd    ? 
_cell.angle_beta_esd     ? 
_cell.angle_gamma_esd    ? 
# 
_symmetry.entry_id                         2HLJ 
_symmetry.Int_Tables_number                18 
_symmetry.space_group_name_H-M             'P 21 21 2' 
_symmetry.pdbx_full_space_group_name_H-M   ? 
_symmetry.cell_setting                     ? 
_symmetry.space_group_name_Hall            ? 
# 
_exptl.crystals_number   1 
_exptl.method            'X-RAY DIFFRACTION' 
_exptl.entry_id          2HLJ 
# 
_exptl_crystal.id                    1 
_exptl_crystal.density_percent_sol   44.00 
_exptl_crystal.density_Matthews      2.21 
_exptl_crystal.description           ? 
_exptl_crystal.density_meas          ? 
_exptl_crystal.F_000                 ? 
_exptl_crystal.preparation           ? 
# 
_exptl_crystal_grow.crystal_id      1 
_exptl_crystal_grow.method          'VAPOR DIFFUSION, SITTING DROP, NANODROP' 
_exptl_crystal_grow.pH              6.9 
_exptl_crystal_grow.temp            277 
_exptl_crystal_grow.pdbx_details    
'0.2M K2NO3, 20.0% PEG-3350, No Buffer, pH 6.9, VAPOR DIFFUSION, SITTING DROP, NANODROP, temperature 277K' 
_exptl_crystal_grow.temp_details    ? 
_exptl_crystal_grow.pdbx_pH_range   . 
# 
_diffrn.id                     1 
_diffrn.ambient_temp           100 
_diffrn.ambient_temp_details   ? 
_diffrn.crystal_id             1 
# 
_diffrn_detector.diffrn_id              1 
_diffrn_detector.detector               CCD 
_diffrn_detector.type                   'MARMOSAIC 325 mm CCD' 
_diffrn_detector.details                'Flat collimating mirror, toroid focusing mirror' 
_diffrn_detector.pdbx_collection_date   2006-06-18 
# 
_diffrn_radiation.diffrn_id                        1 
_diffrn_radiation.pdbx_monochromatic_or_laue_m_l   M 
_diffrn_radiation.monochromator                    'Double crystal monochromator' 
_diffrn_radiation.pdbx_diffrn_protocol             MAD 
_diffrn_radiation.wavelength_id                    1 
_diffrn_radiation.pdbx_scattering_type             x-ray 
# 
loop_
_diffrn_radiation_wavelength.id 
_diffrn_radiation_wavelength.wavelength 
_diffrn_radiation_wavelength.wt 
1 0.97934 1.0 
2 0.97915 1.0 
3 0.91837 1.0 
# 
_diffrn_source.diffrn_id                   1 
_diffrn_source.source                      SYNCHROTRON 
_diffrn_source.pdbx_synchrotron_beamline   BL9-2 
_diffrn_source.type                        'SSRL BEAMLINE BL9-2' 
_diffrn_source.pdbx_wavelength_list        '0.97934, 0.97915, 0.91837' 
_diffrn_source.pdbx_wavelength             ? 
_diffrn_source.pdbx_synchrotron_site       SSRL 
# 
_reflns.entry_id                     2HLJ 
_reflns.d_resolution_high            2.000 
_reflns.d_resolution_low             29.323 
_reflns.number_obs                   11181 
_reflns.pdbx_Rmerge_I_obs            0.085 
_reflns.pdbx_netI_over_sigmaI        6.700 
_reflns.pdbx_Rsym_value              0.085 
_reflns.pdbx_redundancy              3.600 
_reflns.percent_possible_obs         99.900 
_reflns.observed_criterion_sigma_F   ? 
_reflns.observed_criterion_sigma_I   ? 
_reflns.number_all                   ? 
_reflns.B_iso_Wilson_estimate        20.20 
_reflns.R_free_details               ? 
_reflns.limit_h_max                  ? 
_reflns.limit_h_min                  ? 
_reflns.limit_k_max                  ? 
_reflns.limit_k_min                  ? 
_reflns.limit_l_max                  ? 
_reflns.limit_l_min                  ? 
_reflns.observed_criterion_F_max     ? 
_reflns.observed_criterion_F_min     ? 
_reflns.pdbx_chi_squared             ? 
_reflns.pdbx_scaling_rejects         ? 
_reflns.pdbx_ordinal                 1 
_reflns.pdbx_diffrn_id               1 
# 
loop_
_reflns_shell.d_res_high 
_reflns_shell.d_res_low 
_reflns_shell.number_measured_obs 
_reflns_shell.number_measured_all 
_reflns_shell.number_unique_obs 
_reflns_shell.Rmerge_I_obs 
_reflns_shell.meanI_over_sigI_obs 
_reflns_shell.pdbx_Rsym_value 
_reflns_shell.pdbx_chi_squared 
_reflns_shell.pdbx_redundancy 
_reflns_shell.percent_possible_obs 
_reflns_shell.number_unique_all 
_reflns_shell.percent_possible_all 
_reflns_shell.pdbx_ordinal 
_reflns_shell.pdbx_diffrn_id 
2.00 2.05  ? 2855 ? 0.287 2.6  0.287 ? 3.60 ? 785 100.00 1  1 
2.05 2.11  ? 2892 ? 0.276 2.7  0.276 ? 3.60 ? 795 100.00 2  1 
2.11 2.17  ? 2827 ? 0.229 3.3  0.229 ? 3.60 ? 777 100.00 3  1 
2.17 2.24  ? 2753 ? 0.224 3.3  0.224 ? 3.70 ? 752 100.00 4  1 
2.24 2.31  ? 2632 ? 0.19  3.6  0.19  ? 3.60 ? 728 100.00 5  1 
2.31 2.39  ? 2504 ? 0.16  4.6  0.16  ? 3.60 ? 688 100.00 6  1 
2.39 2.48  ? 2520 ? 0.154 4.6  0.154 ? 3.60 ? 696 100.00 7  1 
2.48 2.58  ? 2333 ? 0.145 5.1  0.145 ? 3.60 ? 641 100.00 8  1 
2.58 2.70  ? 2332 ? 0.13  5.6  0.13  ? 3.60 ? 643 100.00 9  1 
2.70 2.83  ? 2185 ? 0.095 7.4  0.095 ? 3.60 ? 607 100.00 10 1 
2.83 2.98  ? 2034 ? 0.086 8.3  0.086 ? 3.60 ? 565 100.00 11 1 
2.98 3.16  ? 1981 ? 0.071 9.3  0.071 ? 3.60 ? 550 100.00 12 1 
3.16 3.38  ? 1847 ? 0.068 9.3  0.068 ? 3.50 ? 521 100.00 13 1 
3.38 3.65  ? 1747 ? 0.062 9.2  0.062 ? 3.60 ? 491 100.00 14 1 
3.65 4.00  ? 1597 ? 0.058 10.2 0.058 ? 3.50 ? 450 100.00 15 1 
4.00 4.47  ? 1429 ? 0.049 11.5 0.049 ? 3.50 ? 410 100.00 16 1 
4.47 5.16  ? 1257 ? 0.048 12.4 0.048 ? 3.50 ? 363 100.00 17 1 
5.16 6.32  ? 1065 ? 0.06  11.0 0.06  ? 3.40 ? 317 100.00 18 1 
6.32 8.94  ? 820  ? 0.055 9.9  0.055 ? 3.20 ? 256 99.60  19 1 
8.94 29.33 ? 433  ? 0.044 13.1 0.044 ? 3.00 ? 146 94.30  20 1 
# 
_refine.entry_id                                 2HLJ 
_refine.ls_d_res_high                            2.000 
_refine.ls_d_res_low                             29.323 
_refine.pdbx_ls_sigma_F                          0.00 
_refine.ls_percent_reflns_obs                    99.860 
_refine.ls_number_reflns_obs                     11154 
_refine.pdbx_ls_cross_valid_method               THROUGHOUT 
_refine.pdbx_R_Free_selection_details            RANDOM 
_refine.details                                  
;1. HYDROGENS HAVE BEEN ADDED IN THE RIDING POSITIONS. 2. A MET-INHIBITION PROTOCOL WAS USED FOR SELENOMETHIONINE INCORPORATION DURING PROTEIN EXPRESSION. THE OCCUPANCY OF THE SE ATOMS IN THE MSE RESIDUES WAS REDUCED TO 0.75 TO ACCOUNT FOR THE REDUCED SCATTERING POWER DUE TO PARTIAL S-MET INCORPORATION. 3. ATOM RECORD CONTAINS RESIDUAL B FACTORS ONLY. 4. RESIDUES 117-119 ARE DISORDERED AND WERE NOT MODELED. 5. GLYCEROL ADDED BASED ON CRYSTALLIZATION CONDITIONS.
;
_refine.ls_R_factor_all                          ? 
_refine.ls_R_factor_R_work                       0.167 
_refine.ls_R_factor_R_free                       0.227 
_refine.ls_percent_reflns_R_free                 4.800 
_refine.ls_number_reflns_R_free                  531 
_refine.B_iso_mean                               21.701 
_refine.aniso_B[1][1]                            -1.320 
_refine.aniso_B[2][2]                            -1.850 
_refine.aniso_B[3][3]                            3.170 
_refine.aniso_B[1][2]                            0.000 
_refine.aniso_B[1][3]                            0.000 
_refine.aniso_B[2][3]                            0.000 
_refine.correlation_coeff_Fo_to_Fc               0.959 
_refine.correlation_coeff_Fo_to_Fc_free          0.928 
_refine.pdbx_overall_ESU_R                       0.181 
_refine.pdbx_overall_ESU_R_Free                  0.169 
_refine.overall_SU_ML                            0.115 
_refine.overall_SU_B                             7.727 
_refine.solvent_model_details                    MASK 
_refine.pdbx_solvent_vdw_probe_radii             1.200 
_refine.pdbx_solvent_ion_probe_radii             0.800 
_refine.pdbx_solvent_shrinkage_radii             0.800 
_refine.pdbx_method_to_determine_struct          MAD 
_refine.pdbx_stereochemistry_target_values       'MAXIMUM LIKELIHOOD WITH PHASES' 
_refine.pdbx_ls_sigma_I                          ? 
_refine.ls_number_reflns_all                     ? 
_refine.ls_R_factor_obs                          0.17 
_refine.ls_redundancy_reflns_obs                 ? 
_refine.pdbx_data_cutoff_high_absF               ? 
_refine.pdbx_data_cutoff_low_absF                ? 
_refine.ls_number_parameters                     ? 
_refine.ls_number_restraints                     ? 
_refine.ls_R_factor_R_free_error                 ? 
_refine.ls_R_factor_R_free_error_details         ? 
_refine.pdbx_starting_model                      ? 
_refine.pdbx_stereochem_target_val_spec_case     ? 
_refine.solvent_model_param_bsol                 ? 
_refine.solvent_model_param_ksol                 ? 
_refine.occupancy_max                            ? 
_refine.occupancy_min                            ? 
_refine.pdbx_isotropic_thermal_model             ? 
_refine.B_iso_min                                ? 
_refine.B_iso_max                                ? 
_refine.overall_SU_R_Cruickshank_DPI             ? 
_refine.overall_SU_R_free                        ? 
_refine.pdbx_data_cutoff_high_rms_absF           ? 
_refine.ls_wR_factor_R_free                      ? 
_refine.ls_wR_factor_R_work                      ? 
_refine.overall_FOM_free_R_set                   ? 
_refine.overall_FOM_work_R_set                   ? 
_refine.pdbx_refine_id                           'X-RAY DIFFRACTION' 
_refine.pdbx_TLS_residual_ADP_flag               'LIKELY RESIDUAL' 
_refine.pdbx_diffrn_id                           1 
_refine.pdbx_overall_phase_error                 ? 
_refine.pdbx_overall_SU_R_free_Cruickshank_DPI   ? 
_refine.pdbx_overall_SU_R_Blow_DPI               ? 
_refine.pdbx_overall_SU_R_free_Blow_DPI          ? 
# 
_refine_hist.pdbx_refine_id                   'X-RAY DIFFRACTION' 
_refine_hist.cycle_id                         LAST 
_refine_hist.pdbx_number_atoms_protein        1224 
_refine_hist.pdbx_number_atoms_nucleic_acid   0 
_refine_hist.pdbx_number_atoms_ligand         6 
_refine_hist.number_atoms_solvent             170 
_refine_hist.number_atoms_total               1400 
_refine_hist.d_res_high                       2.000 
_refine_hist.d_res_low                        29.323 
# 
loop_
_refine_ls_restr.type 
_refine_ls_restr.number 
_refine_ls_restr.dev_ideal 
_refine_ls_restr.dev_ideal_target 
_refine_ls_restr.weight 
_refine_ls_restr.pdbx_refine_id 
_refine_ls_restr.pdbx_restraint_function 
r_bond_refined_d         1273 0.014  0.021  ? 'X-RAY DIFFRACTION' ? 
r_bond_other_d           1145 0.002  0.020  ? 'X-RAY DIFFRACTION' ? 
r_angle_refined_deg      1731 1.447  1.943  ? 'X-RAY DIFFRACTION' ? 
r_angle_other_deg        2645 0.856  3.000  ? 'X-RAY DIFFRACTION' ? 
r_dihedral_angle_1_deg   158  6.354  5.000  ? 'X-RAY DIFFRACTION' ? 
r_dihedral_angle_2_deg   63   36.235 23.651 ? 'X-RAY DIFFRACTION' ? 
r_dihedral_angle_3_deg   206  12.036 15.000 ? 'X-RAY DIFFRACTION' ? 
r_dihedral_angle_4_deg   8    13.386 15.000 ? 'X-RAY DIFFRACTION' ? 
r_chiral_restr           193  0.091  0.200  ? 'X-RAY DIFFRACTION' ? 
r_gen_planes_refined     1429 0.006  0.020  ? 'X-RAY DIFFRACTION' ? 
r_gen_planes_other       269  0.001  0.020  ? 'X-RAY DIFFRACTION' ? 
r_nbd_refined            203  0.211  0.200  ? 'X-RAY DIFFRACTION' ? 
r_nbd_other              1106 0.182  0.200  ? 'X-RAY DIFFRACTION' ? 
r_nbtor_refined          610  0.175  0.200  ? 'X-RAY DIFFRACTION' ? 
r_nbtor_other            750  0.085  0.200  ? 'X-RAY DIFFRACTION' ? 
r_xyhbond_nbd_refined    118  0.154  0.200  ? 'X-RAY DIFFRACTION' ? 
r_symmetry_vdw_refined   25   0.226  0.200  ? 'X-RAY DIFFRACTION' ? 
r_symmetry_vdw_other     109  0.287  0.200  ? 'X-RAY DIFFRACTION' ? 
r_symmetry_hbond_refined 14   0.220  0.200  ? 'X-RAY DIFFRACTION' ? 
r_mcbond_it              837  2.219  3.000  ? 'X-RAY DIFFRACTION' ? 
r_mcbond_other           320  0.524  3.000  ? 'X-RAY DIFFRACTION' ? 
r_mcangle_it             1238 3.021  5.000  ? 'X-RAY DIFFRACTION' ? 
r_scbond_it              550  5.220  8.000  ? 'X-RAY DIFFRACTION' ? 
r_scangle_it             490  6.709  11.000 ? 'X-RAY DIFFRACTION' ? 
# 
_refine_ls_shell.d_res_high                       2.000 
_refine_ls_shell.d_res_low                        2.052 
_refine_ls_shell.pdbx_total_number_of_bins_used   20 
_refine_ls_shell.percent_reflns_obs               100.000 
_refine_ls_shell.number_reflns_R_work             745 
_refine_ls_shell.R_factor_all                     ? 
_refine_ls_shell.R_factor_R_work                  0.178 
_refine_ls_shell.R_factor_R_free                  0.237 
_refine_ls_shell.percent_reflns_R_free            ? 
_refine_ls_shell.number_reflns_R_free             38 
_refine_ls_shell.R_factor_R_free_error            ? 
_refine_ls_shell.number_reflns_all                ? 
_refine_ls_shell.number_reflns_obs                783 
_refine_ls_shell.redundancy_reflns_obs            ? 
_refine_ls_shell.pdbx_refine_id                   'X-RAY DIFFRACTION' 
# 
_struct.entry_id                  2HLJ 
_struct.title                     
'CRYSTAL STRUCTURE OF A PUTATIVE THIOESTERASE (KT2440) FROM PSEUDOMONAS PUTIDA KT2440 AT 2.00 A RESOLUTION' 
_struct.pdbx_model_details        ? 
_struct.pdbx_CASP_flag            ? 
_struct.pdbx_model_type_details   ? 
# 
_struct_keywords.text            
;PUTATIVE THIOESTERASE, STRUCTURAL GENOMICS, JOINT CENTER FOR STRUCTURAL GENOMICS, JCSG, PROTEIN STRUCTURE INITIATIVE, PSI-2, HYDROLASE
;
_struct_keywords.pdbx_keywords   HYDROLASE 
_struct_keywords.entry_id        2HLJ 
# 
loop_
_struct_asym.id 
_struct_asym.pdbx_blank_PDB_chainid_flag 
_struct_asym.pdbx_modified 
_struct_asym.entity_id 
_struct_asym.details 
A N N 1 ? 
B N N 2 ? 
C N N 3 ? 
# 
_struct_ref.id                         1 
_struct_ref.db_name                    UNP 
_struct_ref.db_code                    Q88R33_PSEPK 
_struct_ref.pdbx_db_accession          Q88R33 
_struct_ref.entity_id                  1 
_struct_ref.pdbx_align_begin           1 
_struct_ref.pdbx_db_isoform            ? 
_struct_ref.pdbx_seq_one_letter_code   ? 
# 
_struct_ref_seq.align_id                      1 
_struct_ref_seq.ref_id                        1 
_struct_ref_seq.pdbx_PDB_id_code              2HLJ 
_struct_ref_seq.pdbx_strand_id                A 
_struct_ref_seq.seq_align_beg                 2 
_struct_ref_seq.pdbx_seq_align_beg_ins_code   ? 
_struct_ref_seq.seq_align_end                 157 
_struct_ref_seq.pdbx_seq_align_end_ins_code   ? 
_struct_ref_seq.pdbx_db_accession             Q88R33 
_struct_ref_seq.db_align_beg                  1 
_struct_ref_seq.pdbx_db_align_beg_ins_code    ? 
_struct_ref_seq.db_align_end                  156 
_struct_ref_seq.pdbx_db_align_end_ins_code    ? 
_struct_ref_seq.pdbx_auth_seq_align_beg       1 
_struct_ref_seq.pdbx_auth_seq_align_end       156 
# 
loop_
_struct_ref_seq_dif.align_id 
_struct_ref_seq_dif.pdbx_pdb_id_code 
_struct_ref_seq_dif.mon_id 
_struct_ref_seq_dif.pdbx_pdb_strand_id 
_struct_ref_seq_dif.seq_num 
_struct_ref_seq_dif.pdbx_pdb_ins_code 
_struct_ref_seq_dif.pdbx_seq_db_name 
_struct_ref_seq_dif.pdbx_seq_db_accession_code 
_struct_ref_seq_dif.db_mon_id 
_struct_ref_seq_dif.pdbx_seq_db_seq_num 
_struct_ref_seq_dif.details 
_struct_ref_seq_dif.pdbx_auth_seq_num 
_struct_ref_seq_dif.pdbx_ordinal 
1 2HLJ GLY A 1   ? UNP Q88R33 ?   ?   'expression tag'   0   1 
1 2HLJ MSE A 2   ? UNP Q88R33 MET 1   'modified residue' 1   2 
1 2HLJ MSE A 40  ? UNP Q88R33 MET 39  'modified residue' 39  3 
1 2HLJ MSE A 111 ? UNP Q88R33 MET 110 'modified residue' 110 4 
1 2HLJ MSE A 149 ? UNP Q88R33 MET 148 'modified residue' 148 5 
# 
_pdbx_struct_assembly.id                   1 
_pdbx_struct_assembly.details              author_and_software_defined_assembly 
_pdbx_struct_assembly.method_details       PISA,PQS 
_pdbx_struct_assembly.oligomeric_details   dimeric 
_pdbx_struct_assembly.oligomeric_count     2 
# 
loop_
_pdbx_struct_assembly_prop.biol_id 
_pdbx_struct_assembly_prop.type 
_pdbx_struct_assembly_prop.value 
_pdbx_struct_assembly_prop.details 
1 'ABSA (A^2)' 4470  ? 
1 MORE         -17   ? 
1 'SSA (A^2)'  15080 ? 
# 
_pdbx_struct_assembly_gen.assembly_id       1 
_pdbx_struct_assembly_gen.oper_expression   1,2 
_pdbx_struct_assembly_gen.asym_id_list      A,B,C 
# 
loop_
_pdbx_struct_oper_list.id 
_pdbx_struct_oper_list.type 
_pdbx_struct_oper_list.name 
_pdbx_struct_oper_list.symmetry_operation 
_pdbx_struct_oper_list.matrix[1][1] 
_pdbx_struct_oper_list.matrix[1][2] 
_pdbx_struct_oper_list.matrix[1][3] 
_pdbx_struct_oper_list.vector[1] 
_pdbx_struct_oper_list.matrix[2][1] 
_pdbx_struct_oper_list.matrix[2][2] 
_pdbx_struct_oper_list.matrix[2][3] 
_pdbx_struct_oper_list.vector[2] 
_pdbx_struct_oper_list.matrix[3][1] 
_pdbx_struct_oper_list.matrix[3][2] 
_pdbx_struct_oper_list.matrix[3][3] 
_pdbx_struct_oper_list.vector[3] 
1 'identity operation'         1_555 x,y,z     1.0000000000  0.0000000000 0.0000000000 0.0000000000   0.0000000000 1.0000000000  0.0000000000 0.0000000000  0.0000000000 0.0000000000 1.0000000000  0.0000000000  
2 'crystal symmetry operation' 2_755 -x+2,-y,z -0.0530265384 0.7151432999 0.6969635908 -16.3391203668 0.7151432999 -0.4599321311 0.5263387649 10.5019460549 0.6969635908 0.5263387649 -0.4870413305 11.4242940696 
# 
_struct_biol.id   1 
# 
loop_
_struct_conf.conf_type_id 
_struct_conf.id 
_struct_conf.pdbx_PDB_helix_id 
_struct_conf.beg_label_comp_id 
_struct_conf.beg_label_asym_id 
_struct_conf.beg_label_seq_id 
_struct_conf.pdbx_beg_PDB_ins_code 
_struct_conf.end_label_comp_id 
_struct_conf.end_label_asym_id 
_struct_conf.end_label_seq_id 
_struct_conf.pdbx_end_PDB_ins_code 
_struct_conf.beg_auth_comp_id 
_struct_conf.beg_auth_asym_id 
_struct_conf.beg_auth_seq_id 
_struct_conf.end_auth_comp_id 
_struct_conf.end_auth_asym_id 
_struct_conf.end_auth_seq_id 
_struct_conf.pdbx_PDB_helix_class 
_struct_conf.details 
_struct_conf.pdbx_PDB_helix_length 
HELX_P HELX_P1 1 GLN A 13  ? VAL A 17  ? GLN A 12  VAL A 16  5 ? 5  
HELX_P HELX_P2 2 ARG A 24  ? GLY A 44  ? ARG A 23  GLY A 43  1 ? 21 
HELX_P HELX_P3 3 GLY A 126 ? GLN A 139 ? GLY A 125 GLN A 138 1 ? 14 
# 
_struct_conf_type.id          HELX_P 
_struct_conf_type.criteria    ? 
_struct_conf_type.reference   ? 
# 
loop_
_struct_conn.id 
_struct_conn.conn_type_id 
_struct_conn.pdbx_leaving_atom_flag 
_struct_conn.pdbx_PDB_id 
_struct_conn.ptnr1_label_asym_id 
_struct_conn.ptnr1_label_comp_id 
_struct_conn.ptnr1_label_seq_id 
_struct_conn.ptnr1_label_atom_id 
_struct_conn.pdbx_ptnr1_label_alt_id 
_struct_conn.pdbx_ptnr1_PDB_ins_code 
_struct_conn.pdbx_ptnr1_standard_comp_id 
_struct_conn.ptnr1_symmetry 
_struct_conn.ptnr2_label_asym_id 
_struct_conn.ptnr2_label_comp_id 
_struct_conn.ptnr2_label_seq_id 
_struct_conn.ptnr2_label_atom_id 
_struct_conn.pdbx_ptnr2_label_alt_id 
_struct_conn.pdbx_ptnr2_PDB_ins_code 
_struct_conn.ptnr1_auth_asym_id 
_struct_conn.ptnr1_auth_comp_id 
_struct_conn.ptnr1_auth_seq_id 
_struct_conn.ptnr2_auth_asym_id 
_struct_conn.ptnr2_auth_comp_id 
_struct_conn.ptnr2_auth_seq_id 
_struct_conn.ptnr2_symmetry 
_struct_conn.pdbx_ptnr3_label_atom_id 
_struct_conn.pdbx_ptnr3_label_seq_id 
_struct_conn.pdbx_ptnr3_label_comp_id 
_struct_conn.pdbx_ptnr3_label_asym_id 
_struct_conn.pdbx_ptnr3_label_alt_id 
_struct_conn.pdbx_ptnr3_PDB_ins_code 
_struct_conn.details 
_struct_conn.pdbx_dist_value 
_struct_conn.pdbx_value_order 
_struct_conn.pdbx_role 
covale1 covale both ? A GLY 1   C ? ? ? 1_555 A MSE 2   N ? ? A GLY 0   A MSE 1   1_555 ? ? ? ? ? ? ? 1.326 ? ? 
covale2 covale both ? A MSE 2   C ? ? ? 1_555 A PRO 3   N ? ? A MSE 1   A PRO 2   1_555 ? ? ? ? ? ? ? 1.348 ? ? 
covale3 covale both ? A LEU 39  C ? ? ? 1_555 A MSE 40  N ? ? A LEU 38  A MSE 39  1_555 ? ? ? ? ? ? ? 1.327 ? ? 
covale4 covale both ? A MSE 40  C ? ? ? 1_555 A ASP 41  N ? ? A MSE 39  A ASP 40  1_555 ? ? ? ? ? ? ? 1.332 ? ? 
covale5 covale both ? A GLN 110 C ? ? ? 1_555 A MSE 111 N ? ? A GLN 109 A MSE 110 1_555 ? ? ? ? ? ? ? 1.322 ? ? 
covale6 covale both ? A MSE 111 C ? ? ? 1_555 A LEU 112 N ? ? A MSE 110 A LEU 111 1_555 ? ? ? ? ? ? ? 1.324 ? ? 
covale7 covale both ? A TYR 148 C ? ? ? 1_555 A MSE 149 N ? ? A TYR 147 A MSE 148 1_555 ? ? ? ? ? ? ? 1.328 ? ? 
covale8 covale both ? A MSE 149 C ? ? ? 1_555 A GLY 150 N ? ? A MSE 148 A GLY 149 1_555 ? ? ? ? ? ? ? 1.329 ? ? 
# 
_struct_conn_type.id          covale 
_struct_conn_type.criteria    ? 
_struct_conn_type.reference   ? 
# 
loop_
_pdbx_modification_feature.ordinal 
_pdbx_modification_feature.label_comp_id 
_pdbx_modification_feature.label_asym_id 
_pdbx_modification_feature.label_seq_id 
_pdbx_modification_feature.label_alt_id 
_pdbx_modification_feature.modified_residue_label_comp_id 
_pdbx_modification_feature.modified_residue_label_asym_id 
_pdbx_modification_feature.modified_residue_label_seq_id 
_pdbx_modification_feature.modified_residue_label_alt_id 
_pdbx_modification_feature.auth_comp_id 
_pdbx_modification_feature.auth_asym_id 
_pdbx_modification_feature.auth_seq_id 
_pdbx_modification_feature.PDB_ins_code 
_pdbx_modification_feature.symmetry 
_pdbx_modification_feature.modified_residue_auth_comp_id 
_pdbx_modification_feature.modified_residue_auth_asym_id 
_pdbx_modification_feature.modified_residue_auth_seq_id 
_pdbx_modification_feature.modified_residue_PDB_ins_code 
_pdbx_modification_feature.modified_residue_symmetry 
_pdbx_modification_feature.comp_id_linking_atom 
_pdbx_modification_feature.modified_residue_id_linking_atom 
_pdbx_modification_feature.modified_residue_id 
_pdbx_modification_feature.ref_pcm_id 
_pdbx_modification_feature.ref_comp_id 
_pdbx_modification_feature.type 
_pdbx_modification_feature.category 
1 MSE A 2   ? . . . . MSE A 1   ? 1_555 . . . . . . . MET 1 MSE Selenomethionine 'Named protein modification' 
2 MSE A 40  ? . . . . MSE A 39  ? 1_555 . . . . . . . MET 1 MSE Selenomethionine 'Named protein modification' 
3 MSE A 111 ? . . . . MSE A 110 ? 1_555 . . . . . . . MET 1 MSE Selenomethionine 'Named protein modification' 
4 MSE A 149 ? . . . . MSE A 148 ? 1_555 . . . . . . . MET 1 MSE Selenomethionine 'Named protein modification' 
# 
_struct_sheet.id               A 
_struct_sheet.type             ? 
_struct_sheet.number_strands   5 
_struct_sheet.details          ? 
# 
loop_
_struct_sheet_order.sheet_id 
_struct_sheet_order.range_id_1 
_struct_sheet_order.range_id_2 
_struct_sheet_order.offset 
_struct_sheet_order.sense 
A 1 2 ? anti-parallel 
A 2 3 ? anti-parallel 
A 3 4 ? anti-parallel 
A 4 5 ? anti-parallel 
# 
loop_
_struct_sheet_range.sheet_id 
_struct_sheet_range.id 
_struct_sheet_range.beg_label_comp_id 
_struct_sheet_range.beg_label_asym_id 
_struct_sheet_range.beg_label_seq_id 
_struct_sheet_range.pdbx_beg_PDB_ins_code 
_struct_sheet_range.end_label_comp_id 
_struct_sheet_range.end_label_asym_id 
_struct_sheet_range.end_label_seq_id 
_struct_sheet_range.pdbx_end_PDB_ins_code 
_struct_sheet_range.beg_auth_comp_id 
_struct_sheet_range.beg_auth_asym_id 
_struct_sheet_range.beg_auth_seq_id 
_struct_sheet_range.end_auth_comp_id 
_struct_sheet_range.end_auth_asym_id 
_struct_sheet_range.end_auth_seq_id 
A 1 ILE A 6   ? THR A 11  ? ILE A 5   THR A 10  
A 2 GLU A 75  ? PHE A 85  ? GLU A 74  PHE A 84  
A 3 ARG A 89  ? ARG A 98  ? ARG A 88  ARG A 97  
A 4 PHE A 101 ? HIS A 114 ? PHE A 100 HIS A 113 
A 5 LEU A 57  ? TYR A 66  ? LEU A 56  TYR A 65  
# 
loop_
_pdbx_struct_sheet_hbond.sheet_id 
_pdbx_struct_sheet_hbond.range_id_1 
_pdbx_struct_sheet_hbond.range_id_2 
_pdbx_struct_sheet_hbond.range_1_label_atom_id 
_pdbx_struct_sheet_hbond.range_1_label_comp_id 
_pdbx_struct_sheet_hbond.range_1_label_asym_id 
_pdbx_struct_sheet_hbond.range_1_label_seq_id 
_pdbx_struct_sheet_hbond.range_1_PDB_ins_code 
_pdbx_struct_sheet_hbond.range_1_auth_atom_id 
_pdbx_struct_sheet_hbond.range_1_auth_comp_id 
_pdbx_struct_sheet_hbond.range_1_auth_asym_id 
_pdbx_struct_sheet_hbond.range_1_auth_seq_id 
_pdbx_struct_sheet_hbond.range_2_label_atom_id 
_pdbx_struct_sheet_hbond.range_2_label_comp_id 
_pdbx_struct_sheet_hbond.range_2_label_asym_id 
_pdbx_struct_sheet_hbond.range_2_label_seq_id 
_pdbx_struct_sheet_hbond.range_2_PDB_ins_code 
_pdbx_struct_sheet_hbond.range_2_auth_atom_id 
_pdbx_struct_sheet_hbond.range_2_auth_comp_id 
_pdbx_struct_sheet_hbond.range_2_auth_asym_id 
_pdbx_struct_sheet_hbond.range_2_auth_seq_id 
A 1 2 N THR A 10  ? N THR A 9   O VAL A 76  ? O VAL A 75  
A 2 3 N GLY A 84  ? N GLY A 83  O HIS A 91  ? O HIS A 90  
A 3 4 N LEU A 96  ? N LEU A 95  O ALA A 106 ? O ALA A 105 
A 4 5 O LEU A 113 ? O LEU A 112 N PHE A 58  ? N PHE A 57  
# 
_struct_site.id                   AC1 
_struct_site.pdbx_evidence_code   Software 
_struct_site.pdbx_auth_asym_id    A 
_struct_site.pdbx_auth_comp_id    GOL 
_struct_site.pdbx_auth_seq_id     157 
_struct_site.pdbx_auth_ins_code   ? 
_struct_site.pdbx_num_residues    9 
_struct_site.details              'BINDING SITE FOR RESIDUE GOL A 157' 
# 
loop_
_struct_site_gen.id 
_struct_site_gen.site_id 
_struct_site_gen.pdbx_num_res 
_struct_site_gen.label_comp_id 
_struct_site_gen.label_asym_id 
_struct_site_gen.label_seq_id 
_struct_site_gen.pdbx_auth_ins_code 
_struct_site_gen.auth_comp_id 
_struct_site_gen.auth_asym_id 
_struct_site_gen.auth_seq_id 
_struct_site_gen.label_atom_id 
_struct_site_gen.label_alt_id 
_struct_site_gen.symmetry 
_struct_site_gen.details 
1 AC1 9 SER A 33  ? SER A 32  . ? 1_555 ? 
2 AC1 9 THR A 36  ? THR A 35  . ? 1_555 ? 
3 AC1 9 ASP A 37  ? ASP A 36  . ? 1_555 ? 
4 AC1 9 GLY A 54  ? GLY A 53  . ? 1_555 ? 
5 AC1 9 LEU A 57  ? LEU A 56  . ? 1_555 ? 
6 AC1 9 THR A 59  ? THR A 58  . ? 1_555 ? 
7 AC1 9 LEU A 112 ? LEU A 111 . ? 1_555 ? 
8 AC1 9 HOH C .   ? HOH A 195 . ? 2_755 ? 
9 AC1 9 HOH C .   ? HOH A 198 . ? 2_755 ? 
# 
_pdbx_entry_details.entry_id                   2HLJ 
_pdbx_entry_details.compound_details           ? 
_pdbx_entry_details.source_details             ? 
_pdbx_entry_details.nonpolymer_details         ? 
_pdbx_entry_details.sequence_details           ? 
_pdbx_entry_details.has_ligand_of_interest     ? 
_pdbx_entry_details.has_protein_modification   Y 
# 
loop_
_pdbx_validate_torsion.id 
_pdbx_validate_torsion.PDB_model_num 
_pdbx_validate_torsion.auth_comp_id 
_pdbx_validate_torsion.auth_asym_id 
_pdbx_validate_torsion.auth_seq_id 
_pdbx_validate_torsion.PDB_ins_code 
_pdbx_validate_torsion.label_alt_id 
_pdbx_validate_torsion.phi 
_pdbx_validate_torsion.psi 
1 1 ASP A 85  ? ? -125.89 -152.47 
2 1 ASP A 101 ? ? -104.54 47.15   
# 
_pdbx_SG_project.project_name          'PSI, Protein Structure Initiative' 
_pdbx_SG_project.full_name_of_center   'Joint Center for Structural Genomics' 
_pdbx_SG_project.id                    1 
_pdbx_SG_project.initial_of_center     JCSG 
# 
loop_
_pdbx_struct_mod_residue.id 
_pdbx_struct_mod_residue.label_asym_id 
_pdbx_struct_mod_residue.label_comp_id 
_pdbx_struct_mod_residue.label_seq_id 
_pdbx_struct_mod_residue.auth_asym_id 
_pdbx_struct_mod_residue.auth_comp_id 
_pdbx_struct_mod_residue.auth_seq_id 
_pdbx_struct_mod_residue.PDB_ins_code 
_pdbx_struct_mod_residue.parent_comp_id 
_pdbx_struct_mod_residue.details 
1 A MSE 2   A MSE 1   ? MET SELENOMETHIONINE 
2 A MSE 40  A MSE 39  ? MET SELENOMETHIONINE 
3 A MSE 111 A MSE 110 ? MET SELENOMETHIONINE 
4 A MSE 149 A MSE 148 ? MET SELENOMETHIONINE 
# 
_pdbx_refine_tls.id               1 
_pdbx_refine_tls.details          ? 
_pdbx_refine_tls.method           refined 
_pdbx_refine_tls.origin_x         -0.3105 
_pdbx_refine_tls.origin_y         0.3707 
_pdbx_refine_tls.origin_z         0.3439 
_pdbx_refine_tls.T[1][1]          -0.0449 
_pdbx_refine_tls.T[2][2]          -0.0498 
_pdbx_refine_tls.T[3][3]          -0.0333 
_pdbx_refine_tls.T[1][2]          0.0179 
_pdbx_refine_tls.T[1][3]          0.0051 
_pdbx_refine_tls.T[2][3]          -0.0040 
_pdbx_refine_tls.L[1][1]          1.1752 
_pdbx_refine_tls.L[2][2]          0.7481 
_pdbx_refine_tls.L[3][3]          1.3966 
_pdbx_refine_tls.L[1][2]          -0.2624 
_pdbx_refine_tls.L[1][3]          -0.4336 
_pdbx_refine_tls.L[2][3]          0.0422 
_pdbx_refine_tls.S[1][1]          0.0137 
_pdbx_refine_tls.S[2][2]          -0.0758 
_pdbx_refine_tls.S[3][3]          0.0622 
_pdbx_refine_tls.S[1][2]          0.0972 
_pdbx_refine_tls.S[1][3]          -0.0405 
_pdbx_refine_tls.S[2][3]          0.0278 
_pdbx_refine_tls.S[2][1]          -0.0658 
_pdbx_refine_tls.S[3][1]          0.0523 
_pdbx_refine_tls.S[3][2]          -0.0485 
_pdbx_refine_tls.pdbx_refine_id   'X-RAY DIFFRACTION' 
# 
_pdbx_refine_tls_group.id                  1 
_pdbx_refine_tls_group.refine_tls_id       1 
_pdbx_refine_tls_group.beg_label_asym_id   A 
_pdbx_refine_tls_group.beg_label_seq_id    1 
_pdbx_refine_tls_group.end_label_asym_id   A 
_pdbx_refine_tls_group.end_label_seq_id    157 
_pdbx_refine_tls_group.selection           ALL 
_pdbx_refine_tls_group.beg_auth_asym_id    A 
_pdbx_refine_tls_group.beg_auth_seq_id     0 
_pdbx_refine_tls_group.end_auth_asym_id    A 
_pdbx_refine_tls_group.end_auth_seq_id     156 
_pdbx_refine_tls_group.pdbx_refine_id      'X-RAY DIFFRACTION' 
_pdbx_refine_tls_group.selection_details   ? 
# 
_phasing.method   MAD 
# 
_pdbx_database_remark.id     999 
_pdbx_database_remark.text   
;SEQUENCE
THE CONSTRUCT WAS EXPRESSED WITH A PURIFICATION
TAG MGSDKIHHHHHHENLYFQG. THE TAG WAS REMOVED WITH TEV 
PROTEASE LEAVING ONLY A GLYCINE (0) FOLLOWED BY THE TARGET 
SEQUENCE.
;
# 
loop_
_pdbx_unobs_or_zero_occ_residues.id 
_pdbx_unobs_or_zero_occ_residues.PDB_model_num 
_pdbx_unobs_or_zero_occ_residues.polymer_flag 
_pdbx_unobs_or_zero_occ_residues.occupancy_flag 
_pdbx_unobs_or_zero_occ_residues.auth_asym_id 
_pdbx_unobs_or_zero_occ_residues.auth_comp_id 
_pdbx_unobs_or_zero_occ_residues.auth_seq_id 
_pdbx_unobs_or_zero_occ_residues.PDB_ins_code 
_pdbx_unobs_or_zero_occ_residues.label_asym_id 
_pdbx_unobs_or_zero_occ_residues.label_comp_id 
_pdbx_unobs_or_zero_occ_residues.label_seq_id 
1 1 Y 1 A ALA 117 ? A ALA 118 
2 1 Y 1 A GLY 118 ? A GLY 119 
3 1 Y 1 A PRO 119 ? A PRO 120 
# 
loop_
_chem_comp_atom.comp_id 
_chem_comp_atom.atom_id 
_chem_comp_atom.type_symbol 
_chem_comp_atom.pdbx_aromatic_flag 
_chem_comp_atom.pdbx_stereo_config 
_chem_comp_atom.pdbx_ordinal 
ALA N    N  N N 1   
ALA CA   C  N S 2   
ALA C    C  N N 3   
ALA O    O  N N 4   
ALA CB   C  N N 5   
ALA OXT  O  N N 6   
ALA H    H  N N 7   
ALA H2   H  N N 8   
ALA HA   H  N N 9   
ALA HB1  H  N N 10  
ALA HB2  H  N N 11  
ALA HB3  H  N N 12  
ALA HXT  H  N N 13  
ARG N    N  N N 14  
ARG CA   C  N S 15  
ARG C    C  N N 16  
ARG O    O  N N 17  
ARG CB   C  N N 18  
ARG CG   C  N N 19  
ARG CD   C  N N 20  
ARG NE   N  N N 21  
ARG CZ   C  N N 22  
ARG NH1  N  N N 23  
ARG NH2  N  N N 24  
ARG OXT  O  N N 25  
ARG H    H  N N 26  
ARG H2   H  N N 27  
ARG HA   H  N N 28  
ARG HB2  H  N N 29  
ARG HB3  H  N N 30  
ARG HG2  H  N N 31  
ARG HG3  H  N N 32  
ARG HD2  H  N N 33  
ARG HD3  H  N N 34  
ARG HE   H  N N 35  
ARG HH11 H  N N 36  
ARG HH12 H  N N 37  
ARG HH21 H  N N 38  
ARG HH22 H  N N 39  
ARG HXT  H  N N 40  
ASN N    N  N N 41  
ASN CA   C  N S 42  
ASN C    C  N N 43  
ASN O    O  N N 44  
ASN CB   C  N N 45  
ASN CG   C  N N 46  
ASN OD1  O  N N 47  
ASN ND2  N  N N 48  
ASN OXT  O  N N 49  
ASN H    H  N N 50  
ASN H2   H  N N 51  
ASN HA   H  N N 52  
ASN HB2  H  N N 53  
ASN HB3  H  N N 54  
ASN HD21 H  N N 55  
ASN HD22 H  N N 56  
ASN HXT  H  N N 57  
ASP N    N  N N 58  
ASP CA   C  N S 59  
ASP C    C  N N 60  
ASP O    O  N N 61  
ASP CB   C  N N 62  
ASP CG   C  N N 63  
ASP OD1  O  N N 64  
ASP OD2  O  N N 65  
ASP OXT  O  N N 66  
ASP H    H  N N 67  
ASP H2   H  N N 68  
ASP HA   H  N N 69  
ASP HB2  H  N N 70  
ASP HB3  H  N N 71  
ASP HD2  H  N N 72  
ASP HXT  H  N N 73  
CYS N    N  N N 74  
CYS CA   C  N R 75  
CYS C    C  N N 76  
CYS O    O  N N 77  
CYS CB   C  N N 78  
CYS SG   S  N N 79  
CYS OXT  O  N N 80  
CYS H    H  N N 81  
CYS H2   H  N N 82  
CYS HA   H  N N 83  
CYS HB2  H  N N 84  
CYS HB3  H  N N 85  
CYS HG   H  N N 86  
CYS HXT  H  N N 87  
GLN N    N  N N 88  
GLN CA   C  N S 89  
GLN C    C  N N 90  
GLN O    O  N N 91  
GLN CB   C  N N 92  
GLN CG   C  N N 93  
GLN CD   C  N N 94  
GLN OE1  O  N N 95  
GLN NE2  N  N N 96  
GLN OXT  O  N N 97  
GLN H    H  N N 98  
GLN H2   H  N N 99  
GLN HA   H  N N 100 
GLN HB2  H  N N 101 
GLN HB3  H  N N 102 
GLN HG2  H  N N 103 
GLN HG3  H  N N 104 
GLN HE21 H  N N 105 
GLN HE22 H  N N 106 
GLN HXT  H  N N 107 
GLU N    N  N N 108 
GLU CA   C  N S 109 
GLU C    C  N N 110 
GLU O    O  N N 111 
GLU CB   C  N N 112 
GLU CG   C  N N 113 
GLU CD   C  N N 114 
GLU OE1  O  N N 115 
GLU OE2  O  N N 116 
GLU OXT  O  N N 117 
GLU H    H  N N 118 
GLU H2   H  N N 119 
GLU HA   H  N N 120 
GLU HB2  H  N N 121 
GLU HB3  H  N N 122 
GLU HG2  H  N N 123 
GLU HG3  H  N N 124 
GLU HE2  H  N N 125 
GLU HXT  H  N N 126 
GLY N    N  N N 127 
GLY CA   C  N N 128 
GLY C    C  N N 129 
GLY O    O  N N 130 
GLY OXT  O  N N 131 
GLY H    H  N N 132 
GLY H2   H  N N 133 
GLY HA2  H  N N 134 
GLY HA3  H  N N 135 
GLY HXT  H  N N 136 
GOL C1   C  N N 137 
GOL O1   O  N N 138 
GOL C2   C  N N 139 
GOL O2   O  N N 140 
GOL C3   C  N N 141 
GOL O3   O  N N 142 
GOL H11  H  N N 143 
GOL H12  H  N N 144 
GOL HO1  H  N N 145 
GOL H2   H  N N 146 
GOL HO2  H  N N 147 
GOL H31  H  N N 148 
GOL H32  H  N N 149 
GOL HO3  H  N N 150 
HIS N    N  N N 151 
HIS CA   C  N S 152 
HIS C    C  N N 153 
HIS O    O  N N 154 
HIS CB   C  N N 155 
HIS CG   C  Y N 156 
HIS ND1  N  Y N 157 
HIS CD2  C  Y N 158 
HIS CE1  C  Y N 159 
HIS NE2  N  Y N 160 
HIS OXT  O  N N 161 
HIS H    H  N N 162 
HIS H2   H  N N 163 
HIS HA   H  N N 164 
HIS HB2  H  N N 165 
HIS HB3  H  N N 166 
HIS HD1  H  N N 167 
HIS HD2  H  N N 168 
HIS HE1  H  N N 169 
HIS HE2  H  N N 170 
HIS HXT  H  N N 171 
HOH O    O  N N 172 
HOH H1   H  N N 173 
HOH H2   H  N N 174 
ILE N    N  N N 175 
ILE CA   C  N S 176 
ILE C    C  N N 177 
ILE O    O  N N 178 
ILE CB   C  N S 179 
ILE CG1  C  N N 180 
ILE CG2  C  N N 181 
ILE CD1  C  N N 182 
ILE OXT  O  N N 183 
ILE H    H  N N 184 
ILE H2   H  N N 185 
ILE HA   H  N N 186 
ILE HB   H  N N 187 
ILE HG12 H  N N 188 
ILE HG13 H  N N 189 
ILE HG21 H  N N 190 
ILE HG22 H  N N 191 
ILE HG23 H  N N 192 
ILE HD11 H  N N 193 
ILE HD12 H  N N 194 
ILE HD13 H  N N 195 
ILE HXT  H  N N 196 
LEU N    N  N N 197 
LEU CA   C  N S 198 
LEU C    C  N N 199 
LEU O    O  N N 200 
LEU CB   C  N N 201 
LEU CG   C  N N 202 
LEU CD1  C  N N 203 
LEU CD2  C  N N 204 
LEU OXT  O  N N 205 
LEU H    H  N N 206 
LEU H2   H  N N 207 
LEU HA   H  N N 208 
LEU HB2  H  N N 209 
LEU HB3  H  N N 210 
LEU HG   H  N N 211 
LEU HD11 H  N N 212 
LEU HD12 H  N N 213 
LEU HD13 H  N N 214 
LEU HD21 H  N N 215 
LEU HD22 H  N N 216 
LEU HD23 H  N N 217 
LEU HXT  H  N N 218 
LYS N    N  N N 219 
LYS CA   C  N S 220 
LYS C    C  N N 221 
LYS O    O  N N 222 
LYS CB   C  N N 223 
LYS CG   C  N N 224 
LYS CD   C  N N 225 
LYS CE   C  N N 226 
LYS NZ   N  N N 227 
LYS OXT  O  N N 228 
LYS H    H  N N 229 
LYS H2   H  N N 230 
LYS HA   H  N N 231 
LYS HB2  H  N N 232 
LYS HB3  H  N N 233 
LYS HG2  H  N N 234 
LYS HG3  H  N N 235 
LYS HD2  H  N N 236 
LYS HD3  H  N N 237 
LYS HE2  H  N N 238 
LYS HE3  H  N N 239 
LYS HZ1  H  N N 240 
LYS HZ2  H  N N 241 
LYS HZ3  H  N N 242 
LYS HXT  H  N N 243 
MET N    N  N N 244 
MET CA   C  N S 245 
MET C    C  N N 246 
MET O    O  N N 247 
MET CB   C  N N 248 
MET CG   C  N N 249 
MET SD   S  N N 250 
MET CE   C  N N 251 
MET OXT  O  N N 252 
MET H    H  N N 253 
MET H2   H  N N 254 
MET HA   H  N N 255 
MET HB2  H  N N 256 
MET HB3  H  N N 257 
MET HG2  H  N N 258 
MET HG3  H  N N 259 
MET HE1  H  N N 260 
MET HE2  H  N N 261 
MET HE3  H  N N 262 
MET HXT  H  N N 263 
MSE N    N  N N 264 
MSE CA   C  N S 265 
MSE C    C  N N 266 
MSE O    O  N N 267 
MSE OXT  O  N N 268 
MSE CB   C  N N 269 
MSE CG   C  N N 270 
MSE SE   SE N N 271 
MSE CE   C  N N 272 
MSE H    H  N N 273 
MSE H2   H  N N 274 
MSE HA   H  N N 275 
MSE HXT  H  N N 276 
MSE HB2  H  N N 277 
MSE HB3  H  N N 278 
MSE HG2  H  N N 279 
MSE HG3  H  N N 280 
MSE HE1  H  N N 281 
MSE HE2  H  N N 282 
MSE HE3  H  N N 283 
PHE N    N  N N 284 
PHE CA   C  N S 285 
PHE C    C  N N 286 
PHE O    O  N N 287 
PHE CB   C  N N 288 
PHE CG   C  Y N 289 
PHE CD1  C  Y N 290 
PHE CD2  C  Y N 291 
PHE CE1  C  Y N 292 
PHE CE2  C  Y N 293 
PHE CZ   C  Y N 294 
PHE OXT  O  N N 295 
PHE H    H  N N 296 
PHE H2   H  N N 297 
PHE HA   H  N N 298 
PHE HB2  H  N N 299 
PHE HB3  H  N N 300 
PHE HD1  H  N N 301 
PHE HD2  H  N N 302 
PHE HE1  H  N N 303 
PHE HE2  H  N N 304 
PHE HZ   H  N N 305 
PHE HXT  H  N N 306 
PRO N    N  N N 307 
PRO CA   C  N S 308 
PRO C    C  N N 309 
PRO O    O  N N 310 
PRO CB   C  N N 311 
PRO CG   C  N N 312 
PRO CD   C  N N 313 
PRO OXT  O  N N 314 
PRO H    H  N N 315 
PRO HA   H  N N 316 
PRO HB2  H  N N 317 
PRO HB3  H  N N 318 
PRO HG2  H  N N 319 
PRO HG3  H  N N 320 
PRO HD2  H  N N 321 
PRO HD3  H  N N 322 
PRO HXT  H  N N 323 
SER N    N  N N 324 
SER CA   C  N S 325 
SER C    C  N N 326 
SER O    O  N N 327 
SER CB   C  N N 328 
SER OG   O  N N 329 
SER OXT  O  N N 330 
SER H    H  N N 331 
SER H2   H  N N 332 
SER HA   H  N N 333 
SER HB2  H  N N 334 
SER HB3  H  N N 335 
SER HG   H  N N 336 
SER HXT  H  N N 337 
THR N    N  N N 338 
THR CA   C  N S 339 
THR C    C  N N 340 
THR O    O  N N 341 
THR CB   C  N R 342 
THR OG1  O  N N 343 
THR CG2  C  N N 344 
THR OXT  O  N N 345 
THR H    H  N N 346 
THR H2   H  N N 347 
THR HA   H  N N 348 
THR HB   H  N N 349 
THR HG1  H  N N 350 
THR HG21 H  N N 351 
THR HG22 H  N N 352 
THR HG23 H  N N 353 
THR HXT  H  N N 354 
TRP N    N  N N 355 
TRP CA   C  N S 356 
TRP C    C  N N 357 
TRP O    O  N N 358 
TRP CB   C  N N 359 
TRP CG   C  Y N 360 
TRP CD1  C  Y N 361 
TRP CD2  C  Y N 362 
TRP NE1  N  Y N 363 
TRP CE2  C  Y N 364 
TRP CE3  C  Y N 365 
TRP CZ2  C  Y N 366 
TRP CZ3  C  Y N 367 
TRP CH2  C  Y N 368 
TRP OXT  O  N N 369 
TRP H    H  N N 370 
TRP H2   H  N N 371 
TRP HA   H  N N 372 
TRP HB2  H  N N 373 
TRP HB3  H  N N 374 
TRP HD1  H  N N 375 
TRP HE1  H  N N 376 
TRP HE3  H  N N 377 
TRP HZ2  H  N N 378 
TRP HZ3  H  N N 379 
TRP HH2  H  N N 380 
TRP HXT  H  N N 381 
TYR N    N  N N 382 
TYR CA   C  N S 383 
TYR C    C  N N 384 
TYR O    O  N N 385 
TYR CB   C  N N 386 
TYR CG   C  Y N 387 
TYR CD1  C  Y N 388 
TYR CD2  C  Y N 389 
TYR CE1  C  Y N 390 
TYR CE2  C  Y N 391 
TYR CZ   C  Y N 392 
TYR OH   O  N N 393 
TYR OXT  O  N N 394 
TYR H    H  N N 395 
TYR H2   H  N N 396 
TYR HA   H  N N 397 
TYR HB2  H  N N 398 
TYR HB3  H  N N 399 
TYR HD1  H  N N 400 
TYR HD2  H  N N 401 
TYR HE1  H  N N 402 
TYR HE2  H  N N 403 
TYR HH   H  N N 404 
TYR HXT  H  N N 405 
VAL N    N  N N 406 
VAL CA   C  N S 407 
VAL C    C  N N 408 
VAL O    O  N N 409 
VAL CB   C  N N 410 
VAL CG1  C  N N 411 
VAL CG2  C  N N 412 
VAL OXT  O  N N 413 
VAL H    H  N N 414 
VAL H2   H  N N 415 
VAL HA   H  N N 416 
VAL HB   H  N N 417 
VAL HG11 H  N N 418 
VAL HG12 H  N N 419 
VAL HG13 H  N N 420 
VAL HG21 H  N N 421 
VAL HG22 H  N N 422 
VAL HG23 H  N N 423 
VAL HXT  H  N N 424 
# 
loop_
_chem_comp_bond.comp_id 
_chem_comp_bond.atom_id_1 
_chem_comp_bond.atom_id_2 
_chem_comp_bond.value_order 
_chem_comp_bond.pdbx_aromatic_flag 
_chem_comp_bond.pdbx_stereo_config 
_chem_comp_bond.pdbx_ordinal 
ALA N   CA   sing N N 1   
ALA N   H    sing N N 2   
ALA N   H2   sing N N 3   
ALA CA  C    sing N N 4   
ALA CA  CB   sing N N 5   
ALA CA  HA   sing N N 6   
ALA C   O    doub N N 7   
ALA C   OXT  sing N N 8   
ALA CB  HB1  sing N N 9   
ALA CB  HB2  sing N N 10  
ALA CB  HB3  sing N N 11  
ALA OXT HXT  sing N N 12  
ARG N   CA   sing N N 13  
ARG N   H    sing N N 14  
ARG N   H2   sing N N 15  
ARG CA  C    sing N N 16  
ARG CA  CB   sing N N 17  
ARG CA  HA   sing N N 18  
ARG C   O    doub N N 19  
ARG C   OXT  sing N N 20  
ARG CB  CG   sing N N 21  
ARG CB  HB2  sing N N 22  
ARG CB  HB3  sing N N 23  
ARG CG  CD   sing N N 24  
ARG CG  HG2  sing N N 25  
ARG CG  HG3  sing N N 26  
ARG CD  NE   sing N N 27  
ARG CD  HD2  sing N N 28  
ARG CD  HD3  sing N N 29  
ARG NE  CZ   sing N N 30  
ARG NE  HE   sing N N 31  
ARG CZ  NH1  sing N N 32  
ARG CZ  NH2  doub N N 33  
ARG NH1 HH11 sing N N 34  
ARG NH1 HH12 sing N N 35  
ARG NH2 HH21 sing N N 36  
ARG NH2 HH22 sing N N 37  
ARG OXT HXT  sing N N 38  
ASN N   CA   sing N N 39  
ASN N   H    sing N N 40  
ASN N   H2   sing N N 41  
ASN CA  C    sing N N 42  
ASN CA  CB   sing N N 43  
ASN CA  HA   sing N N 44  
ASN C   O    doub N N 45  
ASN C   OXT  sing N N 46  
ASN CB  CG   sing N N 47  
ASN CB  HB2  sing N N 48  
ASN CB  HB3  sing N N 49  
ASN CG  OD1  doub N N 50  
ASN CG  ND2  sing N N 51  
ASN ND2 HD21 sing N N 52  
ASN ND2 HD22 sing N N 53  
ASN OXT HXT  sing N N 54  
ASP N   CA   sing N N 55  
ASP N   H    sing N N 56  
ASP N   H2   sing N N 57  
ASP CA  C    sing N N 58  
ASP CA  CB   sing N N 59  
ASP CA  HA   sing N N 60  
ASP C   O    doub N N 61  
ASP C   OXT  sing N N 62  
ASP CB  CG   sing N N 63  
ASP CB  HB2  sing N N 64  
ASP CB  HB3  sing N N 65  
ASP CG  OD1  doub N N 66  
ASP CG  OD2  sing N N 67  
ASP OD2 HD2  sing N N 68  
ASP OXT HXT  sing N N 69  
CYS N   CA   sing N N 70  
CYS N   H    sing N N 71  
CYS N   H2   sing N N 72  
CYS CA  C    sing N N 73  
CYS CA  CB   sing N N 74  
CYS CA  HA   sing N N 75  
CYS C   O    doub N N 76  
CYS C   OXT  sing N N 77  
CYS CB  SG   sing N N 78  
CYS CB  HB2  sing N N 79  
CYS CB  HB3  sing N N 80  
CYS SG  HG   sing N N 81  
CYS OXT HXT  sing N N 82  
GLN N   CA   sing N N 83  
GLN N   H    sing N N 84  
GLN N   H2   sing N N 85  
GLN CA  C    sing N N 86  
GLN CA  CB   sing N N 87  
GLN CA  HA   sing N N 88  
GLN C   O    doub N N 89  
GLN C   OXT  sing N N 90  
GLN CB  CG   sing N N 91  
GLN CB  HB2  sing N N 92  
GLN CB  HB3  sing N N 93  
GLN CG  CD   sing N N 94  
GLN CG  HG2  sing N N 95  
GLN CG  HG3  sing N N 96  
GLN CD  OE1  doub N N 97  
GLN CD  NE2  sing N N 98  
GLN NE2 HE21 sing N N 99  
GLN NE2 HE22 sing N N 100 
GLN OXT HXT  sing N N 101 
GLU N   CA   sing N N 102 
GLU N   H    sing N N 103 
GLU N   H2   sing N N 104 
GLU CA  C    sing N N 105 
GLU CA  CB   sing N N 106 
GLU CA  HA   sing N N 107 
GLU C   O    doub N N 108 
GLU C   OXT  sing N N 109 
GLU CB  CG   sing N N 110 
GLU CB  HB2  sing N N 111 
GLU CB  HB3  sing N N 112 
GLU CG  CD   sing N N 113 
GLU CG  HG2  sing N N 114 
GLU CG  HG3  sing N N 115 
GLU CD  OE1  doub N N 116 
GLU CD  OE2  sing N N 117 
GLU OE2 HE2  sing N N 118 
GLU OXT HXT  sing N N 119 
GLY N   CA   sing N N 120 
GLY N   H    sing N N 121 
GLY N   H2   sing N N 122 
GLY CA  C    sing N N 123 
GLY CA  HA2  sing N N 124 
GLY CA  HA3  sing N N 125 
GLY C   O    doub N N 126 
GLY C   OXT  sing N N 127 
GLY OXT HXT  sing N N 128 
GOL C1  O1   sing N N 129 
GOL C1  C2   sing N N 130 
GOL C1  H11  sing N N 131 
GOL C1  H12  sing N N 132 
GOL O1  HO1  sing N N 133 
GOL C2  O2   sing N N 134 
GOL C2  C3   sing N N 135 
GOL C2  H2   sing N N 136 
GOL O2  HO2  sing N N 137 
GOL C3  O3   sing N N 138 
GOL C3  H31  sing N N 139 
GOL C3  H32  sing N N 140 
GOL O3  HO3  sing N N 141 
HIS N   CA   sing N N 142 
HIS N   H    sing N N 143 
HIS N   H2   sing N N 144 
HIS CA  C    sing N N 145 
HIS CA  CB   sing N N 146 
HIS CA  HA   sing N N 147 
HIS C   O    doub N N 148 
HIS C   OXT  sing N N 149 
HIS CB  CG   sing N N 150 
HIS CB  HB2  sing N N 151 
HIS CB  HB3  sing N N 152 
HIS CG  ND1  sing Y N 153 
HIS CG  CD2  doub Y N 154 
HIS ND1 CE1  doub Y N 155 
HIS ND1 HD1  sing N N 156 
HIS CD2 NE2  sing Y N 157 
HIS CD2 HD2  sing N N 158 
HIS CE1 NE2  sing Y N 159 
HIS CE1 HE1  sing N N 160 
HIS NE2 HE2  sing N N 161 
HIS OXT HXT  sing N N 162 
HOH O   H1   sing N N 163 
HOH O   H2   sing N N 164 
ILE N   CA   sing N N 165 
ILE N   H    sing N N 166 
ILE N   H2   sing N N 167 
ILE CA  C    sing N N 168 
ILE CA  CB   sing N N 169 
ILE CA  HA   sing N N 170 
ILE C   O    doub N N 171 
ILE C   OXT  sing N N 172 
ILE CB  CG1  sing N N 173 
ILE CB  CG2  sing N N 174 
ILE CB  HB   sing N N 175 
ILE CG1 CD1  sing N N 176 
ILE CG1 HG12 sing N N 177 
ILE CG1 HG13 sing N N 178 
ILE CG2 HG21 sing N N 179 
ILE CG2 HG22 sing N N 180 
ILE CG2 HG23 sing N N 181 
ILE CD1 HD11 sing N N 182 
ILE CD1 HD12 sing N N 183 
ILE CD1 HD13 sing N N 184 
ILE OXT HXT  sing N N 185 
LEU N   CA   sing N N 186 
LEU N   H    sing N N 187 
LEU N   H2   sing N N 188 
LEU CA  C    sing N N 189 
LEU CA  CB   sing N N 190 
LEU CA  HA   sing N N 191 
LEU C   O    doub N N 192 
LEU C   OXT  sing N N 193 
LEU CB  CG   sing N N 194 
LEU CB  HB2  sing N N 195 
LEU CB  HB3  sing N N 196 
LEU CG  CD1  sing N N 197 
LEU CG  CD2  sing N N 198 
LEU CG  HG   sing N N 199 
LEU CD1 HD11 sing N N 200 
LEU CD1 HD12 sing N N 201 
LEU CD1 HD13 sing N N 202 
LEU CD2 HD21 sing N N 203 
LEU CD2 HD22 sing N N 204 
LEU CD2 HD23 sing N N 205 
LEU OXT HXT  sing N N 206 
LYS N   CA   sing N N 207 
LYS N   H    sing N N 208 
LYS N   H2   sing N N 209 
LYS CA  C    sing N N 210 
LYS CA  CB   sing N N 211 
LYS CA  HA   sing N N 212 
LYS C   O    doub N N 213 
LYS C   OXT  sing N N 214 
LYS CB  CG   sing N N 215 
LYS CB  HB2  sing N N 216 
LYS CB  HB3  sing N N 217 
LYS CG  CD   sing N N 218 
LYS CG  HG2  sing N N 219 
LYS CG  HG3  sing N N 220 
LYS CD  CE   sing N N 221 
LYS CD  HD2  sing N N 222 
LYS CD  HD3  sing N N 223 
LYS CE  NZ   sing N N 224 
LYS CE  HE2  sing N N 225 
LYS CE  HE3  sing N N 226 
LYS NZ  HZ1  sing N N 227 
LYS NZ  HZ2  sing N N 228 
LYS NZ  HZ3  sing N N 229 
LYS OXT HXT  sing N N 230 
MET N   CA   sing N N 231 
MET N   H    sing N N 232 
MET N   H2   sing N N 233 
MET CA  C    sing N N 234 
MET CA  CB   sing N N 235 
MET CA  HA   sing N N 236 
MET C   O    doub N N 237 
MET C   OXT  sing N N 238 
MET CB  CG   sing N N 239 
MET CB  HB2  sing N N 240 
MET CB  HB3  sing N N 241 
MET CG  SD   sing N N 242 
MET CG  HG2  sing N N 243 
MET CG  HG3  sing N N 244 
MET SD  CE   sing N N 245 
MET CE  HE1  sing N N 246 
MET CE  HE2  sing N N 247 
MET CE  HE3  sing N N 248 
MET OXT HXT  sing N N 249 
MSE N   CA   sing N N 250 
MSE N   H    sing N N 251 
MSE N   H2   sing N N 252 
MSE CA  C    sing N N 253 
MSE CA  CB   sing N N 254 
MSE CA  HA   sing N N 255 
MSE C   O    doub N N 256 
MSE C   OXT  sing N N 257 
MSE OXT HXT  sing N N 258 
MSE CB  CG   sing N N 259 
MSE CB  HB2  sing N N 260 
MSE CB  HB3  sing N N 261 
MSE CG  SE   sing N N 262 
MSE CG  HG2  sing N N 263 
MSE CG  HG3  sing N N 264 
MSE SE  CE   sing N N 265 
MSE CE  HE1  sing N N 266 
MSE CE  HE2  sing N N 267 
MSE CE  HE3  sing N N 268 
PHE N   CA   sing N N 269 
PHE N   H    sing N N 270 
PHE N   H2   sing N N 271 
PHE CA  C    sing N N 272 
PHE CA  CB   sing N N 273 
PHE CA  HA   sing N N 274 
PHE C   O    doub N N 275 
PHE C   OXT  sing N N 276 
PHE CB  CG   sing N N 277 
PHE CB  HB2  sing N N 278 
PHE CB  HB3  sing N N 279 
PHE CG  CD1  doub Y N 280 
PHE CG  CD2  sing Y N 281 
PHE CD1 CE1  sing Y N 282 
PHE CD1 HD1  sing N N 283 
PHE CD2 CE2  doub Y N 284 
PHE CD2 HD2  sing N N 285 
PHE CE1 CZ   doub Y N 286 
PHE CE1 HE1  sing N N 287 
PHE CE2 CZ   sing Y N 288 
PHE CE2 HE2  sing N N 289 
PHE CZ  HZ   sing N N 290 
PHE OXT HXT  sing N N 291 
PRO N   CA   sing N N 292 
PRO N   CD   sing N N 293 
PRO N   H    sing N N 294 
PRO CA  C    sing N N 295 
PRO CA  CB   sing N N 296 
PRO CA  HA   sing N N 297 
PRO C   O    doub N N 298 
PRO C   OXT  sing N N 299 
PRO CB  CG   sing N N 300 
PRO CB  HB2  sing N N 301 
PRO CB  HB3  sing N N 302 
PRO CG  CD   sing N N 303 
PRO CG  HG2  sing N N 304 
PRO CG  HG3  sing N N 305 
PRO CD  HD2  sing N N 306 
PRO CD  HD3  sing N N 307 
PRO OXT HXT  sing N N 308 
SER N   CA   sing N N 309 
SER N   H    sing N N 310 
SER N   H2   sing N N 311 
SER CA  C    sing N N 312 
SER CA  CB   sing N N 313 
SER CA  HA   sing N N 314 
SER C   O    doub N N 315 
SER C   OXT  sing N N 316 
SER CB  OG   sing N N 317 
SER CB  HB2  sing N N 318 
SER CB  HB3  sing N N 319 
SER OG  HG   sing N N 320 
SER OXT HXT  sing N N 321 
THR N   CA   sing N N 322 
THR N   H    sing N N 323 
THR N   H2   sing N N 324 
THR CA  C    sing N N 325 
THR CA  CB   sing N N 326 
THR CA  HA   sing N N 327 
THR C   O    doub N N 328 
THR C   OXT  sing N N 329 
THR CB  OG1  sing N N 330 
THR CB  CG2  sing N N 331 
THR CB  HB   sing N N 332 
THR OG1 HG1  sing N N 333 
THR CG2 HG21 sing N N 334 
THR CG2 HG22 sing N N 335 
THR CG2 HG23 sing N N 336 
THR OXT HXT  sing N N 337 
TRP N   CA   sing N N 338 
TRP N   H    sing N N 339 
TRP N   H2   sing N N 340 
TRP CA  C    sing N N 341 
TRP CA  CB   sing N N 342 
TRP CA  HA   sing N N 343 
TRP C   O    doub N N 344 
TRP C   OXT  sing N N 345 
TRP CB  CG   sing N N 346 
TRP CB  HB2  sing N N 347 
TRP CB  HB3  sing N N 348 
TRP CG  CD1  doub Y N 349 
TRP CG  CD2  sing Y N 350 
TRP CD1 NE1  sing Y N 351 
TRP CD1 HD1  sing N N 352 
TRP CD2 CE2  doub Y N 353 
TRP CD2 CE3  sing Y N 354 
TRP NE1 CE2  sing Y N 355 
TRP NE1 HE1  sing N N 356 
TRP CE2 CZ2  sing Y N 357 
TRP CE3 CZ3  doub Y N 358 
TRP CE3 HE3  sing N N 359 
TRP CZ2 CH2  doub Y N 360 
TRP CZ2 HZ2  sing N N 361 
TRP CZ3 CH2  sing Y N 362 
TRP CZ3 HZ3  sing N N 363 
TRP CH2 HH2  sing N N 364 
TRP OXT HXT  sing N N 365 
TYR N   CA   sing N N 366 
TYR N   H    sing N N 367 
TYR N   H2   sing N N 368 
TYR CA  C    sing N N 369 
TYR CA  CB   sing N N 370 
TYR CA  HA   sing N N 371 
TYR C   O    doub N N 372 
TYR C   OXT  sing N N 373 
TYR CB  CG   sing N N 374 
TYR CB  HB2  sing N N 375 
TYR CB  HB3  sing N N 376 
TYR CG  CD1  doub Y N 377 
TYR CG  CD2  sing Y N 378 
TYR CD1 CE1  sing Y N 379 
TYR CD1 HD1  sing N N 380 
TYR CD2 CE2  doub Y N 381 
TYR CD2 HD2  sing N N 382 
TYR CE1 CZ   doub Y N 383 
TYR CE1 HE1  sing N N 384 
TYR CE2 CZ   sing Y N 385 
TYR CE2 HE2  sing N N 386 
TYR CZ  OH   sing N N 387 
TYR OH  HH   sing N N 388 
TYR OXT HXT  sing N N 389 
VAL N   CA   sing N N 390 
VAL N   H    sing N N 391 
VAL N   H2   sing N N 392 
VAL CA  C    sing N N 393 
VAL CA  CB   sing N N 394 
VAL CA  HA   sing N N 395 
VAL C   O    doub N N 396 
VAL C   OXT  sing N N 397 
VAL CB  CG1  sing N N 398 
VAL CB  CG2  sing N N 399 
VAL CB  HB   sing N N 400 
VAL CG1 HG11 sing N N 401 
VAL CG1 HG12 sing N N 402 
VAL CG1 HG13 sing N N 403 
VAL CG2 HG21 sing N N 404 
VAL CG2 HG22 sing N N 405 
VAL CG2 HG23 sing N N 406 
VAL OXT HXT  sing N N 407 
# 
_atom_sites.entry_id                    2HLJ 
_atom_sites.fract_transf_matrix[1][1]   -0.00949197 
_atom_sites.fract_transf_matrix[1][2]   0.01565535 
_atom_sites.fract_transf_matrix[1][3]   -0.00316685 
_atom_sites.fract_transf_matrix[2][1]   0.00700281 
_atom_sites.fract_transf_matrix[2][2]   0.00192218 
_atom_sites.fract_transf_matrix[2][3]   -0.01148712 
_atom_sites.fract_transf_matrix[3][1]   -0.01731269 
_atom_sites.fract_transf_matrix[3][2]   -0.01307434 
_atom_sites.fract_transf_matrix[3][3]   -0.01274198 
_atom_sites.fract_transf_vector[1]      0.858110 
_atom_sites.fract_transf_vector[2]      0.112733 
_atom_sites.fract_transf_vector[3]      0.181533 
# 
loop_
_atom_type.symbol 
C  
N  
O  
S  
SE 
# 
loop_
_atom_site.group_PDB 
_atom_site.id 
_atom_site.type_symbol 
_atom_site.label_atom_id 
_atom_site.label_alt_id 
_atom_site.label_comp_id 
_atom_site.label_asym_id 
_atom_site.label_entity_id 
_atom_site.label_seq_id 
_atom_site.pdbx_PDB_ins_code 
_atom_site.Cartn_x 
_atom_site.Cartn_y 
_atom_site.Cartn_z 
_atom_site.occupancy 
_atom_site.B_iso_or_equiv 
_atom_site.pdbx_formal_charge 
_atom_site.auth_seq_id 
_atom_site.auth_comp_id 
_atom_site.auth_asym_id 
_atom_site.auth_atom_id 
_atom_site.pdbx_PDB_model_num 
ATOM   1    N  N   . GLY A 1 1   ? 11.042  -20.282 -4.963  1.00 49.65 ? 0   GLY A N   1 
ATOM   2    C  CA  . GLY A 1 1   ? 9.735   -19.571 -4.754  1.00 48.70 ? 0   GLY A CA  1 
ATOM   3    C  C   . GLY A 1 1   ? 9.935   -18.235 -4.069  1.00 46.71 ? 0   GLY A C   1 
ATOM   4    O  O   . GLY A 1 1   ? 10.236  -18.171 -2.866  1.00 48.76 ? 0   GLY A O   1 
HETATM 5    N  N   . MSE A 1 2   ? 9.763   -17.155 -4.819  1.00 42.57 ? 1   MSE A N   1 
HETATM 6    C  CA  . MSE A 1 2   ? 10.283  -15.885 -4.344  1.00 40.05 ? 1   MSE A CA  1 
HETATM 7    C  C   . MSE A 1 2   ? 9.370   -15.208 -3.333  1.00 32.68 ? 1   MSE A C   1 
HETATM 8    O  O   . MSE A 1 2   ? 8.159   -15.314 -3.436  1.00 29.95 ? 1   MSE A O   1 
HETATM 9    C  CB  . MSE A 1 2   ? 10.667  -14.974 -5.502  1.00 43.42 ? 1   MSE A CB  1 
HETATM 10   C  CG  . MSE A 1 2   ? 11.954  -15.449 -6.235  1.00 50.21 ? 1   MSE A CG  1 
HETATM 11   SE SE  . MSE A 1 2   ? 13.494  -15.810 -5.020  0.75 63.00 ? 1   MSE A SE  1 
HETATM 12   C  CE  . MSE A 1 2   ? 13.209  -17.778 -4.614  1.00 59.40 ? 1   MSE A CE  1 
ATOM   13   N  N   . PRO A 1 3   ? 9.968   -14.575 -2.303  1.00 27.45 ? 2   PRO A N   1 
ATOM   14   C  CA  . PRO A 1 3   ? 9.205   -13.954 -1.230  1.00 23.84 ? 2   PRO A CA  1 
ATOM   15   C  C   . PRO A 1 3   ? 8.323   -12.824 -1.734  1.00 21.99 ? 2   PRO A C   1 
ATOM   16   O  O   . PRO A 1 3   ? 8.600   -12.267 -2.780  1.00 20.36 ? 2   PRO A O   1 
ATOM   17   C  CB  . PRO A 1 3   ? 10.309  -13.390 -0.315  1.00 24.57 ? 2   PRO A CB  1 
ATOM   18   C  CG  . PRO A 1 3   ? 11.506  -14.271 -0.606  1.00 26.95 ? 2   PRO A CG  1 
ATOM   19   C  CD  . PRO A 1 3   ? 11.422  -14.450 -2.068  1.00 27.51 ? 2   PRO A CD  1 
ATOM   20   N  N   . ALA A 1 4   ? 7.293   -12.475 -0.965  1.00 20.37 ? 3   ALA A N   1 
ATOM   21   C  CA  . ALA A 1 4   ? 6.458   -11.324 -1.238  1.00 19.67 ? 3   ALA A CA  1 
ATOM   22   C  C   . ALA A 1 4   ? 7.233   -10.003 -1.277  1.00 19.47 ? 3   ALA A C   1 
ATOM   23   O  O   . ALA A 1 4   ? 8.266   -9.847  -0.635  1.00 20.97 ? 3   ALA A O   1 
ATOM   24   C  CB  . ALA A 1 4   ? 5.420   -11.223 -0.180  1.00 22.70 ? 3   ALA A CB  1 
ATOM   25   N  N   . LEU A 1 5   ? 6.685   -9.030  -2.002  1.00 19.75 ? 4   LEU A N   1 
ATOM   26   C  CA  . LEU A 1 5   ? 7.234   -7.694  -2.009  1.00 19.13 ? 4   LEU A CA  1 
ATOM   27   C  C   . LEU A 1 5   ? 6.941   -6.971  -0.683  1.00 20.84 ? 4   LEU A C   1 
ATOM   28   O  O   . LEU A 1 5   ? 5.786   -6.751  -0.354  1.00 22.22 ? 4   LEU A O   1 
ATOM   29   C  CB  . LEU A 1 5   ? 6.651   -6.891  -3.186  1.00 19.66 ? 4   LEU A CB  1 
ATOM   30   C  CG  . LEU A 1 5   ? 7.164   -5.447  -3.331  1.00 20.89 ? 4   LEU A CG  1 
ATOM   31   C  CD1 . LEU A 1 5   ? 8.678   -5.378  -3.642  1.00 24.31 ? 4   LEU A CD1 1 
ATOM   32   C  CD2 . LEU A 1 5   ? 6.389   -4.714  -4.391  1.00 18.95 ? 4   LEU A CD2 1 
ATOM   33   N  N   . ILE A 1 6   ? 7.999   -6.605  0.047   1.00 18.85 ? 5   ILE A N   1 
ATOM   34   C  CA  . ILE A 1 6   ? 7.912   -5.736  1.225   1.00 20.53 ? 5   ILE A CA  1 
ATOM   35   C  C   . ILE A 1 6   ? 8.333   -4.310  0.829   1.00 19.74 ? 5   ILE A C   1 
ATOM   36   O  O   . ILE A 1 6   ? 9.402   -4.096  0.296   1.00 19.39 ? 5   ILE A O   1 
ATOM   37   C  CB  . ILE A 1 6   ? 8.777   -6.270  2.390   1.00 23.60 ? 5   ILE A CB  1 
ATOM   38   C  CG1 . ILE A 1 6   ? 8.256   -7.630  2.826   1.00 22.95 ? 5   ILE A CG1 1 
ATOM   39   C  CG2 . ILE A 1 6   ? 8.767   -5.314  3.580   1.00 16.33 ? 5   ILE A CG2 1 
ATOM   40   C  CD1 . ILE A 1 6   ? 9.104   -8.333  3.825   1.00 22.64 ? 5   ILE A CD1 1 
ATOM   41   N  N   . THR A 1 7   ? 7.465   -3.336  1.079   1.00 21.16 ? 6   THR A N   1 
ATOM   42   C  CA  . THR A 1 7   ? 7.679   -1.971  0.621   1.00 21.09 ? 6   THR A CA  1 
ATOM   43   C  C   . THR A 1 7   ? 8.075   -1.018  1.738   1.00 22.24 ? 6   THR A C   1 
ATOM   44   O  O   . THR A 1 7   ? 8.662   0.064   1.493   1.00 21.04 ? 6   THR A O   1 
ATOM   45   C  CB  . THR A 1 7   ? 6.424   -1.467  -0.063  1.00 20.22 ? 6   THR A CB  1 
ATOM   46   O  OG1 . THR A 1 7   ? 5.292   -1.888  0.672   1.00 16.94 ? 6   THR A OG1 1 
ATOM   47   C  CG2 . THR A 1 7   ? 6.327   -2.069  -1.416  1.00 22.61 ? 6   THR A CG2 1 
ATOM   48   N  N   . TYR A 1 8   ? 7.787   -1.414  2.974   1.00 20.35 ? 7   TYR A N   1 
ATOM   49   C  CA  . TYR A 1 8   ? 7.957   -0.497  4.100   1.00 19.77 ? 7   TYR A CA  1 
ATOM   50   C  C   . TYR A 1 8   ? 8.023   -1.260  5.397   1.00 17.47 ? 7   TYR A C   1 
ATOM   51   O  O   . TYR A 1 8   ? 7.297   -2.218  5.579   1.00 19.32 ? 7   TYR A O   1 
ATOM   52   C  CB  . TYR A 1 8   ? 6.840   0.573   4.117   1.00 18.18 ? 7   TYR A CB  1 
ATOM   53   C  CG  . TYR A 1 8   ? 7.135   1.730   5.049   1.00 20.00 ? 7   TYR A CG  1 
ATOM   54   C  CD1 . TYR A 1 8   ? 8.072   2.677   4.702   1.00 24.72 ? 7   TYR A CD1 1 
ATOM   55   C  CD2 . TYR A 1 8   ? 6.505   1.851   6.286   1.00 22.29 ? 7   TYR A CD2 1 
ATOM   56   C  CE1 . TYR A 1 8   ? 8.363   3.734   5.528   1.00 29.81 ? 7   TYR A CE1 1 
ATOM   57   C  CE2 . TYR A 1 8   ? 6.802   2.912   7.137   1.00 28.14 ? 7   TYR A CE2 1 
ATOM   58   C  CZ  . TYR A 1 8   ? 7.733   3.853   6.742   1.00 28.49 ? 7   TYR A CZ  1 
ATOM   59   O  OH  . TYR A 1 8   ? 8.077   4.938   7.545   1.00 30.02 ? 7   TYR A OH  1 
ATOM   60   N  N   . ARG A 1 9   ? 8.936   -0.854  6.277   1.00 20.07 ? 8   ARG A N   1 
ATOM   61   C  CA  . ARG A 1 9   ? 9.036   -1.403  7.633   1.00 23.91 ? 8   ARG A CA  1 
ATOM   62   C  C   . ARG A 1 9   ? 9.183   -0.284  8.613   1.00 24.14 ? 8   ARG A C   1 
ATOM   63   O  O   . ARG A 1 9   ? 9.886   0.698   8.331   1.00 22.66 ? 8   ARG A O   1 
ATOM   64   C  CB  . ARG A 1 9   ? 10.286  -2.259  7.813   1.00 24.58 ? 8   ARG A CB  1 
ATOM   65   C  CG  . ARG A 1 9   ? 10.520  -3.318  6.790   1.00 31.28 ? 8   ARG A CG  1 
ATOM   66   C  CD  . ARG A 1 9   ? 11.875  -3.982  7.080   1.00 31.85 ? 8   ARG A CD  1 
ATOM   67   N  NE  . ARG A 1 9   ? 12.163  -5.093  6.188   1.00 35.17 ? 8   ARG A NE  1 
ATOM   68   C  CZ  . ARG A 1 9   ? 11.689  -6.333  6.342   1.00 46.14 ? 8   ARG A CZ  1 
ATOM   69   N  NH1 . ARG A 1 9   ? 10.877  -6.652  7.360   1.00 42.64 ? 8   ARG A NH1 1 
ATOM   70   N  NH2 . ARG A 1 9   ? 12.031  -7.274  5.461   1.00 53.00 ? 8   ARG A NH2 1 
ATOM   71   N  N   . THR A 1 10  ? 8.562   -0.438  9.789   1.00 21.31 ? 9   THR A N   1 
ATOM   72   C  CA  . THR A 1 10  ? 8.693   0.564   10.842  1.00 20.32 ? 9   THR A CA  1 
ATOM   73   C  C   . THR A 1 10  ? 8.347   -0.073  12.195  1.00 20.94 ? 9   THR A C   1 
ATOM   74   O  O   . THR A 1 10  ? 7.905   -1.228  12.265  1.00 22.44 ? 9   THR A O   1 
ATOM   75   C  CB  . THR A 1 10  ? 7.831   1.864   10.559  1.00 21.82 ? 9   THR A CB  1 
ATOM   76   O  OG1 . THR A 1 10  ? 8.190   2.919   11.456  1.00 24.71 ? 9   THR A OG1 1 
ATOM   77   C  CG2 . THR A 1 10  ? 6.336   1.611   10.677  1.00 24.97 ? 9   THR A CG2 1 
ATOM   78   N  N   . THR A 1 11  ? 8.650   0.656   13.257  1.00 23.55 ? 10  THR A N   1 
ATOM   79   C  CA  . THR A 1 11  ? 8.283   0.283   14.628  1.00 24.42 ? 10  THR A CA  1 
ATOM   80   C  C   . THR A 1 11  ? 7.203   1.272   15.074  1.00 25.06 ? 10  THR A C   1 
ATOM   81   O  O   . THR A 1 11  ? 7.356   2.473   14.892  1.00 25.10 ? 10  THR A O   1 
ATOM   82   C  CB  . THR A 1 11  ? 9.534   0.283   15.541  1.00 23.72 ? 10  THR A CB  1 
ATOM   83   O  OG1 . THR A 1 11  ? 10.435  -0.731  15.096  1.00 27.83 ? 10  THR A OG1 1 
ATOM   84   C  CG2 . THR A 1 11  ? 9.202   -0.031  16.978  1.00 20.45 ? 10  THR A CG2 1 
ATOM   85   N  N   . VAL A 1 12  ? 6.085   0.769   15.610  1.00 24.23 ? 11  VAL A N   1 
ATOM   86   C  CA  . VAL A 1 12  ? 5.013   1.647   16.104  1.00 21.50 ? 11  VAL A CA  1 
ATOM   87   C  C   . VAL A 1 12  ? 5.512   2.522   17.253  1.00 23.33 ? 11  VAL A C   1 
ATOM   88   O  O   . VAL A 1 12  ? 5.915   2.015   18.301  1.00 18.51 ? 11  VAL A O   1 
ATOM   89   C  CB  . VAL A 1 12  ? 3.819   0.862   16.571  1.00 22.18 ? 11  VAL A CB  1 
ATOM   90   C  CG1 . VAL A 1 12  ? 2.750   1.765   17.230  1.00 22.10 ? 11  VAL A CG1 1 
ATOM   91   C  CG2 . VAL A 1 12  ? 3.249   0.031   15.395  1.00 18.25 ? 11  VAL A CG2 1 
ATOM   92   N  N   . GLN A 1 13  ? 5.382   3.834   17.057  1.00 23.23 ? 12  GLN A N   1 
ATOM   93   C  CA  . GLN A 1 13  ? 5.911   4.850   17.961  1.00 24.40 ? 12  GLN A CA  1 
ATOM   94   C  C   . GLN A 1 13  ? 4.791   5.344   18.885  1.00 21.78 ? 12  GLN A C   1 
ATOM   95   O  O   . GLN A 1 13  ? 3.625   5.170   18.583  1.00 21.48 ? 12  GLN A O   1 
ATOM   96   C  CB  . GLN A 1 13  ? 6.506   6.031   17.150  1.00 28.40 ? 12  GLN A CB  1 
ATOM   97   C  CG  . GLN A 1 13  ? 6.059   6.158   15.655  1.00 32.61 ? 12  GLN A CG  1 
ATOM   98   C  CD  . GLN A 1 13  ? 6.818   7.263   14.895  1.00 30.58 ? 12  GLN A CD  1 
ATOM   99   O  OE1 . GLN A 1 13  ? 7.637   6.985   14.009  1.00 41.81 ? 12  GLN A OE1 1 
ATOM   100  N  NE2 . GLN A 1 13  ? 6.538   8.504   15.232  1.00 30.02 ? 12  GLN A NE2 1 
ATOM   101  N  N   . GLU A 1 14  ? 5.172   5.942   20.009  1.00 19.54 ? 13  GLU A N   1 
ATOM   102  C  CA  . GLU A 1 14  ? 4.235   6.427   20.996  1.00 23.43 ? 13  GLU A CA  1 
ATOM   103  C  C   . GLU A 1 14  ? 3.296   7.505   20.460  1.00 20.75 ? 13  GLU A C   1 
ATOM   104  O  O   . GLU A 1 14  ? 2.199   7.633   20.966  1.00 22.17 ? 13  GLU A O   1 
ATOM   105  C  CB  . GLU A 1 14  ? 4.962   6.962   22.214  1.00 24.65 ? 13  GLU A CB  1 
ATOM   106  C  CG  . GLU A 1 14  ? 4.088   7.048   23.454  1.00 29.89 ? 13  GLU A CG  1 
ATOM   107  C  CD  . GLU A 1 14  ? 4.886   7.285   24.750  1.00 32.37 ? 13  GLU A CD  1 
ATOM   108  O  OE1 . GLU A 1 14  ? 6.127   7.103   24.754  1.00 36.89 ? 13  GLU A OE1 1 
ATOM   109  O  OE2 . GLU A 1 14  ? 4.244   7.646   25.760  1.00 42.74 ? 13  GLU A OE2 1 
ATOM   110  N  N   . ASP A 1 15  ? 3.677   8.243   19.420  1.00 22.05 ? 14  ASP A N   1 
ATOM   111  C  CA  . ASP A 1 15  ? 2.738   9.264   18.920  1.00 26.05 ? 14  ASP A CA  1 
ATOM   112  C  C   . ASP A 1 15  ? 1.718   8.727   17.927  1.00 22.42 ? 14  ASP A C   1 
ATOM   113  O  O   . ASP A 1 15  ? 0.881   9.488   17.427  1.00 21.18 ? 14  ASP A O   1 
ATOM   114  C  CB  . ASP A 1 15  ? 3.430   10.538  18.411  1.00 27.68 ? 14  ASP A CB  1 
ATOM   115  C  CG  . ASP A 1 15  ? 4.434   10.273  17.338  1.00 34.19 ? 14  ASP A CG  1 
ATOM   116  O  OD1 . ASP A 1 15  ? 4.638   9.091   16.983  1.00 41.85 ? 14  ASP A OD1 1 
ATOM   117  O  OD2 . ASP A 1 15  ? 5.048   11.267  16.880  1.00 43.08 ? 14  ASP A OD2 1 
ATOM   118  N  N   . TRP A 1 16  ? 1.738   7.416   17.702  1.00 22.01 ? 15  TRP A N   1 
ATOM   119  C  CA  . TRP A 1 16  ? 0.699   6.749   16.910  1.00 19.57 ? 15  TRP A CA  1 
ATOM   120  C  C   . TRP A 1 16  ? -0.339  5.938   17.682  1.00 19.33 ? 15  TRP A C   1 
ATOM   121  O  O   . TRP A 1 16  ? -1.262  5.352   17.075  1.00 18.13 ? 15  TRP A O   1 
ATOM   122  C  CB  . TRP A 1 16  ? 1.351   5.821   15.895  1.00 21.83 ? 15  TRP A CB  1 
ATOM   123  C  CG  . TRP A 1 16  ? 2.109   6.519   14.822  1.00 17.65 ? 15  TRP A CG  1 
ATOM   124  C  CD1 . TRP A 1 16  ? 2.168   7.864   14.588  1.00 22.12 ? 15  TRP A CD1 1 
ATOM   125  C  CD2 . TRP A 1 16  ? 2.880   5.905   13.815  1.00 19.80 ? 15  TRP A CD2 1 
ATOM   126  N  NE1 . TRP A 1 16  ? 2.929   8.113   13.513  1.00 21.32 ? 15  TRP A NE1 1 
ATOM   127  C  CE2 . TRP A 1 16  ? 3.377   6.929   12.996  1.00 19.65 ? 15  TRP A CE2 1 
ATOM   128  C  CE3 . TRP A 1 16  ? 3.200   4.578   13.513  1.00 23.87 ? 15  TRP A CE3 1 
ATOM   129  C  CZ2 . TRP A 1 16  ? 4.212   6.680   11.907  1.00 25.97 ? 15  TRP A CZ2 1 
ATOM   130  C  CZ3 . TRP A 1 16  ? 4.020   4.329   12.430  1.00 23.55 ? 15  TRP A CZ3 1 
ATOM   131  C  CH2 . TRP A 1 16  ? 4.513   5.375   11.635  1.00 27.69 ? 15  TRP A CH2 1 
ATOM   132  N  N   . VAL A 1 17  ? -0.213  5.900   19.003  1.00 19.53 ? 16  VAL A N   1 
ATOM   133  C  CA  . VAL A 1 17  ? -1.030  5.047   19.814  1.00 19.06 ? 16  VAL A CA  1 
ATOM   134  C  C   . VAL A 1 17  ? -1.918  5.856   20.743  1.00 23.70 ? 16  VAL A C   1 
ATOM   135  O  O   . VAL A 1 17  ? -1.618  6.991   21.050  1.00 24.84 ? 16  VAL A O   1 
ATOM   136  C  CB  . VAL A 1 17  ? -0.221  3.965   20.598  1.00 18.11 ? 16  VAL A CB  1 
ATOM   137  C  CG1 . VAL A 1 17  ? 0.711   3.161   19.652  1.00 21.15 ? 16  VAL A CG1 1 
ATOM   138  C  CG2 . VAL A 1 17  ? 0.558   4.546   21.740  1.00 21.67 ? 16  VAL A CG2 1 
ATOM   139  N  N   . ASP A 1 18  ? -3.027  5.245   21.143  1.00 26.54 ? 17  ASP A N   1 
ATOM   140  C  CA  . ASP A 1 18  ? -3.974  5.846   22.069  1.00 28.66 ? 17  ASP A CA  1 
ATOM   141  C  C   . ASP A 1 18  ? -3.483  5.574   23.496  1.00 31.01 ? 17  ASP A C   1 
ATOM   142  O  O   . ASP A 1 18  ? -2.391  5.039   23.701  1.00 28.04 ? 17  ASP A O   1 
ATOM   143  C  CB  . ASP A 1 18  ? -5.406  5.332   21.830  1.00 29.89 ? 17  ASP A CB  1 
ATOM   144  C  CG  . ASP A 1 18  ? -5.529  3.821   21.923  1.00 31.06 ? 17  ASP A CG  1 
ATOM   145  O  OD1 . ASP A 1 18  ? -4.725  3.185   22.639  1.00 38.27 ? 17  ASP A OD1 1 
ATOM   146  O  OD2 . ASP A 1 18  ? -6.438  3.260   21.283  1.00 35.59 ? 17  ASP A OD2 1 
ATOM   147  N  N   . TYR A 1 19  ? -4.283  5.980   24.474  1.00 31.48 ? 18  TYR A N   1 
ATOM   148  C  CA  . TYR A 1 19  ? -3.913  5.913   25.875  1.00 32.25 ? 18  TYR A CA  1 
ATOM   149  C  C   . TYR A 1 19  ? -3.587  4.478   26.290  1.00 31.12 ? 18  TYR A C   1 
ATOM   150  O  O   . TYR A 1 19  ? -2.737  4.244   27.150  1.00 32.47 ? 18  TYR A O   1 
ATOM   151  C  CB  . TYR A 1 19  ? -5.057  6.513   26.748  1.00 33.28 ? 18  TYR A CB  1 
ATOM   152  C  CG  . TYR A 1 19  ? -4.618  6.898   28.148  1.00 36.98 ? 18  TYR A CG  1 
ATOM   153  C  CD1 . TYR A 1 19  ? -3.713  7.940   28.371  1.00 35.55 ? 18  TYR A CD1 1 
ATOM   154  C  CD2 . TYR A 1 19  ? -5.102  6.218   29.261  1.00 37.40 ? 18  TYR A CD2 1 
ATOM   155  C  CE1 . TYR A 1 19  ? -3.303  8.275   29.689  1.00 34.67 ? 18  TYR A CE1 1 
ATOM   156  C  CE2 . TYR A 1 19  ? -4.703  6.561   30.555  1.00 34.57 ? 18  TYR A CE2 1 
ATOM   157  C  CZ  . TYR A 1 19  ? -3.810  7.568   30.762  1.00 29.94 ? 18  TYR A CZ  1 
ATOM   158  O  OH  . TYR A 1 19  ? -3.460  7.851   32.071  1.00 40.74 ? 18  TYR A OH  1 
ATOM   159  N  N   . ASN A 1 20  ? -4.257  3.527   25.649  1.00 30.11 ? 19  ASN A N   1 
ATOM   160  C  CA  . ASN A 1 20  ? -4.099  2.117   25.922  1.00 28.85 ? 19  ASN A CA  1 
ATOM   161  C  C   . ASN A 1 20  ? -2.994  1.409   25.115  1.00 26.48 ? 19  ASN A C   1 
ATOM   162  O  O   . ASN A 1 20  ? -2.778  0.212   25.244  1.00 25.67 ? 19  ASN A O   1 
ATOM   163  C  CB  . ASN A 1 20  ? -5.447  1.462   25.721  1.00 30.77 ? 19  ASN A CB  1 
ATOM   164  C  CG  . ASN A 1 20  ? -6.538  2.109   26.597  1.00 38.65 ? 19  ASN A CG  1 
ATOM   165  O  OD1 . ASN A 1 20  ? -6.249  2.700   27.647  1.00 39.71 ? 19  ASN A OD1 1 
ATOM   166  N  ND2 . ASN A 1 20  ? -7.777  2.028   26.150  1.00 52.12 ? 19  ASN A ND2 1 
ATOM   167  N  N   . GLY A 1 21  ? -2.271  2.166   24.309  1.00 24.10 ? 20  GLY A N   1 
ATOM   168  C  CA  . GLY A 1 21  ? -1.090  1.652   23.631  1.00 22.37 ? 20  GLY A CA  1 
ATOM   169  C  C   . GLY A 1 21  ? -1.405  0.965   22.322  1.00 22.39 ? 20  GLY A C   1 
ATOM   170  O  O   . GLY A 1 21  ? -0.547  0.271   21.781  1.00 18.94 ? 20  GLY A O   1 
ATOM   171  N  N   . HIS A 1 22  ? -2.599  1.219   21.776  1.00 19.79 ? 21  HIS A N   1 
ATOM   172  C  CA  . HIS A 1 22  ? -2.973  0.653   20.471  1.00 23.14 ? 21  HIS A CA  1 
ATOM   173  C  C   . HIS A 1 22  ? -2.880  1.647   19.324  1.00 22.32 ? 21  HIS A C   1 
ATOM   174  O  O   . HIS A 1 22  ? -3.310  2.793   19.433  1.00 23.72 ? 21  HIS A O   1 
ATOM   175  C  CB  . HIS A 1 22  ? -4.363  0.074   20.517  1.00 24.24 ? 21  HIS A CB  1 
ATOM   176  C  CG  . HIS A 1 22  ? -4.457  -1.145  21.369  1.00 30.89 ? 21  HIS A CG  1 
ATOM   177  N  ND1 . HIS A 1 22  ? -5.598  -1.483  22.057  1.00 32.13 ? 21  HIS A ND1 1 
ATOM   178  C  CD2 . HIS A 1 22  ? -3.525  -2.069  21.704  1.00 36.41 ? 21  HIS A CD2 1 
ATOM   179  C  CE1 . HIS A 1 22  ? -5.375  -2.583  22.751  1.00 28.99 ? 21  HIS A CE1 1 
ATOM   180  N  NE2 . HIS A 1 22  ? -4.130  -2.967  22.544  1.00 34.08 ? 21  HIS A NE2 1 
ATOM   181  N  N   . LEU A 1 23  ? -2.331  1.166   18.214  1.00 21.63 ? 22  LEU A N   1 
ATOM   182  C  CA  . LEU A 1 23  ? -2.200  1.930   16.993  1.00 19.61 ? 22  LEU A CA  1 
ATOM   183  C  C   . LEU A 1 23  ? -3.575  2.496   16.593  1.00 19.98 ? 22  LEU A C   1 
ATOM   184  O  O   . LEU A 1 23  ? -4.553  1.748   16.438  1.00 20.79 ? 22  LEU A O   1 
ATOM   185  C  CB  . LEU A 1 23  ? -1.619  1.029   15.903  1.00 20.33 ? 22  LEU A CB  1 
ATOM   186  C  CG  . LEU A 1 23  ? -1.293  1.653   14.535  1.00 21.15 ? 22  LEU A CG  1 
ATOM   187  C  CD1 . LEU A 1 23  ? -0.319  2.800   14.673  1.00 23.18 ? 22  LEU A CD1 1 
ATOM   188  C  CD2 . LEU A 1 23  ? -0.771  0.603   13.597  1.00 20.14 ? 22  LEU A CD2 1 
ATOM   189  N  N   . ARG A 1 24  ? -3.647  3.820   16.445  1.00 22.25 ? 23  ARG A N   1 
ATOM   190  C  CA  . ARG A 1 24  ? -4.876  4.489   15.965  1.00 23.92 ? 23  ARG A CA  1 
ATOM   191  C  C   . ARG A 1 24  ? -5.141  4.133   14.501  1.00 19.01 ? 23  ARG A C   1 
ATOM   192  O  O   . ARG A 1 24  ? -4.188  3.954   13.714  1.00 19.23 ? 23  ARG A O   1 
ATOM   193  C  CB  . ARG A 1 24  ? -4.760  6.013   16.162  1.00 24.15 ? 23  ARG A CB  1 
ATOM   194  C  CG  . ARG A 1 24  ? -5.950  6.808   15.593  1.00 28.60 ? 23  ARG A CG  1 
ATOM   195  C  CD  . ARG A 1 24  ? -5.685  8.292   15.655  1.00 31.64 ? 23  ARG A CD  1 
ATOM   196  N  NE  . ARG A 1 24  ? -5.630  8.781   17.025  1.00 29.82 ? 23  ARG A NE  1 
ATOM   197  C  CZ  . ARG A 1 24  ? -6.712  9.033   17.760  1.00 35.70 ? 23  ARG A CZ  1 
ATOM   198  N  NH1 . ARG A 1 24  ? -7.957  8.833   17.279  1.00 22.96 ? 23  ARG A NH1 1 
ATOM   199  N  NH2 . ARG A 1 24  ? -6.545  9.470   18.997  1.00 36.29 ? 23  ARG A NH2 1 
ATOM   200  N  N   . ASP A 1 25  ? -6.423  4.027   14.144  1.00 18.59 ? 24  ASP A N   1 
ATOM   201  C  CA  . ASP A 1 25  ? -6.868  3.595   12.818  1.00 17.73 ? 24  ASP A CA  1 
ATOM   202  C  C   . ASP A 1 25  ? -6.183  4.368   11.686  1.00 20.26 ? 24  ASP A C   1 
ATOM   203  O  O   . ASP A 1 25  ? -5.730  3.770   10.696  1.00 18.10 ? 24  ASP A O   1 
ATOM   204  C  CB  . ASP A 1 25  ? -8.414  3.701   12.670  1.00 15.58 ? 24  ASP A CB  1 
ATOM   205  C  CG  . ASP A 1 25  ? -8.995  5.092   13.065  1.00 20.78 ? 24  ASP A CG  1 
ATOM   206  O  OD1 . ASP A 1 25  ? -8.256  6.089   13.366  1.00 21.24 ? 24  ASP A OD1 1 
ATOM   207  O  OD2 . ASP A 1 25  ? -10.230 5.157   13.114  1.00 23.03 ? 24  ASP A OD2 1 
ATOM   208  N  N   . ALA A 1 26  ? -6.046  5.684   11.851  1.00 18.85 ? 25  ALA A N   1 
ATOM   209  C  CA  . ALA A 1 26  ? -5.493  6.496   10.758  1.00 18.65 ? 25  ALA A CA  1 
ATOM   210  C  C   . ALA A 1 26  ? -4.008  6.197   10.492  1.00 18.75 ? 25  ALA A C   1 
ATOM   211  O  O   . ALA A 1 26  ? -3.501  6.388   9.377   1.00 17.92 ? 25  ALA A O   1 
ATOM   212  C  CB  . ALA A 1 26  ? -5.700  7.968   11.042  1.00 17.23 ? 25  ALA A CB  1 
ATOM   213  N  N   . PHE A 1 27  ? -3.309  5.745   11.531  1.00 20.70 ? 26  PHE A N   1 
ATOM   214  C  CA  . PHE A 1 27  ? -1.880  5.515   11.439  1.00 19.82 ? 26  PHE A CA  1 
ATOM   215  C  C   . PHE A 1 27  ? -1.578  4.163   10.791  1.00 20.62 ? 26  PHE A C   1 
ATOM   216  O  O   . PHE A 1 27  ? -0.482  3.980   10.261  1.00 22.37 ? 26  PHE A O   1 
ATOM   217  C  CB  . PHE A 1 27  ? -1.178  5.710   12.784  1.00 21.31 ? 26  PHE A CB  1 
ATOM   218  C  CG  . PHE A 1 27  ? -1.120  7.158   13.231  1.00 20.75 ? 26  PHE A CG  1 
ATOM   219  C  CD1 . PHE A 1 27  ? -0.530  8.111   12.437  1.00 21.08 ? 26  PHE A CD1 1 
ATOM   220  C  CD2 . PHE A 1 27  ? -1.693  7.564   14.432  1.00 16.03 ? 26  PHE A CD2 1 
ATOM   221  C  CE1 . PHE A 1 27  ? -0.503  9.449   12.831  1.00 22.79 ? 26  PHE A CE1 1 
ATOM   222  C  CE2 . PHE A 1 27  ? -1.679  8.877   14.822  1.00 18.61 ? 26  PHE A CE2 1 
ATOM   223  C  CZ  . PHE A 1 27  ? -1.079  9.824   14.014  1.00 22.19 ? 26  PHE A CZ  1 
ATOM   224  N  N   . TYR A 1 28  ? -2.537  3.233   10.779  1.00 19.40 ? 27  TYR A N   1 
ATOM   225  C  CA  . TYR A 1 28  ? -2.382  2.052   9.889   1.00 17.10 ? 27  TYR A CA  1 
ATOM   226  C  C   . TYR A 1 28  ? -2.327  2.563   8.448   1.00 16.44 ? 27  TYR A C   1 
ATOM   227  O  O   . TYR A 1 28  ? -1.443  2.180   7.678   1.00 18.97 ? 27  TYR A O   1 
ATOM   228  C  CB  . TYR A 1 28  ? -3.549  1.099   9.968   1.00 19.53 ? 27  TYR A CB  1 
ATOM   229  C  CG  . TYR A 1 28  ? -3.800  0.276   11.209  1.00 17.03 ? 27  TYR A CG  1 
ATOM   230  C  CD1 . TYR A 1 28  ? -4.362  0.841   12.335  1.00 18.82 ? 27  TYR A CD1 1 
ATOM   231  C  CD2 . TYR A 1 28  ? -3.609  -1.116  11.201  1.00 18.60 ? 27  TYR A CD2 1 
ATOM   232  C  CE1 . TYR A 1 28  ? -4.651  0.080   13.433  1.00 21.23 ? 27  TYR A CE1 1 
ATOM   233  C  CE2 . TYR A 1 28  ? -3.914  -1.898  12.298  1.00 19.69 ? 27  TYR A CE2 1 
ATOM   234  C  CZ  . TYR A 1 28  ? -4.444  -1.289  13.423  1.00 19.40 ? 27  TYR A CZ  1 
ATOM   235  O  OH  . TYR A 1 28  ? -4.775  -2.031  14.550  1.00 18.33 ? 27  TYR A OH  1 
ATOM   236  N  N   . LEU A 1 29  ? -3.252  3.465   8.101   1.00 19.59 ? 28  LEU A N   1 
ATOM   237  C  CA  . LEU A 1 29  ? -3.268  4.093   6.769   1.00 18.46 ? 28  LEU A CA  1 
ATOM   238  C  C   . LEU A 1 29  ? -2.044  4.956   6.475   1.00 14.79 ? 28  LEU A C   1 
ATOM   239  O  O   . LEU A 1 29  ? -1.590  4.980   5.344   1.00 17.29 ? 28  LEU A O   1 
ATOM   240  C  CB  . LEU A 1 29  ? -4.572  4.865   6.509   1.00 16.79 ? 28  LEU A CB  1 
ATOM   241  C  CG  . LEU A 1 29  ? -4.964  5.095   5.046   1.00 25.20 ? 28  LEU A CG  1 
ATOM   242  C  CD1 . LEU A 1 29  ? -5.376  3.793   4.308   1.00 28.87 ? 28  LEU A CD1 1 
ATOM   243  C  CD2 . LEU A 1 29  ? -6.134  6.108   4.962   1.00 23.37 ? 28  LEU A CD2 1 
ATOM   244  N  N   . LEU A 1 30  ? -1.482  5.641   7.479   1.00 16.29 ? 29  LEU A N   1 
ATOM   245  C  CA  . LEU A 1 30  ? -0.230  6.353   7.289   1.00 13.47 ? 29  LEU A CA  1 
ATOM   246  C  C   . LEU A 1 30  ? 0.925   5.439   6.892   1.00 18.50 ? 29  LEU A C   1 
ATOM   247  O  O   . LEU A 1 30  ? 1.710   5.760   5.972   1.00 19.23 ? 29  LEU A O   1 
ATOM   248  C  CB  . LEU A 1 30  ? 0.153   7.179   8.543   1.00 16.25 ? 29  LEU A CB  1 
ATOM   249  C  CG  . LEU A 1 30  ? 1.385   8.045   8.343   1.00 15.37 ? 29  LEU A CG  1 
ATOM   250  C  CD1 . LEU A 1 30  ? 1.189   9.032   7.200   1.00 15.20 ? 29  LEU A CD1 1 
ATOM   251  C  CD2 . LEU A 1 30  ? 1.805   8.779   9.632   1.00 17.77 ? 29  LEU A CD2 1 
ATOM   252  N  N   . ILE A 1 31  ? 1.055   4.318   7.595   1.00 17.56 ? 30  ILE A N   1 
ATOM   253  C  CA  . ILE A 1 31  ? 2.080   3.310   7.281   1.00 17.53 ? 30  ILE A CA  1 
ATOM   254  C  C   . ILE A 1 31  ? 1.889   2.818   5.856   1.00 16.07 ? 30  ILE A C   1 
ATOM   255  O  O   . ILE A 1 31  ? 2.835   2.742   5.086   1.00 18.42 ? 30  ILE A O   1 
ATOM   256  C  CB  . ILE A 1 31  ? 2.004   2.107   8.266   1.00 16.32 ? 30  ILE A CB  1 
ATOM   257  C  CG1 . ILE A 1 31  ? 2.386   2.532   9.671   1.00 19.02 ? 30  ILE A CG1 1 
ATOM   258  C  CG2 . ILE A 1 31  ? 2.823   0.921   7.760   1.00 21.09 ? 30  ILE A CG2 1 
ATOM   259  C  CD1 . ILE A 1 31  ? 1.885   1.570   10.716  1.00 19.99 ? 30  ILE A CD1 1 
ATOM   260  N  N   . PHE A 1 32  ? 0.653   2.523   5.468   1.00 17.45 ? 31  PHE A N   1 
ATOM   261  C  CA  . PHE A 1 32  ? 0.408   2.191   4.066   1.00 17.35 ? 31  PHE A CA  1 
ATOM   262  C  C   . PHE A 1 32  ? 0.735   3.323   3.057   1.00 19.17 ? 31  PHE A C   1 
ATOM   263  O  O   . PHE A 1 32  ? 1.224   3.041   1.952   1.00 20.20 ? 31  PHE A O   1 
ATOM   264  C  CB  . PHE A 1 32  ? -1.039  1.701   3.853   1.00 16.83 ? 31  PHE A CB  1 
ATOM   265  C  CG  . PHE A 1 32  ? -1.395  0.415   4.554   1.00 20.17 ? 31  PHE A CG  1 
ATOM   266  C  CD1 . PHE A 1 32  ? -0.476  -0.608  4.758   1.00 17.89 ? 31  PHE A CD1 1 
ATOM   267  C  CD2 . PHE A 1 32  ? -2.735  0.170   4.888   1.00 19.72 ? 31  PHE A CD2 1 
ATOM   268  C  CE1 . PHE A 1 32  ? -0.866  -1.802  5.352   1.00 17.46 ? 31  PHE A CE1 1 
ATOM   269  C  CE2 . PHE A 1 32  ? -3.104  -0.974  5.539   1.00 10.75 ? 31  PHE A CE2 1 
ATOM   270  C  CZ  . PHE A 1 32  ? -2.189  -1.987  5.740   1.00 14.49 ? 31  PHE A CZ  1 
ATOM   271  N  N   . SER A 1 33  ? 0.509   4.586   3.427   1.00 19.98 ? 32  SER A N   1 
ATOM   272  C  CA  . SER A 1 33  ? 0.841   5.753   2.555   1.00 18.56 ? 32  SER A CA  1 
ATOM   273  C  C   . SER A 1 33  ? 2.334   5.823   2.285   1.00 18.45 ? 32  SER A C   1 
ATOM   274  O  O   . SER A 1 33  ? 2.768   6.090   1.164   1.00 18.26 ? 32  SER A O   1 
ATOM   275  C  CB  . SER A 1 33  ? 0.394   7.088   3.199   1.00 17.06 ? 32  SER A CB  1 
ATOM   276  O  OG  . SER A 1 33  ? 0.211   8.147   2.245   1.00 18.97 ? 32  SER A OG  1 
ATOM   277  N  N   . TYR A 1 34  ? 3.106   5.631   3.336   1.00 20.06 ? 33  TYR A N   1 
ATOM   278  C  CA  . TYR A 1 34  ? 4.546   5.585   3.226   1.00 20.61 ? 33  TYR A CA  1 
ATOM   279  C  C   . TYR A 1 34  ? 4.958   4.412   2.351   1.00 19.61 ? 33  TYR A C   1 
ATOM   280  O  O   . TYR A 1 34  ? 5.875   4.531   1.580   1.00 16.68 ? 33  TYR A O   1 
ATOM   281  C  CB  . TYR A 1 34  ? 5.195   5.453   4.580   1.00 20.77 ? 33  TYR A CB  1 
ATOM   282  C  CG  . TYR A 1 34  ? 5.079   6.656   5.499   1.00 22.00 ? 33  TYR A CG  1 
ATOM   283  C  CD1 . TYR A 1 34  ? 4.948   7.957   5.003   1.00 24.53 ? 33  TYR A CD1 1 
ATOM   284  C  CD2 . TYR A 1 34  ? 5.166   6.490   6.867   1.00 27.06 ? 33  TYR A CD2 1 
ATOM   285  C  CE1 . TYR A 1 34  ? 4.858   9.048   5.867   1.00 23.49 ? 33  TYR A CE1 1 
ATOM   286  C  CE2 . TYR A 1 34  ? 5.107   7.566   7.728   1.00 25.38 ? 33  TYR A CE2 1 
ATOM   287  C  CZ  . TYR A 1 34  ? 4.945   8.841   7.233   1.00 26.97 ? 33  TYR A CZ  1 
ATOM   288  O  OH  . TYR A 1 34  ? 4.869   9.905   8.121   1.00 26.09 ? 33  TYR A OH  1 
ATOM   289  N  N   . ALA A 1 35  ? 4.244   3.303   2.463   1.00 19.68 ? 34  ALA A N   1 
ATOM   290  C  CA  . ALA A 1 35  ? 4.480   2.142   1.596   1.00 23.25 ? 34  ALA A CA  1 
ATOM   291  C  C   . ALA A 1 35  ? 4.235   2.477   0.122   1.00 22.32 ? 34  ALA A C   1 
ATOM   292  O  O   . ALA A 1 35  ? 5.002   2.042   -0.752  1.00 22.51 ? 34  ALA A O   1 
ATOM   293  C  CB  . ALA A 1 35  ? 3.606   0.968   2.009   1.00 22.77 ? 34  ALA A CB  1 
ATOM   294  N  N   . THR A 1 36  ? 3.149   3.207   -0.158  1.00 22.17 ? 35  THR A N   1 
ATOM   295  C  CA  . THR A 1 36  ? 2.842   3.680   -1.527  1.00 19.02 ? 35  THR A CA  1 
ATOM   296  C  C   . THR A 1 36  ? 3.976   4.568   -2.039  1.00 19.54 ? 35  THR A C   1 
ATOM   297  O  O   . THR A 1 36  ? 4.445   4.412   -3.164  1.00 20.28 ? 35  THR A O   1 
ATOM   298  C  CB  . THR A 1 36  ? 1.525   4.467   -1.553  1.00 19.23 ? 35  THR A CB  1 
ATOM   299  O  OG1 . THR A 1 36  ? 0.432   3.625   -1.166  1.00 18.94 ? 35  THR A OG1 1 
ATOM   300  C  CG2 . THR A 1 36  ? 1.244   5.044   -2.954  1.00 24.02 ? 35  THR A CG2 1 
ATOM   301  N  N   . ASP A 1 37  ? 4.480   5.458   -1.187  1.00 20.26 ? 36  ASP A N   1 
ATOM   302  C  CA  . ASP A 1 37  ? 5.600   6.314   -1.590  1.00 18.69 ? 36  ASP A CA  1 
ATOM   303  C  C   . ASP A 1 37  ? 6.873   5.494   -1.955  1.00 18.54 ? 36  ASP A C   1 
ATOM   304  O  O   . ASP A 1 37  ? 7.559   5.745   -2.954  1.00 15.82 ? 36  ASP A O   1 
ATOM   305  C  CB  . ASP A 1 37  ? 5.932   7.338   -0.509  1.00 17.14 ? 36  ASP A CB  1 
ATOM   306  C  CG  . ASP A 1 37  ? 4.794   8.318   -0.231  1.00 25.77 ? 36  ASP A CG  1 
ATOM   307  O  OD1 . ASP A 1 37  ? 3.779   8.353   -0.962  1.00 25.43 ? 36  ASP A OD1 1 
ATOM   308  O  OD2 . ASP A 1 37  ? 4.913   9.053   0.764   1.00 26.28 ? 36  ASP A OD2 1 
ATOM   309  N  N   . ALA A 1 38  ? 7.198   4.543   -1.115  1.00 21.13 ? 37  ALA A N   1 
ATOM   310  C  CA  . ALA A 1 38  ? 8.312   3.642   -1.353  1.00 20.80 ? 37  ALA A CA  1 
ATOM   311  C  C   . ALA A 1 38  ? 8.130   2.799   -2.613  1.00 19.35 ? 37  ALA A C   1 
ATOM   312  O  O   . ALA A 1 38  ? 9.093   2.514   -3.299  1.00 21.88 ? 37  ALA A O   1 
ATOM   313  C  CB  . ALA A 1 38  ? 8.513   2.730   -0.130  1.00 23.69 ? 37  ALA A CB  1 
ATOM   314  N  N   . LEU A 1 39  ? 6.913   2.386   -2.914  1.00 19.84 ? 38  LEU A N   1 
ATOM   315  C  CA  . LEU A 1 39  ? 6.655   1.684   -4.159  1.00 19.48 ? 38  LEU A CA  1 
ATOM   316  C  C   . LEU A 1 39  ? 6.973   2.583   -5.370  1.00 20.15 ? 38  LEU A C   1 
ATOM   317  O  O   . LEU A 1 39  ? 7.541   2.125   -6.358  1.00 19.48 ? 38  LEU A O   1 
ATOM   318  C  CB  . LEU A 1 39  ? 5.208   1.225   -4.218  1.00 18.66 ? 38  LEU A CB  1 
ATOM   319  C  CG  . LEU A 1 39  ? 4.849   0.377   -5.431  1.00 21.68 ? 38  LEU A CG  1 
ATOM   320  C  CD1 . LEU A 1 39  ? 5.631   -0.932  -5.501  1.00 26.30 ? 38  LEU A CD1 1 
ATOM   321  C  CD2 . LEU A 1 39  ? 3.365   0.151   -5.487  1.00 26.09 ? 38  LEU A CD2 1 
HETATM 322  N  N   . MSE A 1 40  ? 6.633   3.863   -5.276  1.00 19.31 ? 39  MSE A N   1 
HETATM 323  C  CA  . MSE A 1 40  ? 6.932   4.799   -6.349  1.00 20.77 ? 39  MSE A CA  1 
HETATM 324  C  C   . MSE A 1 40  ? 8.430   5.055   -6.462  1.00 21.59 ? 39  MSE A C   1 
HETATM 325  O  O   . MSE A 1 40  ? 8.957   5.122   -7.584  1.00 17.66 ? 39  MSE A O   1 
HETATM 326  C  CB  . MSE A 1 40  ? 6.131   6.104   -6.211  1.00 22.82 ? 39  MSE A CB  1 
HETATM 327  C  CG  . MSE A 1 40  ? 4.634   5.953   -6.378  1.00 25.55 ? 39  MSE A CG  1 
HETATM 328  SE SE  . MSE A 1 40  ? 4.130   4.822   -7.881  0.75 39.71 ? 39  MSE A SE  1 
HETATM 329  C  CE  . MSE A 1 40  ? 3.383   3.304   -6.947  1.00 40.91 ? 39  MSE A CE  1 
ATOM   330  N  N   . ASP A 1 41  ? 9.140   5.140   -5.337  1.00 22.95 ? 40  ASP A N   1 
ATOM   331  C  CA  . ASP A 1 41  ? 10.616  5.146   -5.401  1.00 23.46 ? 40  ASP A CA  1 
ATOM   332  C  C   . ASP A 1 41  ? 11.193  3.912   -6.105  1.00 23.61 ? 40  ASP A C   1 
ATOM   333  O  O   . ASP A 1 41  ? 12.140  4.012   -6.890  1.00 24.58 ? 40  ASP A O   1 
ATOM   334  C  CB  . ASP A 1 41  ? 11.260  5.210   -4.019  1.00 24.55 ? 40  ASP A CB  1 
ATOM   335  C  CG  . ASP A 1 41  ? 11.123  6.547   -3.369  1.00 29.87 ? 40  ASP A CG  1 
ATOM   336  O  OD1 . ASP A 1 41  ? 10.981  7.567   -4.103  1.00 31.93 ? 40  ASP A OD1 1 
ATOM   337  O  OD2 . ASP A 1 41  ? 11.152  6.572   -2.107  1.00 33.16 ? 40  ASP A OD2 1 
ATOM   338  N  N   . ARG A 1 42  ? 10.627  2.753   -5.835  1.00 24.78 ? 41  ARG A N   1 
ATOM   339  C  CA  . ARG A 1 42  ? 11.131  1.519   -6.440  1.00 27.21 ? 41  ARG A CA  1 
ATOM   340  C  C   . ARG A 1 42  ? 10.976  1.517   -7.943  1.00 27.34 ? 41  ARG A C   1 
ATOM   341  O  O   . ARG A 1 42  ? 11.862  1.036   -8.655  1.00 26.67 ? 41  ARG A O   1 
ATOM   342  C  CB  . ARG A 1 42  ? 10.387  0.291   -5.903  1.00 29.10 ? 41  ARG A CB  1 
ATOM   343  C  CG  . ARG A 1 42  ? 10.748  -0.124  -4.528  1.00 34.19 ? 41  ARG A CG  1 
ATOM   344  C  CD  . ARG A 1 42  ? 10.019  -1.414  -4.237  1.00 41.68 ? 41  ARG A CD  1 
ATOM   345  N  NE  . ARG A 1 42  ? 10.333  -1.956  -2.918  1.00 38.15 ? 41  ARG A NE  1 
ATOM   346  C  CZ  . ARG A 1 42  ? 11.125  -3.005  -2.706  1.00 35.70 ? 41  ARG A CZ  1 
ATOM   347  N  NH1 . ARG A 1 42  ? 11.673  -3.677  -3.713  1.00 25.56 ? 41  ARG A NH1 1 
ATOM   348  N  NH2 . ARG A 1 42  ? 11.342  -3.389  -1.469  1.00 34.84 ? 41  ARG A NH2 1 
ATOM   349  N  N   . ILE A 1 43  ? 9.844   2.013   -8.436  1.00 26.45 ? 42  ILE A N   1 
ATOM   350  C  CA  . ILE A 1 43  ? 9.668   2.076   -9.868  1.00 25.61 ? 42  ILE A CA  1 
ATOM   351  C  C   . ILE A 1 43  ? 10.161  3.392   -10.456 1.00 26.06 ? 42  ILE A C   1 
ATOM   352  O  O   . ILE A 1 43  ? 10.101  3.576   -11.648 1.00 26.01 ? 42  ILE A O   1 
ATOM   353  C  CB  . ILE A 1 43  ? 8.243   1.717   -10.315 1.00 29.35 ? 42  ILE A CB  1 
ATOM   354  C  CG1 . ILE A 1 43  ? 7.219   2.772   -9.941  1.00 29.57 ? 42  ILE A CG1 1 
ATOM   355  C  CG2 . ILE A 1 43  ? 7.837   0.328   -9.776  1.00 30.17 ? 42  ILE A CG2 1 
ATOM   356  C  CD1 . ILE A 1 43  ? 5.859   2.496   -10.606 1.00 29.58 ? 42  ILE A CD1 1 
ATOM   357  N  N   . GLY A 1 44  ? 10.689  4.287   -9.619  1.00 25.41 ? 43  GLY A N   1 
ATOM   358  C  CA  . GLY A 1 44  ? 11.290  5.543   -10.084 1.00 23.46 ? 43  GLY A CA  1 
ATOM   359  C  C   . GLY A 1 44  ? 10.301  6.480   -10.728 1.00 21.44 ? 43  GLY A C   1 
ATOM   360  O  O   . GLY A 1 44  ? 10.655  7.224   -11.621 1.00 22.85 ? 43  GLY A O   1 
ATOM   361  N  N   . LEU A 1 45  ? 9.073   6.502   -10.243 1.00 21.34 ? 44  LEU A N   1 
ATOM   362  C  CA  . LEU A 1 45  ? 8.034   7.318   -10.868 1.00 20.68 ? 44  LEU A CA  1 
ATOM   363  C  C   . LEU A 1 45  ? 8.297   8.773   -10.562 1.00 19.71 ? 44  LEU A C   1 
ATOM   364  O  O   . LEU A 1 45  ? 8.354   9.157   -9.395  1.00 21.83 ? 44  LEU A O   1 
ATOM   365  C  CB  . LEU A 1 45  ? 6.650   6.933   -10.393 1.00 20.57 ? 44  LEU A CB  1 
ATOM   366  C  CG  . LEU A 1 45  ? 5.494   7.832   -10.881 1.00 23.20 ? 44  LEU A CG  1 
ATOM   367  C  CD1 . LEU A 1 45  ? 5.288   7.759   -12.378 1.00 28.90 ? 44  LEU A CD1 1 
ATOM   368  C  CD2 . LEU A 1 45  ? 4.203   7.501   -10.167 1.00 24.58 ? 44  LEU A CD2 1 
ATOM   369  N  N   . ASP A 1 46  ? 8.461   9.564   -11.616 1.00 20.05 ? 45  ASP A N   1 
ATOM   370  C  CA  . ASP A 1 46  ? 8.742   11.003  -11.508 1.00 21.49 ? 45  ASP A CA  1 
ATOM   371  C  C   . ASP A 1 46  ? 9.913   11.302  -10.580 1.00 20.10 ? 45  ASP A C   1 
ATOM   372  O  O   . ASP A 1 46  ? 9.907   12.301  -9.883  1.00 19.20 ? 45  ASP A O   1 
ATOM   373  C  CB  . ASP A 1 46  ? 7.504   11.756  -11.055 1.00 20.50 ? 45  ASP A CB  1 
ATOM   374  C  CG  . ASP A 1 46  ? 6.365   11.652  -12.040 1.00 25.03 ? 45  ASP A CG  1 
ATOM   375  O  OD1 . ASP A 1 46  ? 6.572   11.922  -13.248 1.00 26.63 ? 45  ASP A OD1 1 
ATOM   376  O  OD2 . ASP A 1 46  ? 5.249   11.323  -11.602 1.00 18.57 ? 45  ASP A OD2 1 
ATOM   377  N  N   . ALA A 1 47  ? 10.936  10.455  -10.649 1.00 20.12 ? 46  ALA A N   1 
ATOM   378  C  CA  . ALA A 1 47  ? 12.078  10.487  -9.729  1.00 20.07 ? 46  ALA A CA  1 
ATOM   379  C  C   . ALA A 1 47  ? 12.905  11.769  -9.774  1.00 21.17 ? 46  ALA A C   1 
ATOM   380  O  O   . ALA A 1 47  ? 13.597  12.130  -8.806  1.00 21.20 ? 46  ALA A O   1 
ATOM   381  C  CB  . ALA A 1 47  ? 12.984  9.281   -9.997  1.00 23.72 ? 46  ALA A CB  1 
ATOM   382  N  N   . ASP A 1 48  ? 12.871  12.447  -10.898 1.00 20.39 ? 47  ASP A N   1 
ATOM   383  C  CA  . ASP A 1 48  ? 13.697  13.600  -11.070 1.00 21.84 ? 47  ASP A CA  1 
ATOM   384  C  C   . ASP A 1 48  ? 12.942  14.924  -10.884 1.00 20.08 ? 47  ASP A C   1 
ATOM   385  O  O   . ASP A 1 48  ? 13.476  15.984  -11.223 1.00 22.37 ? 47  ASP A O   1 
ATOM   386  C  CB  . ASP A 1 48  ? 14.334  13.520  -12.455 1.00 22.93 ? 47  ASP A CB  1 
ATOM   387  C  CG  . ASP A 1 48  ? 15.240  12.300  -12.600 1.00 26.99 ? 47  ASP A CG  1 
ATOM   388  O  OD1 . ASP A 1 48  ? 15.929  11.927  -11.610 1.00 24.01 ? 47  ASP A OD1 1 
ATOM   389  O  OD2 . ASP A 1 48  ? 15.242  11.725  -13.701 1.00 25.53 ? 47  ASP A OD2 1 
ATOM   390  N  N   . SER A 1 49  ? 11.710  14.870  -10.389 1.00 20.29 ? 48  SER A N   1 
ATOM   391  C  CA  . SER A 1 49  ? 10.894  16.094  -10.219 1.00 20.88 ? 48  SER A CA  1 
ATOM   392  C  C   . SER A 1 49  ? 10.259  16.143  -8.830  1.00 19.81 ? 48  SER A C   1 
ATOM   393  O  O   . SER A 1 49  ? 10.516  15.272  -7.995  1.00 19.43 ? 48  SER A O   1 
ATOM   394  C  CB  . SER A 1 49  ? 9.800   16.169  -11.279 1.00 22.81 ? 48  SER A CB  1 
ATOM   395  O  OG  . SER A 1 49  ? 8.756   15.249  -10.995 1.00 20.79 ? 48  SER A OG  1 
ATOM   396  N  N   . ARG A 1 50  ? 9.475   17.194  -8.562  1.00 18.73 ? 49  ARG A N   1 
ATOM   397  C  CA  . ARG A 1 50  ? 8.721   17.259  -7.305  1.00 15.91 ? 49  ARG A CA  1 
ATOM   398  C  C   . ARG A 1 50  ? 7.614   16.210  -7.219  1.00 15.18 ? 49  ARG A C   1 
ATOM   399  O  O   . ARG A 1 50  ? 7.004   16.052  -6.158  1.00 17.81 ? 49  ARG A O   1 
ATOM   400  C  CB  . ARG A 1 50  ? 8.158   18.672  -7.061  1.00 17.37 ? 49  ARG A CB  1 
ATOM   401  C  CG  . ARG A 1 50  ? 9.246   19.730  -6.869  1.00 14.78 ? 49  ARG A CG  1 
ATOM   402  C  CD  . ARG A 1 50  ? 8.723   21.012  -6.304  1.00 11.44 ? 49  ARG A CD  1 
ATOM   403  N  NE  . ARG A 1 50  ? 9.823   21.947  -6.006  1.00 12.23 ? 49  ARG A NE  1 
ATOM   404  C  CZ  . ARG A 1 50  ? 9.686   23.091  -5.341  1.00 10.49 ? 49  ARG A CZ  1 
ATOM   405  N  NH1 . ARG A 1 50  ? 8.503   23.466  -4.882  1.00 12.06 ? 49  ARG A NH1 1 
ATOM   406  N  NH2 . ARG A 1 50  ? 10.747  23.852  -5.107  1.00 11.91 ? 49  ARG A NH2 1 
ATOM   407  N  N   . GLY A 1 51  ? 7.312   15.507  -8.307  1.00 16.85 ? 50  GLY A N   1 
ATOM   408  C  CA  . GLY A 1 51  ? 6.367   14.348  -8.245  1.00 15.19 ? 50  GLY A CA  1 
ATOM   409  C  C   . GLY A 1 51  ? 6.920   13.061  -7.648  1.00 16.57 ? 50  GLY A C   1 
ATOM   410  O  O   . GLY A 1 51  ? 6.166   12.079  -7.429  1.00 18.22 ? 50  GLY A O   1 
ATOM   411  N  N   . GLN A 1 52  ? 8.226   13.051  -7.353  1.00 16.97 ? 51  GLN A N   1 
ATOM   412  C  CA  . GLN A 1 52  ? 8.909   11.862  -6.838  1.00 17.76 ? 51  GLN A CA  1 
ATOM   413  C  C   . GLN A 1 52  ? 8.252   11.315  -5.563  1.00 19.63 ? 51  GLN A C   1 
ATOM   414  O  O   . GLN A 1 52  ? 7.529   12.033  -4.864  1.00 18.05 ? 51  GLN A O   1 
ATOM   415  C  CB  . GLN A 1 52  ? 10.395  12.159  -6.583  1.00 18.44 ? 51  GLN A CB  1 
ATOM   416  C  CG  . GLN A 1 52  ? 10.688  13.196  -5.513  1.00 17.95 ? 51  GLN A CG  1 
ATOM   417  C  CD  . GLN A 1 52  ? 12.184  13.534  -5.387  1.00 20.76 ? 51  GLN A CD  1 
ATOM   418  O  OE1 . GLN A 1 52  ? 12.859  13.848  -6.357  1.00 28.49 ? 51  GLN A OE1 1 
ATOM   419  N  NE2 . GLN A 1 52  ? 12.687  13.474  -4.179  1.00 32.93 ? 51  GLN A NE2 1 
ATOM   420  N  N   . SER A 1 53  ? 8.483   10.033  -5.297  1.00 20.74 ? 52  SER A N   1 
ATOM   421  C  CA  . SER A 1 53  ? 8.189   9.413   -4.010  1.00 20.62 ? 52  SER A CA  1 
ATOM   422  C  C   . SER A 1 53  ? 6.739   9.522   -3.639  1.00 21.00 ? 52  SER A C   1 
ATOM   423  O  O   . SER A 1 53  ? 6.419   9.807   -2.494  1.00 22.37 ? 52  SER A O   1 
ATOM   424  C  CB  . SER A 1 53  ? 9.059   10.049  -2.918  1.00 22.44 ? 52  SER A CB  1 
ATOM   425  O  OG  . SER A 1 53  ? 10.416  9.902   -3.220  1.00 27.26 ? 52  SER A OG  1 
ATOM   426  N  N   . GLY A 1 54  ? 5.850   9.284   -4.609  1.00 20.96 ? 53  GLY A N   1 
ATOM   427  C  CA  . GLY A 1 54  ? 4.439   9.384   -4.381  1.00 22.55 ? 53  GLY A CA  1 
ATOM   428  C  C   . GLY A 1 54  ? 3.822   10.772  -4.487  1.00 24.63 ? 53  GLY A C   1 
ATOM   429  O  O   . GLY A 1 54  ? 2.611   10.891  -4.529  1.00 21.18 ? 53  GLY A O   1 
ATOM   430  N  N   . ASN A 1 55  ? 4.618   11.833  -4.576  1.00 23.87 ? 54  ASN A N   1 
ATOM   431  C  CA  . ASN A 1 55  ? 4.026   13.164  -4.637  1.00 22.88 ? 54  ASN A CA  1 
ATOM   432  C  C   . ASN A 1 55  ? 3.115   13.384  -5.846  1.00 23.94 ? 54  ASN A C   1 
ATOM   433  O  O   . ASN A 1 55  ? 2.207   14.204  -5.769  1.00 25.14 ? 54  ASN A O   1 
ATOM   434  C  CB  . ASN A 1 55  ? 5.095   14.268  -4.563  1.00 22.39 ? 54  ASN A CB  1 
ATOM   435  C  CG  . ASN A 1 55  ? 5.728   14.407  -3.167  1.00 27.12 ? 54  ASN A CG  1 
ATOM   436  O  OD1 . ASN A 1 55  ? 5.071   14.219  -2.154  1.00 35.96 ? 54  ASN A OD1 1 
ATOM   437  N  ND2 . ASN A 1 55  ? 7.004   14.767  -3.126  1.00 35.50 ? 54  ASN A ND2 1 
ATOM   438  N  N   . SER A 1 56  ? 3.322   12.656  -6.940  1.00 21.75 ? 55  SER A N   1 
ATOM   439  C  CA  . SER A 1 56  ? 2.481   12.811  -8.144  1.00 22.31 ? 55  SER A CA  1 
ATOM   440  C  C   . SER A 1 56  ? 1.273   11.887  -8.135  1.00 23.14 ? 55  SER A C   1 
ATOM   441  O  O   . SER A 1 56  ? 0.617   11.735  -9.170  1.00 22.77 ? 55  SER A O   1 
ATOM   442  C  CB  . SER A 1 56  ? 3.288   12.474  -9.403  1.00 23.43 ? 55  SER A CB  1 
ATOM   443  O  OG  . SER A 1 56  ? 3.824   11.163  -9.281  1.00 20.63 ? 55  SER A OG  1 
ATOM   444  N  N   . LEU A 1 57  ? 0.993   11.225  -7.014  1.00 21.53 ? 56  LEU A N   1 
ATOM   445  C  CA  . LEU A 1 57  ? -0.192  10.368  -6.912  1.00 21.90 ? 56  LEU A CA  1 
ATOM   446  C  C   . LEU A 1 57  ? -1.226  10.991  -5.968  1.00 22.95 ? 56  LEU A C   1 
ATOM   447  O  O   . LEU A 1 57  ? -0.883  11.416  -4.878  1.00 22.59 ? 56  LEU A O   1 
ATOM   448  C  CB  . LEU A 1 57  ? 0.186   9.004   -6.369  1.00 19.84 ? 56  LEU A CB  1 
ATOM   449  C  CG  . LEU A 1 57  ? 1.053   8.118   -7.237  1.00 20.11 ? 56  LEU A CG  1 
ATOM   450  C  CD1 . LEU A 1 57  ? 1.192   6.793   -6.538  1.00 26.42 ? 56  LEU A CD1 1 
ATOM   451  C  CD2 . LEU A 1 57  ? 0.465   7.938   -8.637  1.00 19.00 ? 56  LEU A CD2 1 
ATOM   452  N  N   . PHE A 1 58  ? -2.479  11.025  -6.381  1.00 20.60 ? 57  PHE A N   1 
ATOM   453  C  CA  . PHE A 1 58  ? -3.557  11.446  -5.512  1.00 21.12 ? 57  PHE A CA  1 
ATOM   454  C  C   . PHE A 1 58  ? -4.375  10.196  -5.211  1.00 21.88 ? 57  PHE A C   1 
ATOM   455  O  O   . PHE A 1 58  ? -4.819  9.506   -6.131  1.00 19.43 ? 57  PHE A O   1 
ATOM   456  C  CB  . PHE A 1 58  ? -4.408  12.504  -6.224  1.00 23.20 ? 57  PHE A CB  1 
ATOM   457  C  CG  . PHE A 1 58  ? -5.609  13.006  -5.414  1.00 26.29 ? 57  PHE A CG  1 
ATOM   458  C  CD1 . PHE A 1 58  ? -5.432  13.843  -4.309  1.00 35.07 ? 57  PHE A CD1 1 
ATOM   459  C  CD2 . PHE A 1 58  ? -6.906  12.639  -5.769  1.00 30.27 ? 57  PHE A CD2 1 
ATOM   460  C  CE1 . PHE A 1 58  ? -6.537  14.311  -3.575  1.00 28.75 ? 57  PHE A CE1 1 
ATOM   461  C  CE2 . PHE A 1 58  ? -8.024  13.099  -5.051  1.00 29.85 ? 57  PHE A CE2 1 
ATOM   462  C  CZ  . PHE A 1 58  ? -7.843  13.933  -3.952  1.00 28.52 ? 57  PHE A CZ  1 
ATOM   463  N  N   . THR A 1 59  ? -4.549  9.869   -3.941  1.00 21.23 ? 58  THR A N   1 
ATOM   464  C  CA  . THR A 1 59  ? -5.369  8.719   -3.616  1.00 20.25 ? 58  THR A CA  1 
ATOM   465  C  C   . THR A 1 59  ? -6.827  9.099   -3.866  1.00 17.09 ? 58  THR A C   1 
ATOM   466  O  O   . THR A 1 59  ? -7.297  10.078  -3.315  1.00 17.30 ? 58  THR A O   1 
ATOM   467  C  CB  . THR A 1 59  ? -5.184  8.276   -2.180  1.00 21.43 ? 58  THR A CB  1 
ATOM   468  O  OG1 . THR A 1 59  ? -3.788  8.074   -1.900  1.00 24.14 ? 58  THR A OG1 1 
ATOM   469  C  CG2 . THR A 1 59  ? -5.934  6.961   -1.973  1.00 20.06 ? 58  THR A CG2 1 
ATOM   470  N  N   . LEU A 1 60  ? -7.499  8.350   -4.731  1.00 16.01 ? 59  LEU A N   1 
ATOM   471  C  CA  . LEU A 1 60  ? -8.889  8.608   -5.089  1.00 18.90 ? 59  LEU A CA  1 
ATOM   472  C  C   . LEU A 1 60  ? -9.842  8.018   -4.042  1.00 19.17 ? 59  LEU A C   1 
ATOM   473  O  O   . LEU A 1 60  ? -10.848 8.626   -3.699  1.00 17.86 ? 59  LEU A O   1 
ATOM   474  C  CB  . LEU A 1 60  ? -9.216  8.012   -6.461  1.00 18.15 ? 59  LEU A CB  1 
ATOM   475  C  CG  . LEU A 1 60  ? -8.560  8.699   -7.650  1.00 21.68 ? 59  LEU A CG  1 
ATOM   476  C  CD1 . LEU A 1 60  ? -8.780  7.910   -8.917  1.00 23.93 ? 59  LEU A CD1 1 
ATOM   477  C  CD2 . LEU A 1 60  ? -9.094  10.107  -7.763  1.00 21.83 ? 59  LEU A CD2 1 
ATOM   478  N  N   . GLU A 1 61  ? -9.483  6.846   -3.533  1.00 19.08 ? 60  GLU A N   1 
ATOM   479  C  CA  . GLU A 1 61  ? -10.411 5.991   -2.811  1.00 21.66 ? 60  GLU A CA  1 
ATOM   480  C  C   . GLU A 1 61  ? -9.625  4.875   -2.149  1.00 18.79 ? 60  GLU A C   1 
ATOM   481  O  O   . GLU A 1 61  ? -8.676  4.358   -2.726  1.00 20.18 ? 60  GLU A O   1 
ATOM   482  C  CB  . GLU A 1 61  ? -11.392 5.391   -3.820  1.00 22.94 ? 60  GLU A CB  1 
ATOM   483  C  CG  . GLU A 1 61  ? -12.650 4.806   -3.254  1.00 22.82 ? 60  GLU A CG  1 
ATOM   484  C  CD  . GLU A 1 61  ? -13.625 4.362   -4.338  1.00 27.28 ? 60  GLU A CD  1 
ATOM   485  O  OE1 . GLU A 1 61  ? -13.380 4.572   -5.559  1.00 25.27 ? 60  GLU A OE1 1 
ATOM   486  O  OE2 . GLU A 1 61  ? -14.667 3.819   -3.958  1.00 23.08 ? 60  GLU A OE2 1 
ATOM   487  N  N   . ALA A 1 62  ? -10.038 4.480   -0.952  1.00 18.04 ? 61  ALA A N   1 
ATOM   488  C  CA  . ALA A 1 62  ? -9.422  3.385   -0.247  1.00 15.47 ? 61  ALA A CA  1 
ATOM   489  C  C   . ALA A 1 62  ? -10.428 2.718   0.666   1.00 17.98 ? 61  ALA A C   1 
ATOM   490  O  O   . ALA A 1 62  ? -11.328 3.379   1.222   1.00 14.45 ? 61  ALA A O   1 
ATOM   491  C  CB  . ALA A 1 62  ? -8.216  3.880   0.579   1.00 14.95 ? 61  ALA A CB  1 
ATOM   492  N  N   . HIS A 1 63  ? -10.295 1.398   0.791   1.00 17.90 ? 62  HIS A N   1 
ATOM   493  C  CA  . HIS A 1 63  ? -11.003 0.636   1.813   1.00 18.08 ? 62  HIS A CA  1 
ATOM   494  C  C   . HIS A 1 63  ? -9.938  0.135   2.767   1.00 17.91 ? 62  HIS A C   1 
ATOM   495  O  O   . HIS A 1 63  ? -8.820  -0.112  2.347   1.00 17.19 ? 62  HIS A O   1 
ATOM   496  C  CB  . HIS A 1 63  ? -11.763 -0.560  1.218   1.00 17.39 ? 62  HIS A CB  1 
ATOM   497  C  CG  . HIS A 1 63  ? -12.916 -1.012  2.065   1.00 18.15 ? 62  HIS A CG  1 
ATOM   498  N  ND1 . HIS A 1 63  ? -12.837 -2.116  2.874   1.00 25.10 ? 62  HIS A ND1 1 
ATOM   499  C  CD2 . HIS A 1 63  ? -14.143 -0.483  2.279   1.00 16.83 ? 62  HIS A CD2 1 
ATOM   500  C  CE1 . HIS A 1 63  ? -13.962 -2.248  3.544   1.00 16.31 ? 62  HIS A CE1 1 
ATOM   501  N  NE2 . HIS A 1 63  ? -14.773 -1.269  3.204   1.00 21.00 ? 62  HIS A NE2 1 
ATOM   502  N  N   . ILE A 1 64  ? -10.262 0.007   4.045   1.00 18.22 ? 63  ILE A N   1 
ATOM   503  C  CA  . ILE A 1 64  ? -9.339  -0.613  4.959   1.00 16.44 ? 63  ILE A CA  1 
ATOM   504  C  C   . ILE A 1 64  ? -10.062 -1.487  5.946   1.00 17.32 ? 63  ILE A C   1 
ATOM   505  O  O   . ILE A 1 64  ? -11.072 -1.094  6.532   1.00 17.79 ? 63  ILE A O   1 
ATOM   506  C  CB  . ILE A 1 64  ? -8.394  0.424   5.634   1.00 17.55 ? 63  ILE A CB  1 
ATOM   507  C  CG1 . ILE A 1 64  ? -7.531  -0.253  6.672   1.00 20.01 ? 63  ILE A CG1 1 
ATOM   508  C  CG2 . ILE A 1 64  ? -9.135  1.536   6.264   1.00 26.41 ? 63  ILE A CG2 1 
ATOM   509  C  CD1 . ILE A 1 64  ? -6.361  0.620   7.017   1.00 19.50 ? 63  ILE A CD1 1 
ATOM   510  N  N   . ASN A 1 65  ? -9.564  -2.709  6.071   1.00 18.52 ? 64  ASN A N   1 
ATOM   511  C  CA  . ASN A 1 65  ? -10.044 -3.637  7.084   1.00 20.93 ? 64  ASN A CA  1 
ATOM   512  C  C   . ASN A 1 65  ? -9.041  -3.761  8.180   1.00 17.14 ? 64  ASN A C   1 
ATOM   513  O  O   . ASN A 1 65  ? -7.885  -4.044  7.899   1.00 19.81 ? 64  ASN A O   1 
ATOM   514  C  CB  . ASN A 1 65  ? -10.259 -4.984  6.463   1.00 18.87 ? 64  ASN A CB  1 
ATOM   515  C  CG  . ASN A 1 65  ? -11.345 -4.938  5.442   1.00 24.92 ? 64  ASN A CG  1 
ATOM   516  O  OD1 . ASN A 1 65  ? -11.123 -4.511  4.308   1.00 20.11 ? 64  ASN A OD1 1 
ATOM   517  N  ND2 . ASN A 1 65  ? -12.546 -5.303  5.850   1.00 21.38 ? 64  ASN A ND2 1 
ATOM   518  N  N   . TYR A 1 66  ? -9.492  -3.632  9.426   1.00 17.10 ? 65  TYR A N   1 
ATOM   519  C  CA  . TYR A 1 66  ? -8.593  -3.753  10.573  1.00 21.06 ? 65  TYR A CA  1 
ATOM   520  C  C   . TYR A 1 66  ? -8.927  -5.052  11.292  1.00 19.62 ? 65  TYR A C   1 
ATOM   521  O  O   . TYR A 1 66  ? -10.014 -5.178  11.833  1.00 18.62 ? 65  TYR A O   1 
ATOM   522  C  CB  . TYR A 1 66  ? -8.788  -2.583  11.525  1.00 19.09 ? 65  TYR A CB  1 
ATOM   523  C  CG  . TYR A 1 66  ? -8.633  -1.216  10.907  1.00 25.00 ? 65  TYR A CG  1 
ATOM   524  C  CD1 . TYR A 1 66  ? -9.735  -0.538  10.363  1.00 23.78 ? 65  TYR A CD1 1 
ATOM   525  C  CD2 . TYR A 1 66  ? -7.417  -0.535  10.978  1.00 23.25 ? 65  TYR A CD2 1 
ATOM   526  C  CE1 . TYR A 1 66  ? -9.601  0.731   9.849   1.00 20.83 ? 65  TYR A CE1 1 
ATOM   527  C  CE2 . TYR A 1 66  ? -7.296  0.727   10.488  1.00 22.71 ? 65  TYR A CE2 1 
ATOM   528  C  CZ  . TYR A 1 66  ? -8.368  1.355   9.909   1.00 21.89 ? 65  TYR A CZ  1 
ATOM   529  O  OH  . TYR A 1 66  ? -8.185  2.631   9.416   1.00 22.29 ? 65  TYR A OH  1 
ATOM   530  N  N   . LEU A 1 67  ? -8.019  -6.028  11.219  1.00 17.81 ? 66  LEU A N   1 
ATOM   531  C  CA  . LEU A 1 67  ? -8.247  -7.359  11.781  1.00 17.54 ? 66  LEU A CA  1 
ATOM   532  C  C   . LEU A 1 67  ? -7.707  -7.476  13.200  1.00 18.58 ? 66  LEU A C   1 
ATOM   533  O  O   . LEU A 1 67  ? -8.260  -8.217  13.995  1.00 18.54 ? 66  LEU A O   1 
ATOM   534  C  CB  . LEU A 1 67  ? -7.636  -8.438  10.877  1.00 20.15 ? 66  LEU A CB  1 
ATOM   535  C  CG  . LEU A 1 67  ? -8.203  -8.581  9.457   1.00 20.07 ? 66  LEU A CG  1 
ATOM   536  C  CD1 . LEU A 1 67  ? -9.746  -8.586  9.439   1.00 29.00 ? 66  LEU A CD1 1 
ATOM   537  C  CD2 . LEU A 1 67  ? -7.713  -7.520  8.515   1.00 27.35 ? 66  LEU A CD2 1 
ATOM   538  N  N   . HIS A 1 68  ? -6.655  -6.721  13.525  1.00 20.50 ? 67  HIS A N   1 
ATOM   539  C  CA  . HIS A 1 68  ? -5.992  -6.828  14.813  1.00 20.12 ? 67  HIS A CA  1 
ATOM   540  C  C   . HIS A 1 68  ? -5.409  -5.509  15.272  1.00 22.48 ? 67  HIS A C   1 
ATOM   541  O  O   . HIS A 1 68  ? -4.919  -4.678  14.481  1.00 20.63 ? 67  HIS A O   1 
ATOM   542  C  CB  . HIS A 1 68  ? -4.865  -7.842  14.736  1.00 21.40 ? 67  HIS A CB  1 
ATOM   543  C  CG  . HIS A 1 68  ? -5.341  -9.218  14.425  1.00 22.48 ? 67  HIS A CG  1 
ATOM   544  N  ND1 . HIS A 1 68  ? -5.872  -10.047 15.387  1.00 19.63 ? 67  HIS A ND1 1 
ATOM   545  C  CD2 . HIS A 1 68  ? -5.423  -9.892  13.256  1.00 22.01 ? 67  HIS A CD2 1 
ATOM   546  C  CE1 . HIS A 1 68  ? -6.235  -11.188 14.827  1.00 22.74 ? 67  HIS A CE1 1 
ATOM   547  N  NE2 . HIS A 1 68  ? -5.982  -11.116 13.533  1.00 23.54 ? 67  HIS A NE2 1 
ATOM   548  N  N   . GLU A 1 69  ? -5.509  -5.319  16.572  1.00 21.78 ? 68  GLU A N   1 
ATOM   549  C  CA  . GLU A 1 69  ? -4.832  -4.219  17.262  1.00 25.25 ? 68  GLU A CA  1 
ATOM   550  C  C   . GLU A 1 69  ? -3.339  -4.391  17.129  1.00 23.05 ? 68  GLU A C   1 
ATOM   551  O  O   . GLU A 1 69  ? -2.825  -5.513  17.032  1.00 23.01 ? 68  GLU A O   1 
ATOM   552  C  CB  . GLU A 1 69  ? -5.244  -4.165  18.740  1.00 25.74 ? 68  GLU A CB  1 
ATOM   553  C  CG  . GLU A 1 69  ? -4.586  -5.242  19.625  1.00 39.48 ? 68  GLU A CG  1 
ATOM   554  C  CD  . GLU A 1 69  ? -5.045  -6.684  19.290  1.00 48.82 ? 68  GLU A CD  1 
ATOM   555  O  OE1 . GLU A 1 69  ? -6.151  -6.860  18.708  1.00 48.11 ? 68  GLU A OE1 1 
ATOM   556  O  OE2 . GLU A 1 69  ? -4.300  -7.641  19.615  1.00 56.98 ? 68  GLU A OE2 1 
ATOM   557  N  N   . VAL A 1 70  ? -2.633  -3.270  17.130  1.00 24.59 ? 69  VAL A N   1 
ATOM   558  C  CA  . VAL A 1 70  ? -1.193  -3.286  17.059  1.00 21.00 ? 69  VAL A CA  1 
ATOM   559  C  C   . VAL A 1 70  ? -0.695  -2.428  18.194  1.00 21.11 ? 69  VAL A C   1 
ATOM   560  O  O   . VAL A 1 70  ? -1.124  -1.291  18.366  1.00 19.18 ? 69  VAL A O   1 
ATOM   561  C  CB  . VAL A 1 70  ? -0.702  -2.776  15.687  1.00 19.51 ? 69  VAL A CB  1 
ATOM   562  C  CG1 . VAL A 1 70  ? 0.789   -2.800  15.626  1.00 22.28 ? 69  VAL A CG1 1 
ATOM   563  C  CG2 . VAL A 1 70  ? -1.305  -3.640  14.565  1.00 21.18 ? 69  VAL A CG2 1 
ATOM   564  N  N   . LYS A 1 71  ? 0.188   -2.996  18.995  1.00 18.76 ? 70  LYS A N   1 
ATOM   565  C  CA  . LYS A 1 71  ? 0.593   -2.373  20.222  1.00 20.81 ? 70  LYS A CA  1 
ATOM   566  C  C   . LYS A 1 71  ? 1.874   -1.537  20.036  1.00 18.54 ? 70  LYS A C   1 
ATOM   567  O  O   . LYS A 1 71  ? 2.683   -1.763  19.124  1.00 18.65 ? 70  LYS A O   1 
ATOM   568  C  CB  . LYS A 1 71  ? 0.785   -3.435  21.329  1.00 21.70 ? 70  LYS A CB  1 
ATOM   569  C  CG  . LYS A 1 71  ? -0.462  -4.231  21.728  1.00 21.66 ? 70  LYS A CG  1 
ATOM   570  C  CD  . LYS A 1 71  ? -0.088  -5.280  22.758  1.00 25.18 ? 70  LYS A CD  1 
ATOM   571  C  CE  . LYS A 1 71  ? -1.268  -6.147  23.197  1.00 27.32 ? 70  LYS A CE  1 
ATOM   572  N  NZ  . LYS A 1 71  ? -2.396  -5.370  23.802  1.00 24.81 ? 70  LYS A NZ  1 
ATOM   573  N  N   . LEU A 1 72  ? 2.060   -0.583  20.928  1.00 20.34 ? 71  LEU A N   1 
ATOM   574  C  CA  . LEU A 1 72  ? 3.342   0.139   21.037  1.00 19.56 ? 71  LEU A CA  1 
ATOM   575  C  C   . LEU A 1 72  ? 4.582   -0.749  20.880  1.00 19.66 ? 71  LEU A C   1 
ATOM   576  O  O   . LEU A 1 72  ? 4.693   -1.783  21.526  1.00 17.51 ? 71  LEU A O   1 
ATOM   577  C  CB  . LEU A 1 72  ? 3.426   0.819   22.391  1.00 19.14 ? 71  LEU A CB  1 
ATOM   578  C  CG  . LEU A 1 72  ? 4.645   1.718   22.646  1.00 21.18 ? 71  LEU A CG  1 
ATOM   579  C  CD1 . LEU A 1 72  ? 4.629   2.911   21.679  1.00 22.48 ? 71  LEU A CD1 1 
ATOM   580  C  CD2 . LEU A 1 72  ? 4.603   2.209   24.086  1.00 23.00 ? 71  LEU A CD2 1 
ATOM   581  N  N   . GLY A 1 73  ? 5.515   -0.333  20.021  1.00 19.60 ? 72  GLY A N   1 
ATOM   582  C  CA  . GLY A 1 73  ? 6.805   -1.022  19.861  1.00 19.13 ? 72  GLY A CA  1 
ATOM   583  C  C   . GLY A 1 73  ? 6.786   -2.211  18.929  1.00 18.32 ? 72  GLY A C   1 
ATOM   584  O  O   . GLY A 1 73  ? 7.818   -2.818  18.653  1.00 17.06 ? 72  GLY A O   1 
ATOM   585  N  N   . THR A 1 74  ? 5.626   -2.553  18.404  1.00 18.03 ? 73  THR A N   1 
ATOM   586  C  CA  . THR A 1 74  ? 5.560   -3.622  17.472  1.00 16.86 ? 73  THR A CA  1 
ATOM   587  C  C   . THR A 1 74  ? 6.312   -3.256  16.183  1.00 17.86 ? 73  THR A C   1 
ATOM   588  O  O   . THR A 1 74  ? 6.131   -2.142  15.633  1.00 15.24 ? 73  THR A O   1 
ATOM   589  C  CB  . THR A 1 74  ? 4.108   -3.965  17.155  1.00 20.50 ? 73  THR A CB  1 
ATOM   590  O  OG1 . THR A 1 74  ? 3.414   -4.268  18.375  1.00 20.86 ? 73  THR A OG1 1 
ATOM   591  C  CG2 . THR A 1 74  ? 4.046   -5.170  16.242  1.00 20.58 ? 73  THR A CG2 1 
ATOM   592  N  N   . GLU A 1 75  ? 7.171   -4.179  15.726  1.00 17.26 ? 74  GLU A N   1 
ATOM   593  C  CA  . GLU A 1 75  ? 7.856   -4.046  14.437  1.00 20.25 ? 74  GLU A CA  1 
ATOM   594  C  C   . GLU A 1 75  ? 6.934   -4.595  13.374  1.00 16.75 ? 74  GLU A C   1 
ATOM   595  O  O   . GLU A 1 75  ? 6.567   -5.750  13.423  1.00 16.77 ? 74  GLU A O   1 
ATOM   596  C  CB  . GLU A 1 75  ? 9.171   -4.818  14.437  1.00 22.16 ? 74  GLU A CB  1 
ATOM   597  C  CG  . GLU A 1 75  ? 10.185  -4.232  15.434  1.00 24.18 ? 74  GLU A CG  1 
ATOM   598  C  CD  . GLU A 1 75  ? 11.266  -5.242  15.878  1.00 31.14 ? 74  GLU A CD  1 
ATOM   599  O  OE1 . GLU A 1 75  ? 10.934  -6.221  16.594  1.00 50.23 ? 74  GLU A OE1 1 
ATOM   600  O  OE2 . GLU A 1 75  ? 12.447  -5.021  15.538  1.00 38.91 ? 74  GLU A OE2 1 
ATOM   601  N  N   . VAL A 1 76  ? 6.568   -3.760  12.417  1.00 16.98 ? 75  VAL A N   1 
ATOM   602  C  CA  . VAL A 1 76  ? 5.616   -4.156  11.405  1.00 17.26 ? 75  VAL A CA  1 
ATOM   603  C  C   . VAL A 1 76  ? 6.202   -3.885  10.033  1.00 18.16 ? 75  VAL A C   1 
ATOM   604  O  O   . VAL A 1 76  ? 7.111   -3.072  9.889   1.00 18.22 ? 75  VAL A O   1 
ATOM   605  C  CB  . VAL A 1 76  ? 4.234   -3.426  11.564  1.00 19.63 ? 75  VAL A CB  1 
ATOM   606  C  CG1 . VAL A 1 76  ? 3.553   -3.793  12.900  1.00 16.22 ? 75  VAL A CG1 1 
ATOM   607  C  CG2 . VAL A 1 76  ? 4.345   -1.884  11.371  1.00 18.85 ? 75  VAL A CG2 1 
ATOM   608  N  N   . TRP A 1 77  ? 5.662   -4.567  9.032   1.00 17.34 ? 76  TRP A N   1 
ATOM   609  C  CA  . TRP A 1 77  ? 6.016   -4.323  7.647   1.00 18.45 ? 76  TRP A CA  1 
ATOM   610  C  C   . TRP A 1 77  ? 4.795   -4.393  6.755   1.00 19.48 ? 76  TRP A C   1 
ATOM   611  O  O   . TRP A 1 77  ? 3.781   -5.023  7.097   1.00 16.35 ? 76  TRP A O   1 
ATOM   612  C  CB  . TRP A 1 77  ? 7.098   -5.317  7.138   1.00 15.55 ? 76  TRP A CB  1 
ATOM   613  C  CG  . TRP A 1 77  ? 6.696   -6.724  6.951   1.00 18.59 ? 76  TRP A CG  1 
ATOM   614  C  CD1 . TRP A 1 77  ? 6.098   -7.274  5.838   1.00 21.48 ? 76  TRP A CD1 1 
ATOM   615  C  CD2 . TRP A 1 77  ? 6.902   -7.803  7.864   1.00 17.11 ? 76  TRP A CD2 1 
ATOM   616  N  NE1 . TRP A 1 77  ? 5.913   -8.620  6.029   1.00 17.54 ? 76  TRP A NE1 1 
ATOM   617  C  CE2 . TRP A 1 77  ? 6.382   -8.964  7.268   1.00 19.39 ? 76  TRP A CE2 1 
ATOM   618  C  CE3 . TRP A 1 77  ? 7.457   -7.899  9.150   1.00 22.67 ? 76  TRP A CE3 1 
ATOM   619  C  CZ2 . TRP A 1 77  ? 6.392   -10.207 7.909   1.00 15.30 ? 76  TRP A CZ2 1 
ATOM   620  C  CZ3 . TRP A 1 77  ? 7.478   -9.134  9.769   1.00 19.47 ? 76  TRP A CZ3 1 
ATOM   621  C  CH2 . TRP A 1 77  ? 6.929   -10.262 9.156   1.00 20.65 ? 76  TRP A CH2 1 
ATOM   622  N  N   . VAL A 1 78  ? 4.925   -3.763  5.585   1.00 20.64 ? 77  VAL A N   1 
ATOM   623  C  CA  . VAL A 1 78  ? 3.866   -3.764  4.585   1.00 17.86 ? 77  VAL A CA  1 
ATOM   624  C  C   . VAL A 1 78  ? 4.217   -4.645  3.423   1.00 17.19 ? 77  VAL A C   1 
ATOM   625  O  O   . VAL A 1 78  ? 5.322   -4.558  2.901   1.00 16.20 ? 77  VAL A O   1 
ATOM   626  C  CB  . VAL A 1 78  ? 3.613   -2.322  4.050   1.00 19.03 ? 77  VAL A CB  1 
ATOM   627  C  CG1 . VAL A 1 78  ? 2.400   -2.287  3.159   1.00 15.67 ? 77  VAL A CG1 1 
ATOM   628  C  CG2 . VAL A 1 78  ? 3.467   -1.363  5.196   1.00 17.00 ? 77  VAL A CG2 1 
ATOM   629  N  N   . GLN A 1 79  ? 3.258   -5.478  2.996   1.00 17.86 ? 78  GLN A N   1 
ATOM   630  C  CA  . GLN A 1 79  ? 3.350   -6.185  1.725   1.00 18.78 ? 78  GLN A CA  1 
ATOM   631  C  C   . GLN A 1 79  ? 2.428   -5.511  0.718   1.00 19.83 ? 78  GLN A C   1 
ATOM   632  O  O   . GLN A 1 79  ? 1.364   -5.035  1.062   1.00 17.65 ? 78  GLN A O   1 
ATOM   633  C  CB  . GLN A 1 79  ? 2.989   -7.680  1.896   1.00 17.99 ? 78  GLN A CB  1 
ATOM   634  C  CG  . GLN A 1 79  ? 4.147   -8.404  2.586   1.00 16.66 ? 78  GLN A CG  1 
ATOM   635  C  CD  . GLN A 1 79  ? 3.883   -9.823  2.988   1.00 21.80 ? 78  GLN A CD  1 
ATOM   636  O  OE1 . GLN A 1 79  ? 4.540   -10.299 3.891   1.00 21.16 ? 78  GLN A OE1 1 
ATOM   637  N  NE2 . GLN A 1 79  ? 2.926   -10.503 2.349   1.00 16.24 ? 78  GLN A NE2 1 
ATOM   638  N  N   . THR A 1 80  ? 2.855   -5.446  -0.526  1.00 17.79 ? 79  THR A N   1 
ATOM   639  C  CA  . THR A 1 80  ? 2.140   -4.645  -1.514  1.00 18.90 ? 79  THR A CA  1 
ATOM   640  C  C   . THR A 1 80  ? 2.000   -5.459  -2.796  1.00 20.74 ? 79  THR A C   1 
ATOM   641  O  O   . THR A 1 80  ? 2.968   -6.060  -3.259  1.00 22.55 ? 79  THR A O   1 
ATOM   642  C  CB  . THR A 1 80  ? 2.841   -3.337  -1.802  1.00 18.89 ? 79  THR A CB  1 
ATOM   643  O  OG1 . THR A 1 80  ? 3.057   -2.580  -0.581  1.00 23.06 ? 79  THR A OG1 1 
ATOM   644  C  CG2 . THR A 1 80  ? 2.039   -2.522  -2.798  1.00 23.66 ? 79  THR A CG2 1 
ATOM   645  N  N   . GLN A 1 81  ? 0.785   -5.519  -3.317  1.00 20.34 ? 80  GLN A N   1 
ATOM   646  C  CA  . GLN A 1 81  ? 0.513   -6.089  -4.653  1.00 21.55 ? 80  GLN A CA  1 
ATOM   647  C  C   . GLN A 1 81  ? -0.150  -5.060  -5.563  1.00 22.50 ? 80  GLN A C   1 
ATOM   648  O  O   . GLN A 1 81  ? -0.983  -4.229  -5.127  1.00 21.00 ? 80  GLN A O   1 
ATOM   649  C  CB  . GLN A 1 81  ? -0.406  -7.275  -4.559  1.00 20.90 ? 80  GLN A CB  1 
ATOM   650  C  CG  . GLN A 1 81  ? 0.078   -8.367  -3.668  1.00 27.67 ? 80  GLN A CG  1 
ATOM   651  C  CD  . GLN A 1 81  ? -0.743  -9.652  -3.834  1.00 27.31 ? 80  GLN A CD  1 
ATOM   652  O  OE1 . GLN A 1 81  ? -0.968  -10.105 -4.943  1.00 34.06 ? 80  GLN A OE1 1 
ATOM   653  N  NE2 . GLN A 1 81  ? -1.159  -10.240 -2.715  1.00 33.57 ? 80  GLN A NE2 1 
ATOM   654  N  N   . ILE A 1 82  ? 0.219   -5.127  -6.836  1.00 22.00 ? 81  ILE A N   1 
ATOM   655  C  CA  . ILE A 1 82  ? -0.375  -4.311  -7.864  1.00 22.45 ? 81  ILE A CA  1 
ATOM   656  C  C   . ILE A 1 82  ? -1.494  -5.162  -8.453  1.00 20.66 ? 81  ILE A C   1 
ATOM   657  O  O   . ILE A 1 82  ? -1.247  -6.229  -8.992  1.00 19.33 ? 81  ILE A O   1 
ATOM   658  C  CB  . ILE A 1 82  ? 0.690   -3.875  -8.918  1.00 21.48 ? 81  ILE A CB  1 
ATOM   659  C  CG1 . ILE A 1 82  ? 1.700   -2.933  -8.245  1.00 27.52 ? 81  ILE A CG1 1 
ATOM   660  C  CG2 . ILE A 1 82  ? 0.035   -3.184  -10.120 1.00 24.61 ? 81  ILE A CG2 1 
ATOM   661  C  CD1 . ILE A 1 82  ? 2.943   -2.708  -9.046  1.00 31.90 ? 81  ILE A CD1 1 
ATOM   662  N  N   . LEU A 1 83  ? -2.726  -4.688  -8.313  1.00 19.99 ? 82  LEU A N   1 
ATOM   663  C  CA  . LEU A 1 83  ? -3.889  -5.420  -8.770  1.00 19.87 ? 82  LEU A CA  1 
ATOM   664  C  C   . LEU A 1 83  ? -4.212  -5.100  -10.212 1.00 21.87 ? 82  LEU A C   1 
ATOM   665  O  O   . LEU A 1 83  ? -4.862  -5.886  -10.881 1.00 22.61 ? 82  LEU A O   1 
ATOM   666  C  CB  . LEU A 1 83  ? -5.092  -5.083  -7.909  1.00 21.10 ? 82  LEU A CB  1 
ATOM   667  C  CG  . LEU A 1 83  ? -4.865  -5.266  -6.421  1.00 25.99 ? 82  LEU A CG  1 
ATOM   668  C  CD1 . LEU A 1 83  ? -6.063  -4.740  -5.651  1.00 25.29 ? 82  LEU A CD1 1 
ATOM   669  C  CD2 . LEU A 1 83  ? -4.550  -6.728  -6.142  1.00 27.90 ? 82  LEU A CD2 1 
ATOM   670  N  N   . GLY A 1 84  ? -3.742  -3.957  -10.702 1.00 19.92 ? 83  GLY A N   1 
ATOM   671  C  CA  . GLY A 1 84  ? -4.154  -3.485  -12.037 1.00 19.44 ? 83  GLY A CA  1 
ATOM   672  C  C   . GLY A 1 84  ? -3.703  -2.053  -12.228 1.00 18.28 ? 83  GLY A C   1 
ATOM   673  O  O   . GLY A 1 84  ? -3.370  -1.383  -11.264 1.00 19.26 ? 83  GLY A O   1 
ATOM   674  N  N   . PHE A 1 85  ? -3.630  -1.597  -13.476 1.00 19.27 ? 84  PHE A N   1 
ATOM   675  C  CA  . PHE A 1 85  ? -3.372  -0.197  -13.752 1.00 18.57 ? 84  PHE A CA  1 
ATOM   676  C  C   . PHE A 1 85  ? -3.823  0.131   -15.152 1.00 22.20 ? 84  PHE A C   1 
ATOM   677  O  O   . PHE A 1 85  ? -3.966  -0.775  -15.981 1.00 20.03 ? 84  PHE A O   1 
ATOM   678  C  CB  . PHE A 1 85  ? -1.895  0.167   -13.528 1.00 18.02 ? 84  PHE A CB  1 
ATOM   679  C  CG  . PHE A 1 85  ? -0.941  -0.490  -14.478 1.00 20.45 ? 84  PHE A CG  1 
ATOM   680  C  CD1 . PHE A 1 85  ? -0.638  0.093   -15.695 1.00 18.68 ? 84  PHE A CD1 1 
ATOM   681  C  CD2 . PHE A 1 85  ? -0.322  -1.683  -14.143 1.00 16.76 ? 84  PHE A CD2 1 
ATOM   682  C  CE1 . PHE A 1 85  ? 0.275   -0.508  -16.551 1.00 19.83 ? 84  PHE A CE1 1 
ATOM   683  C  CE2 . PHE A 1 85  ? 0.565   -2.302  -15.004 1.00 18.85 ? 84  PHE A CE2 1 
ATOM   684  C  CZ  . PHE A 1 85  ? 0.883   -1.711  -16.195 1.00 23.63 ? 84  PHE A CZ  1 
ATOM   685  N  N   . ASP A 1 86  ? -4.096  1.413   -15.407 1.00 20.82 ? 85  ASP A N   1 
ATOM   686  C  CA  . ASP A 1 86  ? -4.442  1.824   -16.760 1.00 21.08 ? 85  ASP A CA  1 
ATOM   687  C  C   . ASP A 1 86  ? -3.520  2.944   -17.171 1.00 19.57 ? 85  ASP A C   1 
ATOM   688  O  O   . ASP A 1 86  ? -2.410  3.002   -16.685 1.00 18.42 ? 85  ASP A O   1 
ATOM   689  C  CB  . ASP A 1 86  ? -5.938  2.141   -16.883 1.00 22.85 ? 85  ASP A CB  1 
ATOM   690  C  CG  . ASP A 1 86  ? -6.405  3.270   -15.972 1.00 26.77 ? 85  ASP A CG  1 
ATOM   691  O  OD1 . ASP A 1 86  ? -5.587  4.127   -15.535 1.00 22.12 ? 85  ASP A OD1 1 
ATOM   692  O  OD2 . ASP A 1 86  ? -7.624  3.304   -15.719 1.00 20.57 ? 85  ASP A OD2 1 
ATOM   693  N  N   . ARG A 1 87  ? -3.948  3.825   -18.062 1.00 19.97 ? 86  ARG A N   1 
ATOM   694  C  CA  . ARG A 1 87  ? -3.077  4.901   -18.529 1.00 22.76 ? 86  ARG A CA  1 
ATOM   695  C  C   . ARG A 1 87  ? -2.662  5.861   -17.414 1.00 21.91 ? 86  ARG A C   1 
ATOM   696  O  O   . ARG A 1 87  ? -1.605  6.428   -17.486 1.00 22.32 ? 86  ARG A O   1 
ATOM   697  C  CB  . ARG A 1 87  ? -3.738  5.669   -19.682 1.00 22.55 ? 86  ARG A CB  1 
ATOM   698  C  CG  . ARG A 1 87  ? -3.926  4.822   -20.933 1.00 29.09 ? 86  ARG A CG  1 
ATOM   699  C  CD  . ARG A 1 87  ? -4.420  5.634   -22.143 1.00 29.90 ? 86  ARG A CD  1 
ATOM   700  N  N   . LYS A 1 88  ? -3.493  6.047   -16.390 1.00 21.81 ? 87  LYS A N   1 
ATOM   701  C  CA  . LYS A 1 88  ? -3.172  7.004   -15.336 1.00 23.57 ? 87  LYS A CA  1 
ATOM   702  C  C   . LYS A 1 88  ? -3.569  6.619   -13.905 1.00 21.19 ? 87  LYS A C   1 
ATOM   703  O  O   . LYS A 1 88  ? -3.355  7.419   -12.974 1.00 19.67 ? 87  LYS A O   1 
ATOM   704  C  CB  . LYS A 1 88  ? -3.762  8.366   -15.673 1.00 26.75 ? 87  LYS A CB  1 
ATOM   705  C  CG  . LYS A 1 88  ? -5.252  8.411   -15.703 1.00 26.92 ? 87  LYS A CG  1 
ATOM   706  C  CD  . LYS A 1 88  ? -5.749  9.655   -16.478 1.00 29.95 ? 87  LYS A CD  1 
ATOM   707  C  CE  . LYS A 1 88  ? -7.179  10.010  -16.082 1.00 39.07 ? 87  LYS A CE  1 
ATOM   708  N  NZ  . LYS A 1 88  ? -7.742  11.280  -16.657 1.00 39.68 ? 87  LYS A NZ  1 
ATOM   709  N  N   . ARG A 1 89  ? -4.093  5.414   -13.721 1.00 17.84 ? 88  ARG A N   1 
ATOM   710  C  CA  . ARG A 1 89  ? -4.524  4.952   -12.395 1.00 19.39 ? 88  ARG A CA  1 
ATOM   711  C  C   . ARG A 1 89  ? -3.789  3.691   -11.995 1.00 19.34 ? 88  ARG A C   1 
ATOM   712  O  O   . ARG A 1 89  ? -3.455  2.901   -12.829 1.00 16.62 ? 88  ARG A O   1 
ATOM   713  C  CB  . ARG A 1 89  ? -6.045  4.704   -12.355 1.00 22.10 ? 88  ARG A CB  1 
ATOM   714  C  CG  . ARG A 1 89  ? -6.888  5.983   -12.211 1.00 21.58 ? 88  ARG A CG  1 
ATOM   715  C  CD  . ARG A 1 89  ? -8.325  5.767   -12.671 1.00 23.80 ? 88  ARG A CD  1 
ATOM   716  N  NE  . ARG A 1 89  ? -8.302  5.604   -14.105 1.00 37.02 ? 88  ARG A NE  1 
ATOM   717  C  CZ  . ARG A 1 89  ? -8.510  6.574   -14.987 1.00 36.86 ? 88  ARG A CZ  1 
ATOM   718  N  NH1 . ARG A 1 89  ? -8.855  7.801   -14.603 1.00 34.78 ? 88  ARG A NH1 1 
ATOM   719  N  NH2 . ARG A 1 89  ? -8.393  6.293   -16.274 1.00 41.89 ? 88  ARG A NH2 1 
ATOM   720  N  N   . LEU A 1 90  ? -3.489  3.567   -10.701 1.00 20.69 ? 89  LEU A N   1 
ATOM   721  C  CA  A LEU A 1 90  ? -2.887  2.368   -10.161 0.50 21.78 ? 89  LEU A CA  1 
ATOM   722  C  CA  B LEU A 1 90  ? -2.878  2.372   -10.114 0.50 20.53 ? 89  LEU A CA  1 
ATOM   723  C  C   . LEU A 1 90  ? -3.838  1.755   -9.124  1.00 20.68 ? 89  LEU A C   1 
ATOM   724  O  O   . LEU A 1 90  ? -4.363  2.461   -8.283  1.00 20.17 ? 89  LEU A O   1 
ATOM   725  C  CB  A LEU A 1 90  ? -1.535  2.729   -9.551  0.50 23.00 ? 89  LEU A CB  1 
ATOM   726  C  CB  B LEU A 1 90  ? -1.623  2.730   -9.329  0.50 22.15 ? 89  LEU A CB  1 
ATOM   727  C  CG  A LEU A 1 90  ? -0.642  1.607   -9.044  0.50 23.22 ? 89  LEU A CG  1 
ATOM   728  C  CG  B LEU A 1 90  ? -0.433  3.266   -10.100 0.50 18.83 ? 89  LEU A CG  1 
ATOM   729  C  CD1 A LEU A 1 90  ? -0.326  0.574   -10.123 0.50 25.01 ? 89  LEU A CD1 1 
ATOM   730  C  CD1 B LEU A 1 90  ? 0.592   3.860   -9.127  0.50 26.25 ? 89  LEU A CD1 1 
ATOM   731  C  CD2 A LEU A 1 90  ? 0.648   2.216   -8.455  0.50 25.49 ? 89  LEU A CD2 1 
ATOM   732  C  CD2 B LEU A 1 90  ? 0.164   2.176   -10.939 0.50 16.86 ? 89  LEU A CD2 1 
ATOM   733  N  N   . HIS A 1 91  ? -4.074  0.446   -9.228  1.00 19.26 ? 90  HIS A N   1 
ATOM   734  C  CA  . HIS A 1 91  ? -4.945  -0.275  -8.291  1.00 20.12 ? 90  HIS A CA  1 
ATOM   735  C  C   . HIS A 1 91  ? -4.019  -1.145  -7.428  1.00 22.51 ? 90  HIS A C   1 
ATOM   736  O  O   . HIS A 1 91  ? -3.324  -2.014  -7.945  1.00 22.94 ? 90  HIS A O   1 
ATOM   737  C  CB  . HIS A 1 91  ? -5.968  -1.068  -9.095  1.00 22.44 ? 90  HIS A CB  1 
ATOM   738  C  CG  . HIS A 1 91  ? -7.041  -1.715  -8.279  1.00 18.62 ? 90  HIS A CG  1 
ATOM   739  N  ND1 . HIS A 1 91  ? -7.873  -2.679  -8.801  1.00 24.73 ? 90  HIS A ND1 1 
ATOM   740  C  CD2 . HIS A 1 91  ? -7.427  -1.540  -6.992  1.00 18.50 ? 90  HIS A CD2 1 
ATOM   741  C  CE1 . HIS A 1 91  ? -8.734  -3.063  -7.873  1.00 27.76 ? 90  HIS A CE1 1 
ATOM   742  N  NE2 . HIS A 1 91  ? -8.486  -2.386  -6.767  1.00 26.18 ? 90  HIS A NE2 1 
ATOM   743  N  N   . VAL A 1 92  ? -3.964  -0.865  -6.130  1.00 19.89 ? 91  VAL A N   1 
ATOM   744  C  CA  . VAL A 1 92  ? -3.006  -1.506  -5.234  1.00 21.28 ? 91  VAL A CA  1 
ATOM   745  C  C   . VAL A 1 92  ? -3.637  -2.085  -3.968  1.00 22.00 ? 91  VAL A C   1 
ATOM   746  O  O   . VAL A 1 92  ? -4.735  -1.706  -3.583  1.00 20.37 ? 91  VAL A O   1 
ATOM   747  C  CB  . VAL A 1 92  ? -1.884  -0.522  -4.809  1.00 24.26 ? 91  VAL A CB  1 
ATOM   748  C  CG1 . VAL A 1 92  ? -1.175  0.001   -6.049  1.00 21.08 ? 91  VAL A CG1 1 
ATOM   749  C  CG2 . VAL A 1 92  ? -2.447  0.620   -4.005  1.00 28.97 ? 91  VAL A CG2 1 
ATOM   750  N  N   . TYR A 1 93  ? -2.922  -3.020  -3.349  1.00 18.46 ? 92  TYR A N   1 
ATOM   751  C  CA  . TYR A 1 93  ? -3.405  -3.705  -2.163  1.00 18.76 ? 92  TYR A CA  1 
ATOM   752  C  C   . TYR A 1 93  ? -2.239  -3.800  -1.222  1.00 17.06 ? 92  TYR A C   1 
ATOM   753  O  O   . TYR A 1 93  ? -1.202  -4.325  -1.614  1.00 17.87 ? 92  TYR A O   1 
ATOM   754  C  CB  . TYR A 1 93  ? -3.886  -5.127  -2.533  1.00 16.99 ? 92  TYR A CB  1 
ATOM   755  C  CG  . TYR A 1 93  ? -4.437  -5.961  -1.378  1.00 17.39 ? 92  TYR A CG  1 
ATOM   756  C  CD1 . TYR A 1 93  ? -5.735  -5.821  -0.974  1.00 17.77 ? 92  TYR A CD1 1 
ATOM   757  C  CD2 . TYR A 1 93  ? -3.663  -6.912  -0.741  1.00 11.85 ? 92  TYR A CD2 1 
ATOM   758  C  CE1 . TYR A 1 93  ? -6.268  -6.575  0.048   1.00 20.25 ? 92  TYR A CE1 1 
ATOM   759  C  CE2 . TYR A 1 93  ? -4.172  -7.681  0.294   1.00 18.50 ? 92  TYR A CE2 1 
ATOM   760  C  CZ  . TYR A 1 93  ? -5.492  -7.497  0.685   1.00 22.39 ? 92  TYR A CZ  1 
ATOM   761  O  OH  . TYR A 1 93  ? -6.083  -8.261  1.662   1.00 22.57 ? 92  TYR A OH  1 
ATOM   762  N  N   . HIS A 1 94  ? -2.371  -3.200  -0.034  1.00 17.97 ? 93  HIS A N   1 
ATOM   763  C  CA  . HIS A 1 94  ? -1.371  -3.278  1.009   1.00 14.69 ? 93  HIS A CA  1 
ATOM   764  C  C   . HIS A 1 94  ? -1.890  -4.162  2.130   1.00 15.70 ? 93  HIS A C   1 
ATOM   765  O  O   . HIS A 1 94  ? -3.093  -4.156  2.429   1.00 18.92 ? 93  HIS A O   1 
ATOM   766  C  CB  . HIS A 1 94  ? -1.097  -1.894  1.622   1.00 19.01 ? 93  HIS A CB  1 
ATOM   767  C  CG  . HIS A 1 94  ? -0.485  -0.896  0.695   1.00 15.02 ? 93  HIS A CG  1 
ATOM   768  N  ND1 . HIS A 1 94  ? 0.738   -1.085  0.078   1.00 17.54 ? 93  HIS A ND1 1 
ATOM   769  C  CD2 . HIS A 1 94  ? -0.909  0.335   0.327   1.00 28.77 ? 93  HIS A CD2 1 
ATOM   770  C  CE1 . HIS A 1 94  ? 1.025   -0.017  -0.642  1.00 28.71 ? 93  HIS A CE1 1 
ATOM   771  N  NE2 . HIS A 1 94  ? 0.064   0.876   -0.472  1.00 21.21 ? 93  HIS A NE2 1 
ATOM   772  N  N   . SER A 1 95  ? -1.000  -4.934  2.741   1.00 16.46 ? 94  SER A N   1 
ATOM   773  C  CA  . SER A 1 95  ? -1.320  -5.695  3.929   1.00 16.52 ? 94  SER A CA  1 
ATOM   774  C  C   . SER A 1 95  ? -0.230  -5.438  4.988   1.00 18.36 ? 94  SER A C   1 
ATOM   775  O  O   . SER A 1 95  ? 0.927   -5.127  4.662   1.00 19.47 ? 94  SER A O   1 
ATOM   776  C  CB  . SER A 1 95  ? -1.523  -7.187  3.619   1.00 17.16 ? 94  SER A CB  1 
ATOM   777  O  OG  . SER A 1 95  ? -0.360  -7.755  2.992   1.00 19.21 ? 94  SER A OG  1 
ATOM   778  N  N   . LEU A 1 96  ? -0.630  -5.480  6.248   1.00 18.87 ? 95  LEU A N   1 
ATOM   779  C  CA  . LEU A 1 96  ? 0.264   -5.176  7.359   1.00 18.00 ? 95  LEU A CA  1 
ATOM   780  C  C   . LEU A 1 96  ? 0.554   -6.444  8.116   1.00 17.00 ? 95  LEU A C   1 
ATOM   781  O  O   . LEU A 1 96  ? -0.342  -7.235  8.367   1.00 18.83 ? 95  LEU A O   1 
ATOM   782  C  CB  . LEU A 1 96  ? -0.328  -4.135  8.308   1.00 17.86 ? 95  LEU A CB  1 
ATOM   783  C  CG  . LEU A 1 96  ? 0.615   -3.525  9.371   1.00 15.90 ? 95  LEU A CG  1 
ATOM   784  C  CD1 . LEU A 1 96  ? 1.689   -2.626  8.786   1.00 20.52 ? 95  LEU A CD1 1 
ATOM   785  C  CD2 . LEU A 1 96  ? -0.192  -2.792  10.430  1.00 17.74 ? 95  LEU A CD2 1 
ATOM   786  N  N   . HIS A 1 97  ? 1.817   -6.606  8.521   1.00 20.36 ? 96  HIS A N   1 
ATOM   787  C  CA  . HIS A 1 97  ? 2.309   -7.870  9.080   1.00 16.85 ? 96  HIS A CA  1 
ATOM   788  C  C   . HIS A 1 97  ? 3.273   -7.628  10.234  1.00 19.69 ? 96  HIS A C   1 
ATOM   789  O  O   . HIS A 1 97  ? 3.891   -6.545  10.339  1.00 17.05 ? 96  HIS A O   1 
ATOM   790  C  CB  . HIS A 1 97  ? 3.073   -8.668  7.996   1.00 17.44 ? 96  HIS A CB  1 
ATOM   791  C  CG  . HIS A 1 97  ? 2.278   -8.908  6.746   1.00 17.58 ? 96  HIS A CG  1 
ATOM   792  N  ND1 . HIS A 1 97  ? 1.716   -10.126 6.440   1.00 17.84 ? 96  HIS A ND1 1 
ATOM   793  C  CD2 . HIS A 1 97  ? 1.960   -8.079  5.728   1.00 18.33 ? 96  HIS A CD2 1 
ATOM   794  C  CE1 . HIS A 1 97  ? 1.049   -10.026 5.303   1.00 21.20 ? 96  HIS A CE1 1 
ATOM   795  N  NE2 . HIS A 1 97  ? 1.174   -8.787  4.852   1.00 17.95 ? 96  HIS A NE2 1 
ATOM   796  N  N   . ARG A 1 98  ? 3.421   -8.666  11.065  1.00 22.14 ? 97  ARG A N   1 
ATOM   797  C  CA  . ARG A 1 98  ? 4.457   -8.731  12.104  1.00 21.95 ? 97  ARG A CA  1 
ATOM   798  C  C   . ARG A 1 98  ? 4.993   -10.148 12.212  1.00 22.34 ? 97  ARG A C   1 
ATOM   799  O  O   . ARG A 1 98  ? 4.325   -11.096 11.806  1.00 18.36 ? 97  ARG A O   1 
ATOM   800  C  CB  . ARG A 1 98  ? 3.927   -8.290  13.460  1.00 21.81 ? 97  ARG A CB  1 
ATOM   801  C  CG  . ARG A 1 98  ? 2.902   -9.211  14.097  1.00 22.27 ? 97  ARG A CG  1 
ATOM   802  C  CD  . ARG A 1 98  ? 2.467   -8.621  15.439  1.00 22.00 ? 97  ARG A CD  1 
ATOM   803  N  NE  . ARG A 1 98  ? 1.493   -9.436  16.169  1.00 21.15 ? 97  ARG A NE  1 
ATOM   804  C  CZ  . ARG A 1 98  ? 1.765   -10.527 16.877  1.00 28.14 ? 97  ARG A CZ  1 
ATOM   805  N  NH1 . ARG A 1 98  ? 2.996   -11.015 16.965  1.00 27.88 ? 97  ARG A NH1 1 
ATOM   806  N  NH2 . ARG A 1 98  ? 0.783   -11.157 17.502  1.00 27.83 ? 97  ARG A NH2 1 
ATOM   807  N  N   . ALA A 1 99  ? 6.206   -10.282 12.751  1.00 23.05 ? 98  ALA A N   1 
ATOM   808  C  CA  . ALA A 1 99  ? 6.836   -11.610 12.905  1.00 23.39 ? 98  ALA A CA  1 
ATOM   809  C  C   . ALA A 1 99  ? 6.076   -12.466 13.901  1.00 24.77 ? 98  ALA A C   1 
ATOM   810  O  O   . ALA A 1 99  ? 5.565   -11.965 14.918  1.00 25.33 ? 98  ALA A O   1 
ATOM   811  C  CB  . ALA A 1 99  ? 8.300   -11.461 13.353  1.00 22.21 ? 98  ALA A CB  1 
ATOM   812  N  N   . GLY A 1 100 ? 5.980   -13.752 13.595  1.00 27.23 ? 99  GLY A N   1 
ATOM   813  C  CA  . GLY A 1 100 ? 5.435   -14.725 14.541  1.00 27.59 ? 99  GLY A CA  1 
ATOM   814  C  C   . GLY A 1 100 ? 3.928   -14.778 14.616  1.00 27.49 ? 99  GLY A C   1 
ATOM   815  O  O   . GLY A 1 100 ? 3.376   -15.412 15.522  1.00 27.90 ? 99  GLY A O   1 
ATOM   816  N  N   . PHE A 1 101 ? 3.260   -14.106 13.675  1.00 27.23 ? 100 PHE A N   1 
ATOM   817  C  CA  . PHE A 1 101 ? 1.801   -14.091 13.621  1.00 26.19 ? 100 PHE A CA  1 
ATOM   818  C  C   . PHE A 1 101 ? 1.443   -14.155 12.158  1.00 26.61 ? 100 PHE A C   1 
ATOM   819  O  O   . PHE A 1 101 ? 1.720   -13.230 11.428  1.00 25.34 ? 100 PHE A O   1 
ATOM   820  C  CB  . PHE A 1 101 ? 1.281   -12.787 14.239  1.00 28.88 ? 100 PHE A CB  1 
ATOM   821  C  CG  . PHE A 1 101 ? -0.211  -12.728 14.362  1.00 27.59 ? 100 PHE A CG  1 
ATOM   822  C  CD1 . PHE A 1 101 ? -0.867  -13.488 15.330  1.00 29.66 ? 100 PHE A CD1 1 
ATOM   823  C  CD2 . PHE A 1 101 ? -0.965  -11.926 13.506  1.00 30.04 ? 100 PHE A CD2 1 
ATOM   824  C  CE1 . PHE A 1 101 ? -2.239  -13.432 15.452  1.00 35.68 ? 100 PHE A CE1 1 
ATOM   825  C  CE2 . PHE A 1 101 ? -2.345  -11.868 13.618  1.00 29.40 ? 100 PHE A CE2 1 
ATOM   826  C  CZ  . PHE A 1 101 ? -2.983  -12.622 14.589  1.00 33.87 ? 100 PHE A CZ  1 
ATOM   827  N  N   . ASP A 1 102 ? 0.859   -15.258 11.717  1.00 28.04 ? 101 ASP A N   1 
ATOM   828  C  CA  . ASP A 1 102 ? 0.742   -15.517 10.294  1.00 33.47 ? 101 ASP A CA  1 
ATOM   829  C  C   . ASP A 1 102 ? -0.657  -15.291 9.749   1.00 36.22 ? 101 ASP A C   1 
ATOM   830  O  O   . ASP A 1 102 ? -1.197  -16.162 9.062   1.00 41.50 ? 101 ASP A O   1 
ATOM   831  C  CB  . ASP A 1 102 ? 1.262   -16.929 9.931   1.00 37.70 ? 101 ASP A CB  1 
ATOM   832  C  CG  . ASP A 1 102 ? 0.510   -18.044 10.625  1.00 45.95 ? 101 ASP A CG  1 
ATOM   833  O  OD1 . ASP A 1 102 ? 0.049   -17.835 11.780  1.00 61.59 ? 101 ASP A OD1 1 
ATOM   834  O  OD2 . ASP A 1 102 ? 0.392   -19.141 10.019  1.00 56.01 ? 101 ASP A OD2 1 
ATOM   835  N  N   . GLU A 1 103 ? -1.258  -14.158 10.108  1.00 32.55 ? 102 GLU A N   1 
ATOM   836  C  CA  . GLU A 1 103 ? -2.400  -13.589 9.374   1.00 32.28 ? 102 GLU A CA  1 
ATOM   837  C  C   . GLU A 1 103 ? -2.240  -12.068 9.324   1.00 26.86 ? 102 GLU A C   1 
ATOM   838  O  O   . GLU A 1 103 ? -1.467  -11.483 10.103  1.00 20.62 ? 102 GLU A O   1 
ATOM   839  C  CB  . GLU A 1 103 ? -3.737  -13.985 9.992   1.00 33.24 ? 102 GLU A CB  1 
ATOM   840  C  CG  . GLU A 1 103 ? -4.001  -13.546 11.429  1.00 39.12 ? 102 GLU A CG  1 
ATOM   841  C  CD  . GLU A 1 103 ? -5.333  -14.103 12.002  1.00 41.52 ? 102 GLU A CD  1 
ATOM   842  O  OE1 . GLU A 1 103 ? -5.340  -15.303 12.408  1.00 47.74 ? 102 GLU A OE1 1 
ATOM   843  O  OE2 . GLU A 1 103 ? -6.349  -13.331 12.073  1.00 40.62 ? 102 GLU A OE2 1 
ATOM   844  N  N   . VAL A 1 104 ? -2.923  -11.409 8.400   1.00 24.31 ? 103 VAL A N   1 
ATOM   845  C  CA  . VAL A 1 104 ? -2.726  -9.978  8.308   1.00 21.48 ? 103 VAL A CA  1 
ATOM   846  C  C   . VAL A 1 104 ? -3.324  -9.258  9.522   1.00 20.41 ? 103 VAL A C   1 
ATOM   847  O  O   . VAL A 1 104 ? -4.351  -9.650  10.064  1.00 19.34 ? 103 VAL A O   1 
ATOM   848  C  CB  . VAL A 1 104 ? -3.236  -9.357  6.992   1.00 22.42 ? 103 VAL A CB  1 
ATOM   849  C  CG1 . VAL A 1 104 ? -2.514  -9.995  5.804   1.00 22.26 ? 103 VAL A CG1 1 
ATOM   850  C  CG2 . VAL A 1 104 ? -4.755  -9.473  6.873   1.00 28.63 ? 103 VAL A CG2 1 
ATOM   851  N  N   . LEU A 1 105 ? -2.644  -8.191  9.922   1.00 17.24 ? 104 LEU A N   1 
ATOM   852  C  CA  . LEU A 1 105 ? -3.106  -7.287  10.947  1.00 19.22 ? 104 LEU A CA  1 
ATOM   853  C  C   . LEU A 1 105 ? -4.135  -6.310  10.421  1.00 19.25 ? 104 LEU A C   1 
ATOM   854  O  O   . LEU A 1 105 ? -5.015  -5.848  11.172  1.00 19.12 ? 104 LEU A O   1 
ATOM   855  C  CB  . LEU A 1 105 ? -1.911  -6.494  11.492  1.00 17.52 ? 104 LEU A CB  1 
ATOM   856  C  CG  . LEU A 1 105 ? -0.731  -7.329  12.010  1.00 16.01 ? 104 LEU A CG  1 
ATOM   857  C  CD1 . LEU A 1 105 ? 0.389   -6.442  12.477  1.00 17.01 ? 104 LEU A CD1 1 
ATOM   858  C  CD2 . LEU A 1 105 ? -1.224  -8.206  13.142  1.00 15.99 ? 104 LEU A CD2 1 
ATOM   859  N  N   . ALA A 1 106 ? -3.924  -5.898  9.173   1.00 20.04 ? 105 ALA A N   1 
ATOM   860  C  CA  . ALA A 1 106 ? -4.811  -4.996  8.444   1.00 20.74 ? 105 ALA A CA  1 
ATOM   861  C  C   . ALA A 1 106 ? -4.485  -5.116  6.968   1.00 18.08 ? 105 ALA A C   1 
ATOM   862  O  O   . ALA A 1 106 ? -3.406  -5.581  6.608   1.00 20.17 ? 105 ALA A O   1 
ATOM   863  C  CB  . ALA A 1 106 ? -4.583  -3.564  8.881   1.00 20.73 ? 105 ALA A CB  1 
ATOM   864  N  N   . ALA A 1 107 ? -5.421  -4.701  6.130   1.00 20.21 ? 106 ALA A N   1 
ATOM   865  C  CA  . ALA A 1 107 ? -5.266  -4.713  4.659   1.00 17.59 ? 106 ALA A CA  1 
ATOM   866  C  C   . ALA A 1 107 ? -6.028  -3.523  4.063   1.00 17.09 ? 106 ALA A C   1 
ATOM   867  O  O   . ALA A 1 107 ? -7.049  -3.076  4.634   1.00 16.96 ? 106 ALA A O   1 
ATOM   868  C  CB  . ALA A 1 107 ? -5.774  -6.044  4.101   1.00 20.21 ? 106 ALA A CB  1 
ATOM   869  N  N   . SER A 1 108 ? -5.561  -2.997  2.930   1.00 14.86 ? 107 SER A N   1 
ATOM   870  C  CA  . SER A 1 108 ? -6.226  -1.879  2.287   1.00 17.11 ? 107 SER A CA  1 
ATOM   871  C  C   . SER A 1 108 ? -6.128  -1.989  0.800   1.00 19.08 ? 107 SER A C   1 
ATOM   872  O  O   . SER A 1 108 ? -5.026  -2.156  0.275   1.00 17.91 ? 107 SER A O   1 
ATOM   873  C  CB  . SER A 1 108 ? -5.550  -0.554  2.697   1.00 20.00 ? 107 SER A CB  1 
ATOM   874  O  OG  . SER A 1 108 ? -6.264  0.529   2.143   1.00 21.48 ? 107 SER A OG  1 
ATOM   875  N  N   . GLU A 1 109 ? -7.275  -1.846  0.128   1.00 17.62 ? 108 GLU A N   1 
ATOM   876  C  CA  . GLU A 1 109 ? -7.371  -1.773  -1.313  1.00 19.25 ? 108 GLU A CA  1 
ATOM   877  C  C   . GLU A 1 109 ? -7.479  -0.307  -1.663  1.00 19.58 ? 108 GLU A C   1 
ATOM   878  O  O   . GLU A 1 109 ? -8.271  0.394   -1.053  1.00 16.62 ? 108 GLU A O   1 
ATOM   879  C  CB  . GLU A 1 109 ? -8.659  -2.495  -1.766  1.00 16.65 ? 108 GLU A CB  1 
ATOM   880  C  CG  . GLU A 1 109 ? -8.766  -2.650  -3.275  1.00 23.92 ? 108 GLU A CG  1 
ATOM   881  C  CD  . GLU A 1 109 ? -10.121 -3.156  -3.729  1.00 20.99 ? 108 GLU A CD  1 
ATOM   882  O  OE1 . GLU A 1 109 ? -11.007 -3.378  -2.862  1.00 20.59 ? 108 GLU A OE1 1 
ATOM   883  O  OE2 . GLU A 1 109 ? -10.293 -3.346  -4.959  1.00 25.23 ? 108 GLU A OE2 1 
ATOM   884  N  N   . GLN A 1 110 ? -6.698  0.169   -2.635  1.00 15.87 ? 109 GLN A N   1 
ATOM   885  C  CA  . GLN A 1 110 ? -6.689  1.573   -2.961  1.00 17.07 ? 109 GLN A CA  1 
ATOM   886  C  C   . GLN A 1 110 ? -6.609  1.798   -4.430  1.00 18.46 ? 109 GLN A C   1 
ATOM   887  O  O   . GLN A 1 110 ? -6.026  0.990   -5.159  1.00 19.56 ? 109 GLN A O   1 
ATOM   888  C  CB  . GLN A 1 110 ? -5.468  2.264   -2.347  1.00 17.84 ? 109 GLN A CB  1 
ATOM   889  C  CG  . GLN A 1 110 ? -5.176  1.788   -0.949  1.00 20.39 ? 109 GLN A CG  1 
ATOM   890  C  CD  . GLN A 1 110 ? -4.273  2.715   -0.223  1.00 27.46 ? 109 GLN A CD  1 
ATOM   891  O  OE1 . GLN A 1 110 ? -3.507  3.452   -0.833  1.00 21.17 ? 109 GLN A OE1 1 
ATOM   892  N  NE2 . GLN A 1 110 ? -4.343  2.681   1.088   1.00 21.97 ? 109 GLN A NE2 1 
HETATM 893  N  N   . MSE A 1 111 ? -7.173  2.920   -4.843  1.00 17.46 ? 110 MSE A N   1 
HETATM 894  C  CA  A MSE A 1 111 ? -7.042  3.403   -6.209  0.50 19.72 ? 110 MSE A CA  1 
HETATM 895  C  CA  B MSE A 1 111 ? -7.028  3.395   -6.214  0.50 21.42 ? 110 MSE A CA  1 
HETATM 896  C  C   . MSE A 1 111 ? -6.370  4.775   -6.185  1.00 19.90 ? 110 MSE A C   1 
HETATM 897  O  O   . MSE A 1 111 ? -6.804  5.671   -5.475  1.00 18.15 ? 110 MSE A O   1 
HETATM 898  C  CB  A MSE A 1 111 ? -8.425  3.496   -6.870  0.50 18.86 ? 110 MSE A CB  1 
HETATM 899  C  CB  B MSE A 1 111 ? -8.394  3.430   -6.924  0.50 19.33 ? 110 MSE A CB  1 
HETATM 900  C  CG  A MSE A 1 111 ? -8.370  3.964   -8.315  0.50 23.88 ? 110 MSE A CG  1 
HETATM 901  C  CG  B MSE A 1 111 ? -8.331  3.929   -8.370  0.50 20.80 ? 110 MSE A CG  1 
HETATM 902  SE SE  A MSE A 1 111 ? -7.679  2.585   -9.460  0.38 32.39 ? 110 MSE A SE  1 
HETATM 903  SE SE  B MSE A 1 111 ? -9.847  3.256   -9.425  0.37 31.98 ? 110 MSE A SE  1 
HETATM 904  C  CE  A MSE A 1 111 ? -9.155  1.328   -9.354  0.50 39.28 ? 110 MSE A CE  1 
HETATM 905  C  CE  B MSE A 1 111 ? -9.259  1.366   -9.462  0.50 38.00 ? 110 MSE A CE  1 
ATOM   906  N  N   . LEU A 1 112 ? -5.320  4.928   -6.977  1.00 19.05 ? 111 LEU A N   1 
ATOM   907  C  CA  . LEU A 1 112 ? -4.499  6.142   -6.979  1.00 21.50 ? 111 LEU A CA  1 
ATOM   908  C  C   . LEU A 1 112 ? -4.440  6.693   -8.403  1.00 18.94 ? 111 LEU A C   1 
ATOM   909  O  O   . LEU A 1 112 ? -4.457  5.920   -9.350  1.00 20.32 ? 111 LEU A O   1 
ATOM   910  C  CB  . LEU A 1 112 ? -3.095  5.794   -6.495  1.00 23.83 ? 111 LEU A CB  1 
ATOM   911  C  CG  . LEU A 1 112 ? -2.951  4.994   -5.190  1.00 22.37 ? 111 LEU A CG  1 
ATOM   912  C  CD1 . LEU A 1 112 ? -1.949  3.932   -5.338  1.00 28.20 ? 111 LEU A CD1 1 
ATOM   913  C  CD2 . LEU A 1 112 ? -2.531  5.950   -4.059  1.00 25.36 ? 111 LEU A CD2 1 
ATOM   914  N  N   . LEU A 1 113 ? -4.443  8.019   -8.518  1.00 18.48 ? 112 LEU A N   1 
ATOM   915  C  CA  . LEU A 1 113 ? -4.424  8.756   -9.779  1.00 18.49 ? 112 LEU A CA  1 
ATOM   916  C  C   . LEU A 1 113 ? -3.083  9.441   -9.945  1.00 20.06 ? 112 LEU A C   1 
ATOM   917  O  O   . LEU A 1 113 ? -2.617  10.137  -9.016  1.00 19.31 ? 112 LEU A O   1 
ATOM   918  C  CB  . LEU A 1 113 ? -5.521  9.838   -9.777  1.00 19.74 ? 112 LEU A CB  1 
ATOM   919  C  CG  . LEU A 1 113 ? -5.598  10.762  -11.004 1.00 18.34 ? 112 LEU A CG  1 
ATOM   920  C  CD1 . LEU A 1 113 ? -5.923  9.968   -12.241 1.00 21.24 ? 112 LEU A CD1 1 
ATOM   921  C  CD2 . LEU A 1 113 ? -6.622  11.859  -10.815 1.00 22.72 ? 112 LEU A CD2 1 
ATOM   922  N  N   . HIS A 1 114 ? -2.466  9.257   -11.116 1.00 19.15 ? 113 HIS A N   1 
ATOM   923  C  CA  . HIS A 1 114 ? -1.237  9.967   -11.438 1.00 19.26 ? 113 HIS A CA  1 
ATOM   924  C  C   . HIS A 1 114 ? -1.631  11.338  -11.945 1.00 18.94 ? 113 HIS A C   1 
ATOM   925  O  O   . HIS A 1 114 ? -2.408  11.468  -12.883 1.00 18.72 ? 113 HIS A O   1 
ATOM   926  C  CB  . HIS A 1 114 ? -0.399  9.202   -12.473 1.00 18.55 ? 113 HIS A CB  1 
ATOM   927  C  CG  . HIS A 1 114 ? 0.944   9.815   -12.771 1.00 18.69 ? 113 HIS A CG  1 
ATOM   928  N  ND1 . HIS A 1 114 ? 1.423   9.943   -14.055 1.00 19.15 ? 113 HIS A ND1 1 
ATOM   929  C  CD2 . HIS A 1 114 ? 1.923   10.292  -11.959 1.00 13.33 ? 113 HIS A CD2 1 
ATOM   930  C  CE1 . HIS A 1 114 ? 2.628   10.501  -14.023 1.00 24.44 ? 113 HIS A CE1 1 
ATOM   931  N  NE2 . HIS A 1 114 ? 2.956   10.720  -12.765 1.00 15.82 ? 113 HIS A NE2 1 
ATOM   932  N  N   . VAL A 1 115 ? -1.083  12.362  -11.323 1.00 21.20 ? 114 VAL A N   1 
ATOM   933  C  CA  . VAL A 1 115 ? -1.504  13.737  -11.595 1.00 25.66 ? 114 VAL A CA  1 
ATOM   934  C  C   . VAL A 1 115 ? -0.354  14.545  -12.170 1.00 26.75 ? 114 VAL A C   1 
ATOM   935  O  O   . VAL A 1 115 ? 0.779   14.379  -11.779 1.00 30.60 ? 114 VAL A O   1 
ATOM   936  C  CB  . VAL A 1 115 ? -2.085  14.452  -10.335 1.00 26.25 ? 114 VAL A CB  1 
ATOM   937  C  CG1 . VAL A 1 115 ? -3.226  13.670  -9.765  1.00 28.72 ? 114 VAL A CG1 1 
ATOM   938  C  CG2 . VAL A 1 115 ? -1.036  14.666  -9.277  1.00 33.20 ? 114 VAL A CG2 1 
ATOM   939  N  N   . ASP A 1 116 ? -0.672  15.419  -13.105 1.00 30.55 ? 115 ASP A N   1 
ATOM   940  C  CA  . ASP A 1 116 ? 0.284   16.361  -13.676 1.00 32.29 ? 115 ASP A CA  1 
ATOM   941  C  C   . ASP A 1 116 ? 0.522   17.513  -12.709 1.00 31.67 ? 115 ASP A C   1 
ATOM   942  O  O   . ASP A 1 116 ? -0.405  18.238  -12.385 1.00 28.70 ? 115 ASP A O   1 
ATOM   943  C  CB  . ASP A 1 116 ? -0.282  16.916  -14.988 1.00 33.72 ? 115 ASP A CB  1 
ATOM   944  C  CG  . ASP A 1 116 ? 0.712   17.796  -15.738 1.00 34.47 ? 115 ASP A CG  1 
ATOM   945  O  OD1 . ASP A 1 116 ? 1.863   17.359  -15.941 1.00 53.12 ? 115 ASP A OD1 1 
ATOM   946  O  OD2 . ASP A 1 116 ? 0.332   18.919  -16.141 1.00 43.60 ? 115 ASP A OD2 1 
ATOM   947  N  N   . LEU A 1 117 ? 1.765   17.681  -12.264 1.00 34.47 ? 116 LEU A N   1 
ATOM   948  C  CA  . LEU A 1 117 ? 2.173   18.849  -11.473 1.00 38.00 ? 116 LEU A CA  1 
ATOM   949  C  C   . LEU A 1 117 ? 1.331   19.020  -10.228 1.00 38.34 ? 116 LEU A C   1 
ATOM   950  O  O   . LEU A 1 117 ? 1.468   18.229  -9.311  1.00 40.97 ? 116 LEU A O   1 
ATOM   951  C  CB  . LEU A 1 117 ? 2.112   20.135  -12.310 1.00 36.99 ? 116 LEU A CB  1 
ATOM   952  C  CG  . LEU A 1 117 ? 2.964   20.094  -13.581 1.00 42.74 ? 116 LEU A CG  1 
ATOM   953  C  CD1 . LEU A 1 117 ? 2.745   21.367  -14.400 1.00 34.82 ? 116 LEU A CD1 1 
ATOM   954  C  CD2 . LEU A 1 117 ? 4.456   19.850  -13.249 1.00 43.63 ? 116 LEU A CD2 1 
ATOM   955  N  N   . GLN A 1 121 ? -5.780  17.315  -12.093 1.00 41.57 ? 120 GLN A N   1 
ATOM   956  C  CA  . GLN A 1 121 ? -5.342  17.231  -13.505 1.00 42.60 ? 120 GLN A CA  1 
ATOM   957  C  C   . GLN A 1 121 ? -4.355  16.073  -13.691 1.00 40.74 ? 120 GLN A C   1 
ATOM   958  O  O   . GLN A 1 121 ? -3.248  16.123  -13.169 1.00 39.91 ? 120 GLN A O   1 
ATOM   959  C  CB  . GLN A 1 121 ? -4.682  18.546  -13.973 1.00 44.75 ? 120 GLN A CB  1 
ATOM   960  C  CG  . GLN A 1 121 ? -4.011  18.453  -15.354 1.00 43.90 ? 120 GLN A CG  1 
ATOM   961  N  N   . SER A 1 122 ? -4.746  15.052  -14.452 1.00 40.55 ? 121 SER A N   1 
ATOM   962  C  CA  . SER A 1 122 ? -3.972  13.809  -14.536 1.00 39.50 ? 121 SER A CA  1 
ATOM   963  C  C   . SER A 1 122 ? -2.989  13.726  -15.727 1.00 38.24 ? 121 SER A C   1 
ATOM   964  O  O   . SER A 1 122 ? -3.065  14.514  -16.667 1.00 34.62 ? 121 SER A O   1 
ATOM   965  C  CB  . SER A 1 122 ? -4.930  12.623  -14.538 1.00 40.96 ? 121 SER A CB  1 
ATOM   966  O  OG  . SER A 1 122 ? -5.856  12.724  -15.609 1.00 42.62 ? 121 SER A OG  1 
ATOM   967  N  N   . ALA A 1 123 ? -2.078  12.748  -15.645 1.00 38.14 ? 122 ALA A N   1 
ATOM   968  C  CA  . ALA A 1 123 ? -0.973  12.558  -16.599 1.00 36.80 ? 122 ALA A CA  1 
ATOM   969  C  C   . ALA A 1 123 ? -0.762  11.059  -16.891 1.00 34.64 ? 122 ALA A C   1 
ATOM   970  O  O   . ALA A 1 123 ? -0.787  10.245  -15.943 1.00 33.80 ? 122 ALA A O   1 
ATOM   971  C  CB  . ALA A 1 123 ? 0.329   13.141  -16.011 1.00 36.64 ? 122 ALA A CB  1 
ATOM   972  N  N   . PRO A 1 124 ? -0.511  10.692  -18.176 1.00 32.29 ? 123 PRO A N   1 
ATOM   973  C  CA  . PRO A 1 124 ? -0.254  9.281   -18.501 1.00 32.80 ? 123 PRO A CA  1 
ATOM   974  C  C   . PRO A 1 124 ? 1.072   8.720   -17.933 1.00 34.38 ? 123 PRO A C   1 
ATOM   975  O  O   . PRO A 1 124 ? 2.028   9.484   -17.705 1.00 36.34 ? 123 PRO A O   1 
ATOM   976  C  CB  . PRO A 1 124 ? -0.236  9.260   -20.029 1.00 32.45 ? 123 PRO A CB  1 
ATOM   977  C  CG  . PRO A 1 124 ? 0.090   10.660  -20.427 1.00 32.06 ? 123 PRO A CG  1 
ATOM   978  C  CD  . PRO A 1 124 ? -0.469  11.553  -19.380 1.00 31.86 ? 123 PRO A CD  1 
ATOM   979  N  N   . PHE A 1 125 ? 1.103   7.403   -17.690 1.00 32.25 ? 124 PHE A N   1 
ATOM   980  C  CA  . PHE A 1 125 ? 2.340   6.684   -17.346 1.00 29.30 ? 124 PHE A CA  1 
ATOM   981  C  C   . PHE A 1 125 ? 3.170   6.456   -18.592 1.00 28.11 ? 124 PHE A C   1 
ATOM   982  O  O   . PHE A 1 125 ? 2.654   5.991   -19.606 1.00 31.00 ? 124 PHE A O   1 
ATOM   983  C  CB  . PHE A 1 125 ? 2.045   5.315   -16.723 1.00 26.03 ? 124 PHE A CB  1 
ATOM   984  C  CG  . PHE A 1 125 ? 1.356   5.390   -15.396 1.00 20.50 ? 124 PHE A CG  1 
ATOM   985  C  CD1 . PHE A 1 125 ? 1.866   6.175   -14.377 1.00 19.84 ? 124 PHE A CD1 1 
ATOM   986  C  CD2 . PHE A 1 125 ? 0.199   4.681   -15.166 1.00 21.89 ? 124 PHE A CD2 1 
ATOM   987  C  CE1 . PHE A 1 125 ? 1.235   6.262   -13.150 1.00 19.19 ? 124 PHE A CE1 1 
ATOM   988  C  CE2 . PHE A 1 125 ? -0.442  4.749   -13.947 1.00 16.07 ? 124 PHE A CE2 1 
ATOM   989  C  CZ  . PHE A 1 125 ? 0.090   5.553   -12.930 1.00 23.46 ? 124 PHE A CZ  1 
ATOM   990  N  N   . GLY A 1 126 ? 4.457   6.760   -18.520 1.00 26.17 ? 125 GLY A N   1 
ATOM   991  C  CA  . GLY A 1 126 ? 5.322   6.542   -19.666 1.00 26.75 ? 125 GLY A CA  1 
ATOM   992  C  C   . GLY A 1 126 ? 5.723   5.076   -19.828 1.00 26.36 ? 125 GLY A C   1 
ATOM   993  O  O   . GLY A 1 126 ? 5.611   4.278   -18.885 1.00 23.53 ? 125 GLY A O   1 
ATOM   994  N  N   . HIS A 1 127 ? 6.241   4.748   -21.010 1.00 24.36 ? 126 HIS A N   1 
ATOM   995  C  CA  . HIS A 1 127 ? 6.661   3.395   -21.359 1.00 27.16 ? 126 HIS A CA  1 
ATOM   996  C  C   . HIS A 1 127 ? 7.514   2.694   -20.297 1.00 26.65 ? 126 HIS A C   1 
ATOM   997  O  O   . HIS A 1 127 ? 7.296   1.536   -20.010 1.00 26.96 ? 126 HIS A O   1 
ATOM   998  C  CB  . HIS A 1 127 ? 7.407   3.383   -22.703 1.00 30.29 ? 126 HIS A CB  1 
ATOM   999  C  CG  . HIS A 1 127 ? 7.893   2.021   -23.110 1.00 40.96 ? 126 HIS A CG  1 
ATOM   1000 N  ND1 . HIS A 1 127 ? 9.171   1.569   -22.839 1.00 48.51 ? 126 HIS A ND1 1 
ATOM   1001 C  CD2 . HIS A 1 127 ? 7.264   0.999   -23.745 1.00 46.30 ? 126 HIS A CD2 1 
ATOM   1002 C  CE1 . HIS A 1 127 ? 9.310   0.336   -23.300 1.00 46.43 ? 126 HIS A CE1 1 
ATOM   1003 N  NE2 . HIS A 1 127 ? 8.168   -0.032  -23.854 1.00 46.96 ? 126 HIS A NE2 1 
ATOM   1004 N  N   . THR A 1 128 ? 8.471   3.406   -19.723 1.00 25.80 ? 127 THR A N   1 
ATOM   1005 C  CA  . THR A 1 128 ? 9.361   2.863   -18.708 1.00 25.97 ? 127 THR A CA  1 
ATOM   1006 C  C   . THR A 1 128 ? 8.640   2.483   -17.415 1.00 24.72 ? 127 THR A C   1 
ATOM   1007 O  O   . THR A 1 128 ? 8.925   1.451   -16.818 1.00 22.77 ? 127 THR A O   1 
ATOM   1008 C  CB  . THR A 1 128 ? 10.462  3.900   -18.376 1.00 27.45 ? 127 THR A CB  1 
ATOM   1009 O  OG1 . THR A 1 128 ? 11.185  4.226   -19.569 1.00 29.88 ? 127 THR A OG1 1 
ATOM   1010 C  CG2 . THR A 1 128 ? 11.436  3.362   -17.383 1.00 32.14 ? 127 THR A CG2 1 
ATOM   1011 N  N   . THR A 1 129 ? 7.723   3.343   -16.969 1.00 23.31 ? 128 THR A N   1 
ATOM   1012 C  CA  . THR A 1 129 ? 6.889   3.072   -15.811 1.00 22.08 ? 128 THR A CA  1 
ATOM   1013 C  C   . THR A 1 129 ? 6.064   1.806   -16.030 1.00 19.01 ? 128 THR A C   1 
ATOM   1014 O  O   . THR A 1 129 ? 5.980   0.963   -15.137 1.00 19.57 ? 128 THR A O   1 
ATOM   1015 C  CB  . THR A 1 129 ? 5.917   4.275   -15.491 1.00 21.20 ? 128 THR A CB  1 
ATOM   1016 O  OG1 . THR A 1 129 ? 6.677   5.441   -15.180 1.00 23.69 ? 128 THR A OG1 1 
ATOM   1017 C  CG2 . THR A 1 129 ? 5.042   3.973   -14.313 1.00 21.11 ? 128 THR A CG2 1 
ATOM   1018 N  N   . VAL A 1 130 ? 5.417   1.703   -17.188 1.00 19.41 ? 129 VAL A N   1 
ATOM   1019 C  CA  . VAL A 1 130 ? 4.617   0.529   -17.503 1.00 20.58 ? 129 VAL A CA  1 
ATOM   1020 C  C   . VAL A 1 130 ? 5.458   -0.743  -17.459 1.00 22.35 ? 129 VAL A C   1 
ATOM   1021 O  O   . VAL A 1 130 ? 5.006   -1.792  -16.973 1.00 22.18 ? 129 VAL A O   1 
ATOM   1022 C  CB  . VAL A 1 130 ? 3.956   0.629   -18.877 1.00 18.75 ? 129 VAL A CB  1 
ATOM   1023 C  CG1 . VAL A 1 130 ? 3.297   -0.675  -19.247 1.00 24.43 ? 129 VAL A CG1 1 
ATOM   1024 C  CG2 . VAL A 1 130 ? 2.920   1.751   -18.898 1.00 21.52 ? 129 VAL A CG2 1 
ATOM   1025 N  N   . CYS A 1 131 ? 6.659   -0.666  -18.018 1.00 22.94 ? 130 CYS A N   1 
ATOM   1026 C  CA  A CYS A 1 131 ? 7.552   -1.821  -18.007 0.50 22.35 ? 130 CYS A CA  1 
ATOM   1027 C  CA  B CYS A 1 131 ? 7.581   -1.789  -18.016 0.50 22.88 ? 130 CYS A CA  1 
ATOM   1028 C  C   . CYS A 1 131 ? 7.927   -2.224  -16.587 1.00 21.73 ? 130 CYS A C   1 
ATOM   1029 O  O   . CYS A 1 131 ? 7.919   -3.405  -16.266 1.00 17.77 ? 130 CYS A O   1 
ATOM   1030 C  CB  A CYS A 1 131 ? 8.804   -1.578  -18.859 0.50 24.24 ? 130 CYS A CB  1 
ATOM   1031 C  CB  B CYS A 1 131 ? 8.829   -1.409  -18.833 0.50 25.05 ? 130 CYS A CB  1 
ATOM   1032 S  SG  A CYS A 1 131 ? 8.450   -1.564  -20.636 0.50 23.06 ? 130 CYS A SG  1 
ATOM   1033 S  SG  B CYS A 1 131 ? 10.360  -2.139  -18.338 0.50 26.65 ? 130 CYS A SG  1 
ATOM   1034 N  N   . ARG A 1 132 ? 8.214   -1.260  -15.714 1.00 19.75 ? 131 ARG A N   1 
ATOM   1035 C  CA  . ARG A 1 132 ? 8.533   -1.605  -14.315 1.00 19.75 ? 131 ARG A CA  1 
ATOM   1036 C  C   . ARG A 1 132 ? 7.300   -2.156  -13.560 1.00 19.22 ? 131 ARG A C   1 
ATOM   1037 O  O   . ARG A 1 132 ? 7.408   -3.109  -12.791 1.00 17.51 ? 131 ARG A O   1 
ATOM   1038 C  CB  . ARG A 1 132 ? 9.143   -0.407  -13.595 1.00 20.82 ? 131 ARG A CB  1 
ATOM   1039 C  CG  . ARG A 1 132 ? 10.416  0.053   -14.271 1.00 19.87 ? 131 ARG A CG  1 
ATOM   1040 C  CD  . ARG A 1 132 ? 10.995  1.353   -13.687 1.00 19.42 ? 131 ARG A CD  1 
ATOM   1041 N  NE  . ARG A 1 132 ? 12.188  1.711   -14.446 1.00 17.16 ? 131 ARG A NE  1 
ATOM   1042 C  CZ  . ARG A 1 132 ? 12.791  2.891   -14.432 1.00 20.39 ? 131 ARG A CZ  1 
ATOM   1043 N  NH1 . ARG A 1 132 ? 12.317  3.890   -13.717 1.00 21.10 ? 131 ARG A NH1 1 
ATOM   1044 N  NH2 . ARG A 1 132 ? 13.858  3.081   -15.184 1.00 18.49 ? 131 ARG A NH2 1 
ATOM   1045 N  N   . LEU A 1 133 ? 6.127   -1.586  -13.813 1.00 18.06 ? 132 LEU A N   1 
ATOM   1046 C  CA  . LEU A 1 133 ? 4.894   -2.105  -13.240 1.00 19.29 ? 132 LEU A CA  1 
ATOM   1047 C  C   . LEU A 1 133 ? 4.612   -3.544  -13.705 1.00 19.66 ? 132 LEU A C   1 
ATOM   1048 O  O   . LEU A 1 133 ? 4.243   -4.406  -12.910 1.00 19.47 ? 132 LEU A O   1 
ATOM   1049 C  CB  . LEU A 1 133 ? 3.701   -1.193  -13.613 1.00 19.78 ? 132 LEU A CB  1 
ATOM   1050 C  CG  . LEU A 1 133 ? 3.667   0.170   -12.911 1.00 20.98 ? 132 LEU A CG  1 
ATOM   1051 C  CD1 . LEU A 1 133 ? 2.595   1.083   -13.480 1.00 24.78 ? 132 LEU A CD1 1 
ATOM   1052 C  CD2 . LEU A 1 133 ? 3.485   0.019   -11.421 1.00 20.35 ? 132 LEU A CD2 1 
ATOM   1053 N  N   . ASN A 1 134 ? 4.787   -3.804  -14.991 1.00 20.64 ? 133 ASN A N   1 
ATOM   1054 C  CA  . ASN A 1 134 ? 4.597   -5.171  -15.506 1.00 20.06 ? 133 ASN A CA  1 
ATOM   1055 C  C   . ASN A 1 134 ? 5.597   -6.154  -14.884 1.00 20.67 ? 133 ASN A C   1 
ATOM   1056 O  O   . ASN A 1 134 ? 5.248   -7.301  -14.588 1.00 17.38 ? 133 ASN A O   1 
ATOM   1057 C  CB  . ASN A 1 134 ? 4.718   -5.201  -17.015 1.00 20.99 ? 133 ASN A CB  1 
ATOM   1058 C  CG  . ASN A 1 134 ? 3.538   -4.545  -17.726 1.00 21.34 ? 133 ASN A CG  1 
ATOM   1059 O  OD1 . ASN A 1 134 ? 2.425   -4.541  -17.238 1.00 22.28 ? 133 ASN A OD1 1 
ATOM   1060 N  ND2 . ASN A 1 134 ? 3.789   -4.033  -18.910 1.00 15.82 ? 133 ASN A ND2 1 
ATOM   1061 N  N   . HIS A 1 135 ? 6.837   -5.706  -14.693 1.00 19.04 ? 134 HIS A N   1 
ATOM   1062 C  CA  . HIS A 1 135 ? 7.886   -6.535  -14.047 1.00 19.64 ? 134 HIS A CA  1 
ATOM   1063 C  C   . HIS A 1 135 ? 7.459   -6.966  -12.631 1.00 19.25 ? 134 HIS A C   1 
ATOM   1064 O  O   . HIS A 1 135 ? 7.507   -8.153  -12.262 1.00 15.43 ? 134 HIS A O   1 
ATOM   1065 C  CB  . HIS A 1 135 ? 9.188   -5.745  -14.009 1.00 20.28 ? 134 HIS A CB  1 
ATOM   1066 C  CG  . HIS A 1 135 ? 10.338  -6.488  -13.401 1.00 26.44 ? 134 HIS A CG  1 
ATOM   1067 N  ND1 . HIS A 1 135 ? 10.930  -7.565  -14.021 1.00 27.64 ? 134 HIS A ND1 1 
ATOM   1068 C  CD2 . HIS A 1 135 ? 11.008  -6.308  -12.238 1.00 23.49 ? 134 HIS A CD2 1 
ATOM   1069 C  CE1 . HIS A 1 135 ? 11.906  -8.028  -13.261 1.00 25.24 ? 134 HIS A CE1 1 
ATOM   1070 N  NE2 . HIS A 1 135 ? 11.982  -7.280  -12.179 1.00 28.40 ? 134 HIS A NE2 1 
ATOM   1071 N  N   . LEU A 1 136 ? 7.015   -5.998  -11.840 1.00 21.09 ? 135 LEU A N   1 
ATOM   1072 C  CA  . LEU A 1 136 ? 6.526   -6.272  -10.472 1.00 20.09 ? 135 LEU A CA  1 
ATOM   1073 C  C   . LEU A 1 136 ? 5.335   -7.205  -10.444 1.00 17.74 ? 135 LEU A C   1 
ATOM   1074 O  O   . LEU A 1 136 ? 5.254   -8.124  -9.632  1.00 19.49 ? 135 LEU A O   1 
ATOM   1075 C  CB  . LEU A 1 136 ? 6.154   -4.969  -9.767  1.00 20.87 ? 135 LEU A CB  1 
ATOM   1076 C  CG  . LEU A 1 136 ? 7.320   -4.160  -9.209  1.00 25.29 ? 135 LEU A CG  1 
ATOM   1077 C  CD1 . LEU A 1 136 ? 6.771   -2.906  -8.584  1.00 32.25 ? 135 LEU A CD1 1 
ATOM   1078 C  CD2 . LEU A 1 136 ? 8.085   -4.982  -8.183  1.00 33.87 ? 135 LEU A CD2 1 
ATOM   1079 N  N   . VAL A 1 137 ? 4.387   -6.943  -11.315 1.00 19.58 ? 136 VAL A N   1 
ATOM   1080 C  CA  . VAL A 1 137 ? 3.214   -7.809  -11.472 1.00 20.30 ? 136 VAL A CA  1 
ATOM   1081 C  C   . VAL A 1 137 ? 3.599   -9.260  -11.794 1.00 20.51 ? 136 VAL A C   1 
ATOM   1082 O  O   . VAL A 1 137 ? 3.067   -10.196 -11.182 1.00 15.84 ? 136 VAL A O   1 
ATOM   1083 C  CB  . VAL A 1 137 ? 2.260   -7.215  -12.527 1.00 19.85 ? 136 VAL A CB  1 
ATOM   1084 C  CG1 . VAL A 1 137 ? 1.149   -8.197  -12.941 1.00 25.09 ? 136 VAL A CG1 1 
ATOM   1085 C  CG2 . VAL A 1 137 ? 1.654   -5.890  -11.974 1.00 20.45 ? 136 VAL A CG2 1 
ATOM   1086 N  N   . GLU A 1 138 ? 4.527   -9.439  -12.742 1.00 22.58 ? 137 GLU A N   1 
ATOM   1087 C  CA  . GLU A 1 138 ? 5.006   -10.779 -13.130 1.00 24.41 ? 137 GLU A CA  1 
ATOM   1088 C  C   . GLU A 1 138 ? 5.576   -11.546 -11.940 1.00 23.45 ? 137 GLU A C   1 
ATOM   1089 O  O   . GLU A 1 138 ? 5.446   -12.775 -11.849 1.00 23.16 ? 137 GLU A O   1 
ATOM   1090 C  CB  . GLU A 1 138 ? 6.085   -10.675 -14.220 1.00 25.28 ? 137 GLU A CB  1 
ATOM   1091 C  CG  . GLU A 1 138 ? 5.559   -10.258 -15.616 1.00 33.53 ? 137 GLU A CG  1 
ATOM   1092 C  CD  . GLU A 1 138 ? 6.668   -9.830  -16.616 1.00 32.50 ? 137 GLU A CD  1 
ATOM   1093 O  OE1 . GLU A 1 138 ? 7.768   -10.453 -16.623 1.00 48.95 ? 137 GLU A OE1 1 
ATOM   1094 O  OE2 . GLU A 1 138 ? 6.427   -8.880  -17.407 1.00 38.38 ? 137 GLU A OE2 1 
ATOM   1095 N  N   . GLN A 1 139 ? 6.219   -10.819 -11.034 1.00 21.10 ? 138 GLN A N   1 
ATOM   1096 C  CA  . GLN A 1 139 ? 6.763   -11.397 -9.811  1.00 21.80 ? 138 GLN A CA  1 
ATOM   1097 C  C   . GLN A 1 139 ? 5.708   -11.754 -8.741  1.00 20.95 ? 138 GLN A C   1 
ATOM   1098 O  O   . GLN A 1 139 ? 6.091   -12.258 -7.678  1.00 21.46 ? 138 GLN A O   1 
ATOM   1099 C  CB  . GLN A 1 139 ? 7.797   -10.439 -9.202  1.00 20.58 ? 138 GLN A CB  1 
ATOM   1100 C  CG  . GLN A 1 139 ? 9.033   -10.227 -10.045 1.00 23.24 ? 138 GLN A CG  1 
ATOM   1101 C  CD  . GLN A 1 139 ? 9.986   -9.227  -9.406  1.00 22.63 ? 138 GLN A CD  1 
ATOM   1102 O  OE1 . GLN A 1 139 ? 9.562   -8.259  -8.797  1.00 28.25 ? 138 GLN A OE1 1 
ATOM   1103 N  NE2 . GLN A 1 139 ? 11.279  -9.459  -9.568  1.00 30.29 ? 138 GLN A NE2 1 
ATOM   1104 N  N   . GLN A 1 140 ? 4.417   -11.485 -8.998  1.00 20.74 ? 139 GLN A N   1 
ATOM   1105 C  CA  . GLN A 1 140 ? 3.286   -11.859 -8.097  1.00 21.90 ? 139 GLN A CA  1 
ATOM   1106 C  C   . GLN A 1 140 ? 2.659   -13.253 -8.281  1.00 25.86 ? 139 GLN A C   1 
ATOM   1107 O  O   . GLN A 1 140 ? 1.652   -13.564 -7.636  1.00 25.96 ? 139 GLN A O   1 
ATOM   1108 C  CB  . GLN A 1 140 ? 2.149   -10.827 -8.184  1.00 19.61 ? 139 GLN A CB  1 
ATOM   1109 C  CG  . GLN A 1 140 ? 2.603   -9.457  -7.749  1.00 20.65 ? 139 GLN A CG  1 
ATOM   1110 C  CD  . GLN A 1 140 ? 1.568   -8.346  -7.869  1.00 23.49 ? 139 GLN A CD  1 
ATOM   1111 O  OE1 . GLN A 1 140 ? 1.842   -7.249  -7.429  1.00 19.36 ? 139 GLN A OE1 1 
ATOM   1112 N  NE2 . GLN A 1 140 ? 0.409   -8.608  -8.481  1.00 15.55 ? 139 GLN A NE2 1 
ATOM   1113 N  N   . GLU A 1 141 ? 3.218   -14.086 -9.140  1.00 32.73 ? 140 GLU A N   1 
ATOM   1114 C  CA  . GLU A 1 141 ? 2.655   -15.434 -9.336  1.00 39.50 ? 140 GLU A CA  1 
ATOM   1115 C  C   . GLU A 1 141 ? 2.598   -16.256 -8.038  1.00 41.11 ? 140 GLU A C   1 
ATOM   1116 O  O   . GLU A 1 141 ? 1.679   -17.048 -7.854  1.00 44.17 ? 140 GLU A O   1 
ATOM   1117 C  CB  . GLU A 1 141 ? 3.408   -16.196 -10.437 1.00 41.85 ? 140 GLU A CB  1 
ATOM   1118 C  CG  . GLU A 1 141 ? 3.290   -15.555 -11.839 1.00 43.20 ? 140 GLU A CG  1 
ATOM   1119 C  CD  . GLU A 1 141 ? 1.848   -15.268 -12.258 1.00 49.07 ? 140 GLU A CD  1 
ATOM   1120 O  OE1 . GLU A 1 141 ? 1.001   -16.200 -12.218 1.00 34.93 ? 140 GLU A OE1 1 
ATOM   1121 O  OE2 . GLU A 1 141 ? 1.570   -14.104 -12.632 1.00 51.34 ? 140 GLU A OE2 1 
ATOM   1122 N  N   . GLY A 1 142 ? 3.535   -16.041 -7.120  1.00 43.31 ? 141 GLY A N   1 
ATOM   1123 C  CA  . GLY A 1 142 ? 3.552   -16.785 -5.850  1.00 43.22 ? 141 GLY A CA  1 
ATOM   1124 C  C   . GLY A 1 142 ? 2.794   -16.162 -4.686  1.00 44.39 ? 141 GLY A C   1 
ATOM   1125 O  O   . GLY A 1 142 ? 2.621   -16.799 -3.644  1.00 45.09 ? 141 GLY A O   1 
ATOM   1126 N  N   . ALA A 1 143 ? 2.348   -14.917 -4.847  1.00 42.69 ? 142 ALA A N   1 
ATOM   1127 C  CA  . ALA A 1 143 ? 1.773   -14.160 -3.734  1.00 41.03 ? 142 ALA A CA  1 
ATOM   1128 C  C   . ALA A 1 143 ? 0.425   -14.731 -3.281  1.00 40.10 ? 142 ALA A C   1 
ATOM   1129 O  O   . ALA A 1 143 ? -0.324  -15.307 -4.071  1.00 37.23 ? 142 ALA A O   1 
ATOM   1130 C  CB  . ALA A 1 143 ? 1.617   -12.681 -4.119  1.00 40.42 ? 142 ALA A CB  1 
ATOM   1131 N  N   . GLN A 1 144 ? 0.140   -14.572 -1.992  1.00 38.76 ? 143 GLN A N   1 
ATOM   1132 C  CA  . GLN A 1 144 ? -1.164  -14.923 -1.459  1.00 40.79 ? 143 GLN A CA  1 
ATOM   1133 C  C   . GLN A 1 144 ? -2.228  -13.997 -2.065  1.00 38.23 ? 143 GLN A C   1 
ATOM   1134 O  O   . GLN A 1 144 ? -2.047  -12.781 -2.077  1.00 36.84 ? 143 GLN A O   1 
ATOM   1135 C  CB  . GLN A 1 144 ? -1.142  -14.792 0.068   1.00 43.40 ? 143 GLN A CB  1 
ATOM   1136 C  CG  . GLN A 1 144 ? -2.433  -15.239 0.762   1.00 52.75 ? 143 GLN A CG  1 
ATOM   1137 C  CD  . GLN A 1 144 ? -2.150  -16.237 1.863   1.00 60.47 ? 143 GLN A CD  1 
ATOM   1138 O  OE1 . GLN A 1 144 ? -1.729  -17.367 1.588   1.00 61.67 ? 143 GLN A OE1 1 
ATOM   1139 N  NE2 . GLN A 1 144 ? -2.363  -15.829 3.113   1.00 60.64 ? 143 GLN A NE2 1 
ATOM   1140 N  N   . ALA A 1 145 ? -3.327  -14.563 -2.559  1.00 35.80 ? 144 ALA A N   1 
ATOM   1141 C  CA  . ALA A 1 145 ? -4.390  -13.753 -3.178  1.00 36.58 ? 144 ALA A CA  1 
ATOM   1142 C  C   . ALA A 1 145 ? -4.969  -12.708 -2.199  1.00 34.89 ? 144 ALA A C   1 
ATOM   1143 O  O   . ALA A 1 145 ? -5.127  -12.974 -1.004  1.00 35.64 ? 144 ALA A O   1 
ATOM   1144 C  CB  . ALA A 1 145 ? -5.511  -14.642 -3.727  1.00 36.46 ? 144 ALA A CB  1 
ATOM   1145 N  N   . PRO A 1 146 ? -5.243  -11.499 -2.694  1.00 33.77 ? 145 PRO A N   1 
ATOM   1146 C  CA  . PRO A 1 146 ? -5.767  -10.468 -1.807  1.00 32.34 ? 145 PRO A CA  1 
ATOM   1147 C  C   . PRO A 1 146 ? -7.145  -10.831 -1.276  1.00 32.09 ? 145 PRO A C   1 
ATOM   1148 O  O   . PRO A 1 146 ? -8.094  -11.045 -2.038  1.00 32.40 ? 145 PRO A O   1 
ATOM   1149 C  CB  . PRO A 1 146 ? -5.814  -9.225  -2.705  1.00 32.17 ? 145 PRO A CB  1 
ATOM   1150 C  CG  . PRO A 1 146 ? -4.809  -9.515  -3.784  1.00 29.26 ? 145 PRO A CG  1 
ATOM   1151 C  CD  . PRO A 1 146 ? -5.034  -10.968 -4.051  1.00 36.52 ? 145 PRO A CD  1 
ATOM   1152 N  N   . GLN A 1 147 ? -7.245  -10.928 0.034   1.00 29.82 ? 146 GLN A N   1 
ATOM   1153 C  CA  . GLN A 1 147 ? -8.496  -11.338 0.636   1.00 30.94 ? 146 GLN A CA  1 
ATOM   1154 C  C   . GLN A 1 147 ? -9.530  -10.203 0.715   1.00 27.93 ? 146 GLN A C   1 
ATOM   1155 O  O   . GLN A 1 147 ? -10.705 -10.412 0.418   1.00 30.51 ? 146 GLN A O   1 
ATOM   1156 C  CB  . GLN A 1 147 ? -8.212  -11.911 2.010   1.00 30.54 ? 146 GLN A CB  1 
ATOM   1157 C  CG  . GLN A 1 147 ? -9.423  -12.491 2.676   1.00 34.25 ? 146 GLN A CG  1 
ATOM   1158 C  CD  . GLN A 1 147 ? -9.089  -13.121 4.002   1.00 35.68 ? 146 GLN A CD  1 
ATOM   1159 O  OE1 . GLN A 1 147 ? -7.911  -13.276 4.348   1.00 40.25 ? 146 GLN A OE1 1 
ATOM   1160 N  NE2 . GLN A 1 147 ? -10.125 -13.482 4.767   1.00 43.47 ? 146 GLN A NE2 1 
ATOM   1161 N  N   . TYR A 1 148 ? -9.078  -9.015  1.096   1.00 25.63 ? 147 TYR A N   1 
ATOM   1162 C  CA  . TYR A 1 148 ? -9.962  -7.894  1.457   1.00 23.13 ? 147 TYR A CA  1 
ATOM   1163 C  C   . TYR A 1 148 ? -10.136 -6.944  0.270   1.00 24.35 ? 147 TYR A C   1 
ATOM   1164 O  O   . TYR A 1 148 ? -9.592  -5.828  0.213   1.00 24.07 ? 147 TYR A O   1 
ATOM   1165 C  CB  . TYR A 1 148 ? -9.419  -7.203  2.723   1.00 23.63 ? 147 TYR A CB  1 
ATOM   1166 C  CG  . TYR A 1 148 ? -9.432  -8.175  3.885   1.00 19.71 ? 147 TYR A CG  1 
ATOM   1167 C  CD1 . TYR A 1 148 ? -10.561 -8.345  4.661   1.00 22.31 ? 147 TYR A CD1 1 
ATOM   1168 C  CD2 . TYR A 1 148 ? -8.325  -8.960  4.172   1.00 26.02 ? 147 TYR A CD2 1 
ATOM   1169 C  CE1 . TYR A 1 148 ? -10.589 -9.269  5.695   1.00 16.88 ? 147 TYR A CE1 1 
ATOM   1170 C  CE2 . TYR A 1 148 ? -8.341  -9.870  5.224   1.00 22.59 ? 147 TYR A CE2 1 
ATOM   1171 C  CZ  . TYR A 1 148 ? -9.480  -10.023 5.955   1.00 20.16 ? 147 TYR A CZ  1 
ATOM   1172 O  OH  . TYR A 1 148 ? -9.481  -10.922 6.964   1.00 22.36 ? 147 TYR A OH  1 
HETATM 1173 N  N   . MSE A 1 149 ? -10.918 -7.440  -0.684  1.00 26.53 ? 148 MSE A N   1 
HETATM 1174 C  CA  . MSE A 1 149 ? -11.173 -6.798  -1.947  1.00 27.23 ? 148 MSE A CA  1 
HETATM 1175 C  C   . MSE A 1 149 ? -12.645 -6.642  -2.098  1.00 25.63 ? 148 MSE A C   1 
HETATM 1176 O  O   . MSE A 1 149 ? -13.379 -7.529  -1.707  1.00 29.13 ? 148 MSE A O   1 
HETATM 1177 C  CB  . MSE A 1 149 ? -10.747 -7.736  -3.065  1.00 30.34 ? 148 MSE A CB  1 
HETATM 1178 C  CG  . MSE A 1 149 ? -9.320  -8.046  -3.002  1.00 34.35 ? 148 MSE A CG  1 
HETATM 1179 SE SE  . MSE A 1 149 ? -8.504  -6.658  -3.965  0.75 58.96 ? 148 MSE A SE  1 
HETATM 1180 C  CE  . MSE A 1 149 ? -8.594  -7.828  -5.662  1.00 32.45 ? 148 MSE A CE  1 
ATOM   1181 N  N   . GLY A 1 150 ? -13.075 -5.564  -2.745  1.00 24.04 ? 149 GLY A N   1 
ATOM   1182 C  CA  . GLY A 1 150 ? -14.482 -5.360  -3.034  1.00 22.29 ? 149 GLY A CA  1 
ATOM   1183 C  C   . GLY A 1 150 ? -15.329 -5.344  -1.779  1.00 21.12 ? 149 GLY A C   1 
ATOM   1184 O  O   . GLY A 1 150 ? -16.502 -5.693  -1.815  1.00 18.70 ? 149 GLY A O   1 
ATOM   1185 N  N   . ARG A 1 151 ? -14.757 -4.903  -0.656  1.00 21.32 ? 150 ARG A N   1 
ATOM   1186 C  CA  . ARG A 1 151 ? -15.474 -4.981  0.616   1.00 21.07 ? 150 ARG A CA  1 
ATOM   1187 C  C   . ARG A 1 151 ? -16.486 -3.841  0.801   1.00 23.06 ? 150 ARG A C   1 
ATOM   1188 O  O   . ARG A 1 151 ? -16.264 -2.712  0.351   1.00 24.82 ? 150 ARG A O   1 
ATOM   1189 C  CB  . ARG A 1 151 ? -14.468 -5.000  1.787   1.00 22.45 ? 150 ARG A CB  1 
ATOM   1190 C  CG  . ARG A 1 151 ? -13.590 -6.239  1.815   1.00 26.19 ? 150 ARG A CG  1 
ATOM   1191 C  CD  . ARG A 1 151 ? -14.475 -7.434  1.948   1.00 33.56 ? 150 ARG A CD  1 
ATOM   1192 N  NE  . ARG A 1 151 ? -13.781 -8.696  2.108   1.00 41.27 ? 150 ARG A NE  1 
ATOM   1193 C  CZ  . ARG A 1 151 ? -13.805 -9.452  3.205   1.00 35.52 ? 150 ARG A CZ  1 
ATOM   1194 N  NH1 . ARG A 1 151 ? -14.460 -9.065  4.299   1.00 24.18 ? 150 ARG A NH1 1 
ATOM   1195 N  NH2 . ARG A 1 151 ? -13.142 -10.601 3.201   1.00 40.90 ? 150 ARG A NH2 1 
ATOM   1196 N  N   . THR A 1 152 ? -17.594 -4.159  1.473   1.00 20.13 ? 151 THR A N   1 
ATOM   1197 C  CA  . THR A 1 152 ? -18.618 -3.178  1.821   1.00 22.86 ? 151 THR A CA  1 
ATOM   1198 C  C   . THR A 1 152 ? -19.043 -3.381  3.274   1.00 24.52 ? 151 THR A C   1 
ATOM   1199 O  O   . THR A 1 152 ? -18.933 -4.469  3.831   1.00 23.90 ? 151 THR A O   1 
ATOM   1200 C  CB  . THR A 1 152 ? -19.885 -3.256  0.903   1.00 24.89 ? 151 THR A CB  1 
ATOM   1201 O  OG1 . THR A 1 152 ? -20.457 -4.567  0.962   1.00 25.84 ? 151 THR A OG1 1 
ATOM   1202 C  CG2 . THR A 1 152 ? -19.558 -2.913  -0.550  1.00 25.86 ? 151 THR A CG2 1 
ATOM   1203 N  N   . ILE A 1 153 ? -19.502 -2.299  3.888   1.00 25.62 ? 152 ILE A N   1 
ATOM   1204 C  CA  . ILE A 1 153 ? -19.751 -2.240  5.312   1.00 23.36 ? 152 ILE A CA  1 
ATOM   1205 C  C   . ILE A 1 153 ? -21.208 -2.520  5.554   1.00 25.01 ? 152 ILE A C   1 
ATOM   1206 O  O   . ILE A 1 153 ? -22.061 -2.022  4.826   1.00 28.25 ? 152 ILE A O   1 
ATOM   1207 C  CB  . ILE A 1 153 ? -19.414 -0.833  5.858   1.00 22.03 ? 152 ILE A CB  1 
ATOM   1208 C  CG1 . ILE A 1 153 ? -17.898 -0.600  5.824   1.00 16.48 ? 152 ILE A CG1 1 
ATOM   1209 C  CG2 . ILE A 1 153 ? -19.920 -0.676  7.255   1.00 23.72 ? 152 ILE A CG2 1 
ATOM   1210 C  CD1 . ILE A 1 153 ? -17.478 0.886   5.810   1.00 23.34 ? 152 ILE A CD1 1 
ATOM   1211 N  N   . LYS A 1 154 ? -21.491 -3.286  6.600   1.00 26.58 ? 153 LYS A N   1 
ATOM   1212 C  CA  . LYS A 1 154 ? -22.865 -3.533  7.043   1.00 28.26 ? 153 LYS A CA  1 
ATOM   1213 C  C   . LYS A 1 154 ? -22.865 -4.000  8.482   1.00 27.61 ? 153 LYS A C   1 
ATOM   1214 O  O   . LYS A 1 154 ? -21.965 -4.740  8.882   1.00 26.95 ? 153 LYS A O   1 
ATOM   1215 C  CB  . LYS A 1 154 ? -23.501 -4.623  6.185   1.00 27.66 ? 153 LYS A CB  1 
ATOM   1216 C  CG  . LYS A 1 154 ? -22.821 -5.978  6.325   1.00 31.26 ? 153 LYS A CG  1 
ATOM   1217 N  N   . LEU A 1 155 ? -23.869 -3.596  9.255   1.00 30.50 ? 154 LEU A N   1 
ATOM   1218 C  CA  . LEU A 1 155 ? -24.054 -4.155  10.609  1.00 32.74 ? 154 LEU A CA  1 
ATOM   1219 C  C   . LEU A 1 155 ? -24.505 -5.621  10.480  1.00 33.59 ? 154 LEU A C   1 
ATOM   1220 O  O   . LEU A 1 155 ? -25.230 -5.957  9.546   1.00 32.88 ? 154 LEU A O   1 
ATOM   1221 C  CB  . LEU A 1 155 ? -25.090 -3.364  11.427  1.00 31.75 ? 154 LEU A CB  1 
ATOM   1222 C  CG  . LEU A 1 155 ? -24.800 -1.914  11.824  1.00 28.46 ? 154 LEU A CG  1 
ATOM   1223 C  CD1 . LEU A 1 155 ? -26.037 -1.238  12.332  1.00 30.64 ? 154 LEU A CD1 1 
ATOM   1224 C  CD2 . LEU A 1 155 ? -23.711 -1.844  12.877  1.00 30.16 ? 154 LEU A CD2 1 
ATOM   1225 N  N   . PRO A 1 156 ? -24.065 -6.498  11.401  1.00 36.80 ? 155 PRO A N   1 
ATOM   1226 C  CA  . PRO A 1 156 ? -24.552 -7.881  11.366  1.00 38.58 ? 155 PRO A CA  1 
ATOM   1227 C  C   . PRO A 1 156 ? -26.054 -7.895  11.579  1.00 40.68 ? 155 PRO A C   1 
ATOM   1228 O  O   . PRO A 1 156 ? -26.564 -7.066  12.324  1.00 40.11 ? 155 PRO A O   1 
ATOM   1229 C  CB  . PRO A 1 156 ? -23.821 -8.553  12.539  1.00 38.61 ? 155 PRO A CB  1 
ATOM   1230 C  CG  . PRO A 1 156 ? -23.402 -7.460  13.420  1.00 38.79 ? 155 PRO A CG  1 
ATOM   1231 C  CD  . PRO A 1 156 ? -23.131 -6.282  12.519  1.00 38.44 ? 155 PRO A CD  1 
ATOM   1232 N  N   . ALA A 1 157 ? -26.757 -8.812  10.926  1.00 44.36 ? 156 ALA A N   1 
ATOM   1233 C  CA  . ALA A 1 157 ? -28.219 -8.741  10.865  1.00 47.22 ? 156 ALA A CA  1 
ATOM   1234 C  C   . ALA A 1 157 ? -28.904 -8.995  12.212  1.00 49.05 ? 156 ALA A C   1 
ATOM   1235 O  O   . ALA A 1 157 ? -30.055 -8.575  12.407  1.00 48.85 ? 156 ALA A O   1 
ATOM   1236 C  CB  . ALA A 1 157 ? -28.732 -9.693  9.832   1.00 48.84 ? 156 ALA A CB  1 
ATOM   1237 O  OXT . ALA A 1 157 ? -28.324 -9.598  13.131  1.00 50.37 ? 156 ALA A OXT 1 
HETATM 1238 C  C1  . GOL B 2 .   ? 0.661   10.576  -2.986  1.00 30.85 ? 157 GOL A C1  1 
HETATM 1239 O  O1  . GOL B 2 .   ? 0.522   11.979  -2.758  1.00 40.80 ? 157 GOL A O1  1 
HETATM 1240 C  C2  . GOL B 2 .   ? 0.039   9.566   -2.024  1.00 38.58 ? 157 GOL A C2  1 
HETATM 1241 O  O2  . GOL B 2 .   ? -1.126  8.916   -2.508  1.00 41.18 ? 157 GOL A O2  1 
HETATM 1242 C  C3  . GOL B 2 .   ? 1.052   8.480   -1.777  1.00 34.71 ? 157 GOL A C3  1 
HETATM 1243 O  O3  . GOL B 2 .   ? 0.736   7.892   -0.544  1.00 33.89 ? 157 GOL A O3  1 
HETATM 1244 O  O   . HOH C 3 .   ? 10.586  -10.158 0.860   1.00 21.11 ? 158 HOH A O   1 
HETATM 1245 O  O   . HOH C 3 .   ? 8.186   5.886   2.003   1.00 17.05 ? 159 HOH A O   1 
HETATM 1246 O  O   . HOH C 3 .   ? 7.766   -8.048  13.424  1.00 21.08 ? 160 HOH A O   1 
HETATM 1247 O  O   . HOH C 3 .   ? 3.383   -8.908  -1.903  1.00 30.66 ? 161 HOH A O   1 
HETATM 1248 O  O   . HOH C 3 .   ? 3.855   -7.539  -5.609  1.00 23.17 ? 162 HOH A O   1 
HETATM 1249 O  O   . HOH C 3 .   ? -1.611  5.030   0.028   1.00 17.85 ? 163 HOH A O   1 
HETATM 1250 O  O   . HOH C 3 .   ? 6.034   9.332   -7.565  1.00 22.02 ? 164 HOH A O   1 
HETATM 1251 O  O   . HOH C 3 .   ? -12.050 -3.586  -0.240  1.00 21.33 ? 165 HOH A O   1 
HETATM 1252 O  O   . HOH C 3 .   ? -3.598  11.813  -1.922  1.00 19.93 ? 166 HOH A O   1 
HETATM 1253 O  O   . HOH C 3 .   ? 6.084   -8.141  -7.063  1.00 21.04 ? 167 HOH A O   1 
HETATM 1254 O  O   . HOH C 3 .   ? -19.323 0.015   2.407   1.00 23.86 ? 168 HOH A O   1 
HETATM 1255 O  O   . HOH C 3 .   ? 7.093   21.105  -9.805  1.00 20.21 ? 169 HOH A O   1 
HETATM 1256 O  O   . HOH C 3 .   ? 4.117   10.482  12.599  1.00 25.90 ? 170 HOH A O   1 
HETATM 1257 O  O   . HOH C 3 .   ? -6.028  11.768  -1.445  1.00 28.72 ? 171 HOH A O   1 
HETATM 1258 O  O   . HOH C 3 .   ? -4.446  -0.910  16.999  1.00 18.93 ? 172 HOH A O   1 
HETATM 1259 O  O   . HOH C 3 .   ? 9.824   -3.653  11.260  1.00 30.32 ? 173 HOH A O   1 
HETATM 1260 O  O   . HOH C 3 .   ? -4.352  -13.045 6.711   1.00 31.31 ? 174 HOH A O   1 
HETATM 1261 O  O   . HOH C 3 .   ? 6.727   9.090   19.167  1.00 28.20 ? 175 HOH A O   1 
HETATM 1262 O  O   . HOH C 3 .   ? 5.288   7.622   -16.073 1.00 32.48 ? 176 HOH A O   1 
HETATM 1263 O  O   . HOH C 3 .   ? -0.408  2.346   -18.549 1.00 27.48 ? 177 HOH A O   1 
HETATM 1264 O  O   . HOH C 3 .   ? -9.947  -3.642  1.760   1.00 20.77 ? 178 HOH A O   1 
HETATM 1265 O  O   . HOH C 3 .   ? -3.407  -3.919  -15.525 1.00 28.91 ? 179 HOH A O   1 
HETATM 1266 O  O   . HOH C 3 .   ? 1.039   -5.774  18.522  1.00 23.73 ? 180 HOH A O   1 
HETATM 1267 O  O   . HOH C 3 .   ? -14.406 -1.358  -1.119  1.00 24.03 ? 181 HOH A O   1 
HETATM 1268 O  O   . HOH C 3 .   ? 14.111  -9.378  -12.097 1.00 35.04 ? 182 HOH A O   1 
HETATM 1269 O  O   . HOH C 3 .   ? 10.048  -0.233  -0.951  1.00 23.76 ? 183 HOH A O   1 
HETATM 1270 O  O   . HOH C 3 .   ? 10.197  -5.934  10.218  1.00 29.55 ? 184 HOH A O   1 
HETATM 1271 O  O   . HOH C 3 .   ? 13.270  6.828   -13.150 1.00 29.02 ? 185 HOH A O   1 
HETATM 1272 O  O   . HOH C 3 .   ? 8.552   -5.162  -18.089 1.00 23.93 ? 186 HOH A O   1 
HETATM 1273 O  O   . HOH C 3 .   ? 11.028  0.904   5.152   1.00 23.25 ? 187 HOH A O   1 
HETATM 1274 O  O   . HOH C 3 .   ? -0.385  -7.312  0.112   1.00 29.17 ? 188 HOH A O   1 
HETATM 1275 O  O   . HOH C 3 .   ? 8.872   5.105   -13.691 1.00 25.53 ? 189 HOH A O   1 
HETATM 1276 O  O   . HOH C 3 .   ? -5.357  -12.317 4.334   1.00 22.87 ? 190 HOH A O   1 
HETATM 1277 O  O   . HOH C 3 .   ? 8.080   19.124  -10.992 1.00 35.16 ? 191 HOH A O   1 
HETATM 1278 O  O   . HOH C 3 .   ? 1.224   -10.723 10.698  1.00 23.19 ? 192 HOH A O   1 
HETATM 1279 O  O   . HOH C 3 .   ? 12.329  18.507  -12.351 1.00 28.45 ? 193 HOH A O   1 
HETATM 1280 O  O   . HOH C 3 .   ? 5.226   -11.901 -5.086  1.00 31.61 ? 194 HOH A O   1 
HETATM 1281 O  O   . HOH C 3 .   ? -7.613  5.747   18.266  1.00 29.79 ? 195 HOH A O   1 
HETATM 1282 O  O   . HOH C 3 .   ? -4.767  -10.391 2.413   1.00 24.78 ? 196 HOH A O   1 
HETATM 1283 O  O   . HOH C 3 .   ? 5.726   22.249  -5.060  1.00 28.19 ? 197 HOH A O   1 
HETATM 1284 O  O   . HOH C 3 .   ? -8.353  4.186   16.317  1.00 20.57 ? 198 HOH A O   1 
HETATM 1285 O  O   . HOH C 3 .   ? 0.083   12.011  17.011  1.00 36.53 ? 199 HOH A O   1 
HETATM 1286 O  O   . HOH C 3 .   ? 3.876   11.485  -1.105  1.00 35.89 ? 200 HOH A O   1 
HETATM 1287 O  O   . HOH C 3 .   ? -2.883  4.794   2.349   1.00 34.77 ? 201 HOH A O   1 
HETATM 1288 O  O   . HOH C 3 .   ? 2.481   -8.352  -16.212 1.00 38.27 ? 202 HOH A O   1 
HETATM 1289 O  O   . HOH C 3 .   ? 12.314  -11.402 -11.812 1.00 34.15 ? 203 HOH A O   1 
HETATM 1290 O  O   . HOH C 3 .   ? -16.706 4.481   -5.319  1.00 35.66 ? 204 HOH A O   1 
HETATM 1291 O  O   . HOH C 3 .   ? 9.845   8.404   -7.202  1.00 22.34 ? 205 HOH A O   1 
HETATM 1292 O  O   . HOH C 3 .   ? 4.317   -12.876 9.769   1.00 32.88 ? 206 HOH A O   1 
HETATM 1293 O  O   . HOH C 3 .   ? -18.949 -5.320  6.504   1.00 36.26 ? 207 HOH A O   1 
HETATM 1294 O  O   . HOH C 3 .   ? -6.852  4.525   -19.032 1.00 34.80 ? 208 HOH A O   1 
HETATM 1295 O  O   . HOH C 3 .   ? 11.610  2.093   -2.028  1.00 35.04 ? 209 HOH A O   1 
HETATM 1296 O  O   . HOH C 3 .   ? 15.520  14.768  -5.956  1.00 37.69 ? 210 HOH A O   1 
HETATM 1297 O  O   . HOH C 3 .   ? 11.383  -10.439 5.613   1.00 26.37 ? 211 HOH A O   1 
HETATM 1298 O  O   . HOH C 3 .   ? 1.835   -10.080 -0.383  1.00 33.82 ? 212 HOH A O   1 
HETATM 1299 O  O   . HOH C 3 .   ? 9.486   7.353   0.028   1.00 23.83 ? 213 HOH A O   1 
HETATM 1300 O  O   . HOH C 3 .   ? 12.371  8.303   -6.479  1.00 26.95 ? 214 HOH A O   1 
HETATM 1301 O  O   . HOH C 3 .   ? 8.680   8.767   -14.325 1.00 25.43 ? 215 HOH A O   1 
HETATM 1302 O  O   . HOH C 3 .   ? 7.515   -6.643  17.191  1.00 23.42 ? 216 HOH A O   1 
HETATM 1303 O  O   . HOH C 3 .   ? 11.856  4.482   -0.566  1.00 24.26 ? 217 HOH A O   1 
HETATM 1304 O  O   . HOH C 3 .   ? -12.814 -6.629  8.290   1.00 30.03 ? 218 HOH A O   1 
HETATM 1305 O  O   . HOH C 3 .   ? 13.858  10.542  -6.573  1.00 30.23 ? 219 HOH A O   1 
HETATM 1306 O  O   . HOH C 3 .   ? -1.606  -10.039 2.303   1.00 33.15 ? 220 HOH A O   1 
HETATM 1307 O  O   . HOH C 3 .   ? -24.905 -10.868 10.088  1.00 38.93 ? 221 HOH A O   1 
HETATM 1308 O  O   . HOH C 3 .   ? -17.884 -7.127  2.005   1.00 29.17 ? 222 HOH A O   1 
HETATM 1309 O  O   . HOH C 3 .   ? 6.565   -5.227  -20.141 1.00 39.91 ? 223 HOH A O   1 
HETATM 1310 O  O   . HOH C 3 .   ? 9.077   6.344   -20.481 1.00 38.41 ? 224 HOH A O   1 
HETATM 1311 O  O   . HOH C 3 .   ? -0.713  -12.348 3.549   1.00 31.12 ? 225 HOH A O   1 
HETATM 1312 O  O   . HOH C 3 .   ? -0.199  -16.900 14.286  1.00 38.95 ? 226 HOH A O   1 
HETATM 1313 O  O   . HOH C 3 .   ? 11.246  2.721   7.317   1.00 36.74 ? 227 HOH A O   1 
HETATM 1314 O  O   . HOH C 3 .   ? 8.997   7.509   5.692   1.00 43.78 ? 228 HOH A O   1 
HETATM 1315 O  O   . HOH C 3 .   ? 3.369   14.877  -13.232 1.00 45.25 ? 229 HOH A O   1 
HETATM 1316 O  O   . HOH C 3 .   ? 6.834   9.549   2.307   1.00 38.17 ? 230 HOH A O   1 
HETATM 1317 O  O   . HOH C 3 .   ? 14.849  6.031   -15.039 1.00 41.92 ? 231 HOH A O   1 
HETATM 1318 O  O   . HOH C 3 .   ? 11.250  12.786  -13.441 1.00 28.96 ? 232 HOH A O   1 
HETATM 1319 O  O   . HOH C 3 .   ? -7.164  1.644   18.229  1.00 38.40 ? 233 HOH A O   1 
HETATM 1320 O  O   . HOH C 3 .   ? 4.045   -15.418 10.356  1.00 41.17 ? 234 HOH A O   1 
HETATM 1321 O  O   . HOH C 3 .   ? 10.534  1.777   2.566   1.00 32.85 ? 235 HOH A O   1 
HETATM 1322 O  O   . HOH C 3 .   ? 8.231   2.777   19.557  1.00 51.74 ? 236 HOH A O   1 
HETATM 1323 O  O   . HOH C 3 .   ? 8.009   6.298   -17.868 1.00 29.78 ? 237 HOH A O   1 
HETATM 1324 O  O   . HOH C 3 .   ? 0.831   -6.186  -15.787 1.00 30.74 ? 238 HOH A O   1 
HETATM 1325 O  O   . HOH C 3 .   ? 6.030   9.933   10.276  1.00 33.37 ? 239 HOH A O   1 
HETATM 1326 O  O   . HOH C 3 .   ? -20.993 -6.507  3.039   1.00 39.90 ? 240 HOH A O   1 
HETATM 1327 O  O   . HOH C 3 .   ? -3.542  9.049   18.399  1.00 31.44 ? 241 HOH A O   1 
HETATM 1328 O  O   . HOH C 3 .   ? 9.713   -9.886  7.210   1.00 35.32 ? 242 HOH A O   1 
HETATM 1329 O  O   . HOH C 3 .   ? 8.202   13.822  -13.556 1.00 31.66 ? 243 HOH A O   1 
HETATM 1330 O  O   . HOH C 3 .   ? 4.321   12.481  7.238   1.00 27.02 ? 244 HOH A O   1 
HETATM 1331 O  O   . HOH C 3 .   ? 13.202  1.403   1.745   1.00 42.38 ? 245 HOH A O   1 
HETATM 1332 O  O   . HOH C 3 .   ? 1.774   -12.553 7.844   1.00 26.55 ? 246 HOH A O   1 
HETATM 1333 O  O   . HOH C 3 .   ? 10.361  -3.117  -11.549 1.00 36.24 ? 247 HOH A O   1 
HETATM 1334 O  O   . HOH C 3 .   ? -12.493 -4.269  -5.880  1.00 40.36 ? 248 HOH A O   1 
HETATM 1335 O  O   . HOH C 3 .   ? 7.129   7.084   -22.590 1.00 50.94 ? 249 HOH A O   1 
HETATM 1336 O  O   . HOH C 3 .   ? 7.955   5.502   20.942  1.00 34.63 ? 250 HOH A O   1 
HETATM 1337 O  O   . HOH C 3 .   ? 6.911   -13.876 1.547   1.00 40.49 ? 251 HOH A O   1 
HETATM 1338 O  O   . HOH C 3 .   ? 2.227   -13.083 -0.404  1.00 34.71 ? 252 HOH A O   1 
HETATM 1339 O  O   . HOH C 3 .   ? 5.399   -16.880 16.860  1.00 42.33 ? 253 HOH A O   1 
HETATM 1340 O  O   . HOH C 3 .   ? 5.174   15.493  -11.534 1.00 43.98 ? 254 HOH A O   1 
HETATM 1341 O  O   . HOH C 3 .   ? -12.500 10.021  -5.613  1.00 42.12 ? 255 HOH A O   1 
HETATM 1342 O  O   . HOH C 3 .   ? -5.616  -8.405  -10.001 1.00 39.57 ? 256 HOH A O   1 
HETATM 1343 O  O   . HOH C 3 .   ? -12.206 -7.704  12.519  1.00 37.26 ? 257 HOH A O   1 
HETATM 1344 O  O   . HOH C 3 .   ? 9.501   16.389  -2.940  1.00 44.67 ? 258 HOH A O   1 
HETATM 1345 O  O   . HOH C 3 .   ? 2.124   19.744  -17.578 1.00 31.24 ? 259 HOH A O   1 
HETATM 1346 O  O   . HOH C 3 .   ? -25.817 -1.949  7.881   1.00 33.82 ? 260 HOH A O   1 
HETATM 1347 O  O   . HOH C 3 .   ? 5.797   11.030  14.468  1.00 38.28 ? 261 HOH A O   1 
HETATM 1348 O  O   . HOH C 3 .   ? -7.299  -12.462 7.725   1.00 30.90 ? 262 HOH A O   1 
HETATM 1349 O  O   . HOH C 3 .   ? 6.095   -9.813  16.349  1.00 33.38 ? 263 HOH A O   1 
HETATM 1350 O  O   . HOH C 3 .   ? 10.071  -2.488  19.831  1.00 35.48 ? 264 HOH A O   1 
HETATM 1351 O  O   . HOH C 3 .   ? 0.987   12.900  14.208  1.00 39.14 ? 265 HOH A O   1 
HETATM 1352 O  O   . HOH C 3 .   ? 9.928   -8.045  11.762  1.00 34.03 ? 266 HOH A O   1 
HETATM 1353 O  O   . HOH C 3 .   ? -7.836  -4.051  -11.259 1.00 32.88 ? 267 HOH A O   1 
HETATM 1354 O  O   . HOH C 3 .   ? -9.959  -10.026 13.312  1.00 36.32 ? 268 HOH A O   1 
HETATM 1355 O  O   . HOH C 3 .   ? 8.659   -17.633 -0.328  1.00 42.05 ? 269 HOH A O   1 
HETATM 1356 O  O   . HOH C 3 .   ? -1.553  -5.481  -14.409 1.00 40.71 ? 270 HOH A O   1 
HETATM 1357 O  O   . HOH C 3 .   ? 5.655   -14.140 -3.223  1.00 42.28 ? 271 HOH A O   1 
HETATM 1358 O  O   . HOH C 3 .   ? 2.143   -13.166 2.869   1.00 36.31 ? 272 HOH A O   1 
HETATM 1359 O  O   . HOH C 3 .   ? 0.074   -4.160  -18.715 1.00 36.81 ? 273 HOH A O   1 
HETATM 1360 O  O   . HOH C 3 .   ? 0.920   -1.635  24.828  1.00 46.60 ? 274 HOH A O   1 
HETATM 1361 O  O   . HOH C 3 .   ? 8.932   -8.664  15.854  1.00 34.95 ? 275 HOH A O   1 
HETATM 1362 O  O   . HOH C 3 .   ? -0.473  -6.916  16.481  1.00 32.85 ? 276 HOH A O   1 
HETATM 1363 O  O   . HOH C 3 .   ? 8.014   4.713   13.405  1.00 37.09 ? 277 HOH A O   1 
HETATM 1364 O  O   . HOH C 3 .   ? 8.722   9.936   6.493   1.00 50.97 ? 278 HOH A O   1 
HETATM 1365 O  O   . HOH C 3 .   ? 4.514   19.363  -8.599  1.00 53.62 ? 279 HOH A O   1 
HETATM 1366 O  O   . HOH C 3 .   ? -2.305  -2.707  -17.571 1.00 36.15 ? 280 HOH A O   1 
HETATM 1367 O  O   . HOH C 3 .   ? -1.381  9.338   19.230  1.00 38.22 ? 281 HOH A O   1 
HETATM 1368 O  O   . HOH C 3 .   ? -0.957  -10.668 -9.501  1.00 34.99 ? 282 HOH A O   1 
HETATM 1369 O  O   . HOH C 3 .   ? -26.526 -5.475  14.138  1.00 34.27 ? 283 HOH A O   1 
HETATM 1370 O  O   . HOH C 3 .   ? -25.054 -1.238  5.495   1.00 40.01 ? 284 HOH A O   1 
HETATM 1371 O  O   . HOH C 3 .   ? 10.663  -10.179 9.823   1.00 34.18 ? 285 HOH A O   1 
HETATM 1372 O  O   . HOH C 3 .   ? 11.849  11.882  -2.336  1.00 39.63 ? 286 HOH A O   1 
HETATM 1373 O  O   . HOH C 3 .   ? 7.237   11.267  -0.253  1.00 41.46 ? 287 HOH A O   1 
HETATM 1374 O  O   . HOH C 3 .   ? 14.135  13.106  -16.103 1.00 43.63 ? 288 HOH A O   1 
HETATM 1375 O  O   . HOH C 3 .   ? 0.337   4.355   -20.093 1.00 34.58 ? 289 HOH A O   1 
HETATM 1376 O  O   . HOH C 3 .   ? -28.764 -4.266  13.326  1.00 45.47 ? 290 HOH A O   1 
HETATM 1377 O  O   . HOH C 3 .   ? -6.979  -9.162  17.990  1.00 38.17 ? 291 HOH A O   1 
HETATM 1378 O  O   . HOH C 3 .   ? 15.960  17.238  -10.846 1.00 36.17 ? 292 HOH A O   1 
HETATM 1379 O  O   . HOH C 3 .   ? 7.510   5.076   9.791   1.00 41.93 ? 293 HOH A O   1 
HETATM 1380 O  O   . HOH C 3 .   ? 10.473  4.490   2.651   1.00 37.51 ? 294 HOH A O   1 
HETATM 1381 O  O   . HOH C 3 .   ? -3.492  -17.397 -1.901  1.00 47.23 ? 295 HOH A O   1 
HETATM 1382 O  O   . HOH C 3 .   ? -2.248  -11.903 -6.349  1.00 53.19 ? 296 HOH A O   1 
HETATM 1383 O  O   . HOH C 3 .   ? -4.292  9.363   20.784  1.00 44.45 ? 297 HOH A O   1 
HETATM 1384 O  O   . HOH C 3 .   ? -1.763  -9.818  16.432  1.00 37.83 ? 298 HOH A O   1 
HETATM 1385 O  O   . HOH C 3 .   ? 0.999   7.871   23.962  1.00 52.41 ? 299 HOH A O   1 
HETATM 1386 O  O   . HOH C 3 .   ? -8.188  2.187   -19.577 1.00 52.06 ? 300 HOH A O   1 
HETATM 1387 O  O   . HOH C 3 .   ? -8.511  -2.659  20.851  1.00 45.89 ? 301 HOH A O   1 
HETATM 1388 O  O   . HOH C 3 .   ? -12.220 -10.793 8.284   1.00 46.33 ? 302 HOH A O   1 
HETATM 1389 O  O   . HOH C 3 .   ? -7.627  2.192   23.544  1.00 47.12 ? 303 HOH A O   1 
HETATM 1390 O  O   . HOH C 3 .   ? -6.163  2.675   -22.296 1.00 53.59 ? 304 HOH A O   1 
HETATM 1391 O  O   . HOH C 3 .   ? -13.180 -6.925  -6.112  1.00 41.58 ? 305 HOH A O   1 
HETATM 1392 O  O   . HOH C 3 .   ? 7.996   -14.460 10.946  1.00 42.45 ? 306 HOH A O   1 
HETATM 1393 O  O   . HOH C 3 .   ? 12.142  7.427   -16.978 1.00 40.47 ? 307 HOH A O   1 
HETATM 1394 O  O   . HOH C 3 .   ? -1.590  -2.055  24.304  1.00 35.75 ? 308 HOH A O   1 
HETATM 1395 O  O   . HOH C 3 .   ? 5.633   10.554  -15.424 1.00 33.55 ? 309 HOH A O   1 
HETATM 1396 O  O   . HOH C 3 .   ? 14.947  6.434   -9.844  1.00 41.99 ? 310 HOH A O   1 
HETATM 1397 O  O   . HOH C 3 .   ? 11.291  -2.170  12.344  1.00 35.22 ? 311 HOH A O   1 
HETATM 1398 O  O   . HOH C 3 .   ? 7.981   7.413   11.046  1.00 36.77 ? 312 HOH A O   1 
HETATM 1399 O  O   . HOH C 3 .   ? -13.045 7.246   -7.118  1.00 41.02 ? 313 HOH A O   1 
HETATM 1400 O  O   . HOH C 3 .   ? -10.091 9.369   -12.143 1.00 42.42 ? 314 HOH A O   1 
HETATM 1401 O  O   . HOH C 3 .   ? 9.518   10.187  0.718   1.00 41.27 ? 315 HOH A O   1 
HETATM 1402 O  O   . HOH C 3 .   ? -30.923 -8.772  15.090  1.00 52.87 ? 316 HOH A O   1 
HETATM 1403 O  O   . HOH C 3 .   ? -14.211 -12.181 5.931   1.00 51.56 ? 317 HOH A O   1 
HETATM 1404 O  O   . HOH C 3 .   ? 0.975   -11.897 -11.690 1.00 39.97 ? 318 HOH A O   1 
HETATM 1405 O  O   . HOH C 3 .   ? 10.139  6.544   -15.430 1.00 41.33 ? 319 HOH A O   1 
HETATM 1406 O  O   . HOH C 3 .   ? -1.651  15.939  -18.200 1.00 52.23 ? 320 HOH A O   1 
HETATM 1407 O  O   . HOH C 3 .   ? 5.899   -0.737  -21.872 1.00 47.77 ? 321 HOH A O   1 
HETATM 1408 O  O   . HOH C 3 .   ? -6.713  -5.587  21.714  1.00 48.64 ? 322 HOH A O   1 
HETATM 1409 O  O   . HOH C 3 .   ? 8.319   13.616  -0.780  1.00 43.81 ? 323 HOH A O   1 
HETATM 1410 O  O   . HOH C 3 .   ? 13.414  6.303   -7.623  1.00 35.69 ? 324 HOH A O   1 
HETATM 1411 O  O   . HOH C 3 .   ? -0.245  -18.198 -10.143 1.00 51.71 ? 325 HOH A O   1 
HETATM 1412 O  O   . HOH C 3 .   ? 4.248   -9.625  -3.921  1.00 22.36 ? 326 HOH A O   1 
HETATM 1413 O  O   . HOH C 3 .   ? -32.036 -6.545  11.074  1.00 53.40 ? 327 HOH A O   1 
# 
